data_8AVP
#
_entry.id   8AVP
#
_cell.length_a   143.106
_cell.length_b   81.576
_cell.length_c   170.050
_cell.angle_alpha   90.00
_cell.angle_beta   114.87
_cell.angle_gamma   90.00
#
_symmetry.space_group_name_H-M   'P 1 21 1'
#
loop_
_entity.id
_entity.type
_entity.pdbx_description
1 polymer agroavCH
2 non-polymer BIOTIN
#
_entity_poly.entity_id   1
_entity_poly.type   'polypeptide(L)'
_entity_poly.pdbx_seq_one_letter_code
;MTDFDSLSGTSTTWVNELGSVMTIDVDRKGGVTGYYVNNAPGTGCRGLPYDLSGHAHGSTIAFSVVWSNGIADCRSATSW
AGYARKTFGGGVQIVTQWSLAFVGKAGGKIETGQNVFTYQAATVSESLLTE
;
_entity_poly.pdbx_strand_id   A,B,C,D,E,F,G,H,I,J,K,L,M,N,O,P,S,T,Q,R
#
# COMPACT_ATOMS: atom_id res chain seq x y z
N THR A 2 -19.62 -12.86 6.27
CA THR A 2 -19.32 -13.41 4.91
C THR A 2 -19.83 -14.86 4.81
N ASP A 3 -20.85 -15.23 5.58
CA ASP A 3 -21.36 -16.63 5.65
C ASP A 3 -22.89 -16.61 5.68
N PHE A 4 -23.47 -17.33 4.73
CA PHE A 4 -24.90 -17.72 4.69
C PHE A 4 -25.14 -18.83 5.72
N ASP A 5 -24.09 -19.60 6.03
CA ASP A 5 -24.16 -20.64 7.09
C ASP A 5 -24.64 -19.97 8.39
N SER A 6 -24.30 -18.67 8.58
CA SER A 6 -24.65 -17.87 9.78
C SER A 6 -26.10 -17.35 9.71
N LEU A 7 -26.87 -17.77 8.70
CA LEU A 7 -28.23 -17.25 8.44
C LEU A 7 -29.28 -18.32 8.76
N SER A 8 -28.90 -19.45 9.37
CA SER A 8 -29.79 -20.62 9.60
C SER A 8 -31.02 -20.18 10.40
N GLY A 9 -32.18 -20.76 10.09
CA GLY A 9 -33.48 -20.45 10.72
C GLY A 9 -33.70 -18.97 10.92
N THR A 10 -33.17 -18.14 10.00
CA THR A 10 -33.40 -16.68 9.96
C THR A 10 -34.02 -16.29 8.61
N SER A 11 -35.14 -15.58 8.67
CA SER A 11 -35.78 -14.90 7.52
C SER A 11 -35.13 -13.51 7.38
N THR A 12 -34.66 -13.12 6.19
CA THR A 12 -33.89 -11.87 5.96
C THR A 12 -34.31 -11.20 4.64
N THR A 13 -34.46 -9.88 4.63
CA THR A 13 -34.92 -9.08 3.46
C THR A 13 -33.74 -8.41 2.76
N TRP A 14 -33.74 -8.46 1.43
CA TRP A 14 -32.65 -7.96 0.57
C TRP A 14 -33.24 -7.14 -0.58
N VAL A 15 -32.64 -5.98 -0.87
CA VAL A 15 -33.02 -5.19 -2.05
C VAL A 15 -31.81 -5.05 -2.96
N ASN A 16 -32.02 -4.80 -4.25
CA ASN A 16 -30.95 -4.57 -5.27
C ASN A 16 -31.10 -3.21 -5.97
N GLU A 17 -30.21 -2.91 -6.91
CA GLU A 17 -30.02 -1.56 -7.46
C GLU A 17 -31.27 -1.18 -8.27
N LEU A 18 -32.10 -2.16 -8.62
CA LEU A 18 -33.37 -1.97 -9.38
C LEU A 18 -34.55 -1.78 -8.40
N GLY A 19 -34.35 -2.06 -7.12
CA GLY A 19 -35.36 -1.88 -6.06
C GLY A 19 -36.21 -3.14 -5.86
N SER A 20 -35.96 -4.18 -6.64
CA SER A 20 -36.57 -5.51 -6.41
C SER A 20 -36.28 -5.92 -4.97
N VAL A 21 -37.19 -6.62 -4.31
CA VAL A 21 -36.90 -7.06 -2.92
C VAL A 21 -37.13 -8.56 -2.79
N MET A 22 -36.29 -9.25 -2.01
CA MET A 22 -36.47 -10.68 -1.70
C MET A 22 -36.37 -10.86 -0.20
N THR A 23 -37.29 -11.66 0.37
CA THR A 23 -37.15 -12.24 1.72
C THR A 23 -36.78 -13.70 1.55
N ILE A 24 -35.65 -14.10 2.15
CA ILE A 24 -35.10 -15.49 2.06
C ILE A 24 -35.03 -16.09 3.46
N ASP A 25 -35.37 -17.37 3.53
CA ASP A 25 -35.28 -18.25 4.72
C ASP A 25 -34.27 -19.35 4.40
N VAL A 26 -33.25 -19.46 5.23
CA VAL A 26 -32.12 -20.39 5.02
C VAL A 26 -32.19 -21.41 6.15
N ASP A 27 -32.64 -22.63 5.86
CA ASP A 27 -32.79 -23.70 6.87
C ASP A 27 -31.39 -24.11 7.38
N ARG A 28 -31.36 -24.91 8.44
CA ARG A 28 -30.13 -25.51 9.04
C ARG A 28 -29.35 -26.27 7.96
N LYS A 29 -30.03 -26.94 7.04
CA LYS A 29 -29.40 -27.70 5.93
C LYS A 29 -28.80 -26.75 4.87
N GLY A 30 -28.74 -25.43 5.13
CA GLY A 30 -28.39 -24.40 4.12
C GLY A 30 -29.30 -24.31 2.88
N GLY A 31 -30.53 -24.82 2.92
CA GLY A 31 -31.52 -24.73 1.82
C GLY A 31 -32.31 -23.44 1.88
N VAL A 32 -32.70 -22.84 0.74
CA VAL A 32 -33.16 -21.42 0.69
C VAL A 32 -34.55 -21.39 0.07
N THR A 33 -35.46 -20.60 0.67
CA THR A 33 -36.87 -20.37 0.23
C THR A 33 -37.30 -18.92 0.50
N GLY A 34 -38.28 -18.41 -0.24
CA GLY A 34 -39.01 -17.17 0.11
C GLY A 34 -39.45 -16.40 -1.10
N TYR A 35 -39.92 -15.17 -0.91
CA TYR A 35 -40.58 -14.33 -1.93
C TYR A 35 -39.53 -13.42 -2.59
N TYR A 36 -39.70 -13.16 -3.89
CA TYR A 36 -38.99 -12.16 -4.74
C TYR A 36 -40.05 -11.23 -5.29
N VAL A 37 -39.84 -9.93 -5.19
CA VAL A 37 -40.77 -8.92 -5.75
C VAL A 37 -39.98 -8.13 -6.78
N ASN A 38 -40.29 -8.34 -8.07
CA ASN A 38 -39.57 -7.66 -9.19
C ASN A 38 -39.99 -6.19 -9.24
N ASN A 39 -39.06 -5.29 -9.53
CA ASN A 39 -39.37 -3.85 -9.68
C ASN A 39 -38.57 -3.24 -10.83
N ALA A 40 -38.01 -4.08 -11.68
CA ALA A 40 -37.09 -3.62 -12.73
C ALA A 40 -37.92 -2.89 -13.76
N PRO A 41 -37.60 -1.61 -14.05
CA PRO A 41 -38.25 -0.91 -15.15
C PRO A 41 -38.10 -1.77 -16.41
N GLY A 42 -39.16 -1.84 -17.22
CA GLY A 42 -39.13 -2.40 -18.59
C GLY A 42 -39.15 -3.90 -18.58
N THR A 43 -39.64 -4.50 -17.49
CA THR A 43 -39.77 -5.97 -17.29
C THR A 43 -41.26 -6.23 -17.04
N GLY A 44 -41.68 -7.49 -16.91
CA GLY A 44 -43.04 -7.86 -16.50
C GLY A 44 -43.10 -8.26 -15.04
N CYS A 45 -44.27 -8.58 -14.55
CA CYS A 45 -44.41 -9.32 -13.28
C CYS A 45 -43.86 -8.50 -12.12
N ARG A 46 -44.29 -7.24 -12.01
CA ARG A 46 -43.72 -6.29 -11.00
C ARG A 46 -44.59 -6.18 -9.74
N GLY A 47 -43.99 -5.85 -8.62
CA GLY A 47 -44.70 -5.59 -7.34
C GLY A 47 -45.59 -6.74 -6.92
N LEU A 48 -45.30 -7.97 -7.33
CA LEU A 48 -46.01 -9.15 -6.83
C LEU A 48 -44.96 -10.11 -6.33
N PRO A 49 -45.24 -10.81 -5.22
CA PRO A 49 -44.30 -11.82 -4.73
C PRO A 49 -44.33 -13.05 -5.66
N TYR A 50 -43.15 -13.58 -5.95
CA TYR A 50 -42.90 -14.85 -6.69
C TYR A 50 -42.05 -15.79 -5.80
N ASP A 51 -42.43 -17.06 -5.64
CA ASP A 51 -41.61 -18.00 -4.86
C ASP A 51 -40.20 -18.01 -5.44
N LEU A 52 -39.20 -18.13 -4.57
CA LEU A 52 -37.79 -18.46 -4.96
C LEU A 52 -37.29 -19.64 -4.14
N SER A 53 -36.30 -20.36 -4.65
CA SER A 53 -35.66 -21.49 -3.96
C SER A 53 -34.26 -21.72 -4.55
N GLY A 54 -33.34 -22.00 -3.65
CA GLY A 54 -32.01 -22.51 -3.96
C GLY A 54 -31.32 -22.96 -2.69
N HIS A 55 -30.01 -23.03 -2.73
CA HIS A 55 -29.20 -23.54 -1.62
C HIS A 55 -28.11 -22.49 -1.40
N ALA A 56 -27.72 -22.32 -0.14
CA ALA A 56 -26.56 -21.51 0.28
C ALA A 56 -25.58 -22.43 0.98
N HIS A 57 -24.29 -22.26 0.72
CA HIS A 57 -23.23 -22.89 1.52
C HIS A 57 -22.01 -21.96 1.55
N GLY A 58 -21.52 -21.70 2.77
CA GLY A 58 -20.31 -20.88 2.94
C GLY A 58 -20.62 -19.47 2.56
N SER A 59 -20.02 -18.94 1.50
CA SER A 59 -20.18 -17.51 1.12
C SER A 59 -20.73 -17.43 -0.31
N THR A 60 -21.40 -18.51 -0.73
CA THR A 60 -22.00 -18.65 -2.07
C THR A 60 -23.44 -19.15 -1.91
N ILE A 61 -24.29 -18.54 -2.72
CA ILE A 61 -25.74 -18.81 -2.82
C ILE A 61 -26.09 -18.86 -4.31
N ALA A 62 -27.02 -19.74 -4.68
CA ALA A 62 -27.71 -19.73 -5.98
C ALA A 62 -29.20 -19.98 -5.74
N PHE A 63 -30.05 -19.15 -6.34
CA PHE A 63 -31.52 -19.26 -6.20
C PHE A 63 -32.09 -18.89 -7.56
N SER A 64 -33.40 -19.09 -7.67
CA SER A 64 -34.12 -19.25 -8.96
C SER A 64 -35.57 -18.85 -8.69
N VAL A 65 -36.18 -18.19 -9.66
CA VAL A 65 -37.59 -17.73 -9.63
C VAL A 65 -38.19 -18.08 -10.98
N VAL A 66 -39.30 -18.80 -10.98
CA VAL A 66 -40.19 -18.95 -12.17
C VAL A 66 -41.23 -17.84 -12.14
N TRP A 67 -41.36 -17.09 -13.24
CA TRP A 67 -42.17 -15.86 -13.20
C TRP A 67 -43.64 -16.20 -13.51
N SER A 68 -44.24 -17.00 -12.64
CA SER A 68 -45.68 -17.38 -12.66
C SER A 68 -46.08 -17.59 -11.22
N ASN A 69 -47.19 -17.01 -10.74
CA ASN A 69 -47.53 -17.02 -9.28
C ASN A 69 -49.05 -17.05 -9.02
N GLY A 70 -49.87 -17.40 -10.02
CA GLY A 70 -51.34 -17.38 -9.93
C GLY A 70 -51.90 -15.96 -9.98
N ILE A 71 -51.09 -14.99 -10.37
CA ILE A 71 -51.55 -13.61 -10.61
C ILE A 71 -51.12 -13.22 -12.02
N ALA A 72 -49.81 -13.18 -12.26
CA ALA A 72 -49.17 -12.72 -13.52
C ALA A 72 -48.10 -13.73 -14.01
N ASP A 73 -48.15 -14.13 -15.29
CA ASP A 73 -47.31 -15.16 -15.94
C ASP A 73 -46.46 -14.47 -17.03
N CYS A 74 -45.16 -14.32 -16.82
CA CYS A 74 -44.26 -13.70 -17.83
C CYS A 74 -43.60 -14.83 -18.63
N ARG A 75 -43.82 -16.08 -18.22
CA ARG A 75 -43.54 -17.27 -19.06
C ARG A 75 -42.03 -17.38 -19.27
N SER A 76 -41.31 -16.91 -18.25
CA SER A 76 -39.85 -16.70 -18.16
C SER A 76 -39.35 -17.21 -16.80
N ALA A 77 -38.05 -17.44 -16.68
CA ALA A 77 -37.41 -17.97 -15.45
C ALA A 77 -36.04 -17.33 -15.25
N THR A 78 -35.78 -16.81 -14.06
CA THR A 78 -34.48 -16.17 -13.74
C THR A 78 -33.82 -17.05 -12.69
N SER A 79 -32.50 -17.19 -12.80
CA SER A 79 -31.63 -17.86 -11.79
C SER A 79 -30.46 -16.93 -11.48
N TRP A 80 -30.16 -16.71 -10.21
CA TRP A 80 -28.99 -15.94 -9.73
C TRP A 80 -28.00 -16.92 -9.13
N ALA A 81 -26.72 -16.59 -9.22
CA ALA A 81 -25.66 -17.18 -8.39
C ALA A 81 -24.73 -16.04 -8.00
N GLY A 82 -24.28 -16.04 -6.76
CA GLY A 82 -23.61 -14.89 -6.13
C GLY A 82 -22.86 -15.28 -4.88
N TYR A 83 -21.90 -14.45 -4.47
CA TYR A 83 -21.13 -14.58 -3.21
C TYR A 83 -21.50 -13.46 -2.24
N ALA A 84 -21.23 -13.70 -0.96
CA ALA A 84 -21.36 -12.70 0.13
C ALA A 84 -20.06 -11.92 0.23
N ARG A 85 -20.16 -10.60 0.44
CA ARG A 85 -19.04 -9.62 0.38
C ARG A 85 -19.27 -8.56 1.44
N LYS A 86 -18.47 -8.54 2.52
CA LYS A 86 -18.59 -7.57 3.65
C LYS A 86 -18.33 -6.18 3.08
N THR A 87 -19.12 -5.20 3.54
CA THR A 87 -18.95 -3.75 3.22
C THR A 87 -18.43 -3.01 4.47
N PHE A 88 -17.74 -1.90 4.24
CA PHE A 88 -17.41 -0.89 5.28
C PHE A 88 -18.63 -0.68 6.20
N GLY A 89 -18.39 -0.66 7.49
CA GLY A 89 -19.45 -0.50 8.49
C GLY A 89 -20.01 -1.83 8.94
N GLY A 90 -19.47 -2.96 8.46
CA GLY A 90 -19.87 -4.34 8.82
C GLY A 90 -21.20 -4.71 8.19
N GLY A 91 -21.51 -4.11 7.05
CA GLY A 91 -22.66 -4.49 6.22
C GLY A 91 -22.36 -5.74 5.41
N VAL A 92 -23.41 -6.42 4.94
CA VAL A 92 -23.27 -7.55 3.98
C VAL A 92 -24.15 -7.30 2.76
N GLN A 93 -23.58 -7.60 1.60
CA GLN A 93 -24.20 -7.53 0.26
C GLN A 93 -24.02 -8.90 -0.39
N ILE A 94 -24.91 -9.25 -1.31
CA ILE A 94 -24.80 -10.45 -2.18
C ILE A 94 -24.53 -9.96 -3.57
N VAL A 95 -23.33 -10.22 -4.10
CA VAL A 95 -23.02 -9.89 -5.52
C VAL A 95 -23.42 -11.11 -6.34
N THR A 96 -24.10 -10.89 -7.47
CA THR A 96 -24.82 -11.95 -8.21
C THR A 96 -24.81 -11.71 -9.70
N GLN A 97 -24.75 -12.79 -10.44
CA GLN A 97 -24.92 -12.78 -11.90
C GLN A 97 -26.19 -13.57 -12.17
N TRP A 98 -27.08 -13.01 -13.00
CA TRP A 98 -28.40 -13.59 -13.30
C TRP A 98 -28.54 -13.91 -14.78
N SER A 99 -29.31 -14.94 -15.07
CA SER A 99 -29.75 -15.31 -16.43
C SER A 99 -31.29 -15.40 -16.36
N LEU A 100 -31.97 -14.71 -17.27
CA LEU A 100 -33.45 -14.69 -17.41
C LEU A 100 -33.73 -15.32 -18.77
N ALA A 101 -34.44 -16.45 -18.83
CA ALA A 101 -34.75 -17.15 -20.10
C ALA A 101 -36.24 -16.98 -20.36
N PHE A 102 -36.62 -16.68 -21.60
CA PHE A 102 -38.05 -16.48 -21.95
C PHE A 102 -38.30 -16.89 -23.41
N VAL A 103 -39.56 -17.15 -23.74
CA VAL A 103 -40.03 -17.44 -25.12
C VAL A 103 -40.81 -16.23 -25.60
N GLY A 104 -40.25 -15.50 -26.57
CA GLY A 104 -40.87 -14.36 -27.28
C GLY A 104 -41.37 -14.77 -28.65
N LYS A 105 -41.80 -13.78 -29.45
CA LYS A 105 -42.33 -14.02 -30.82
C LYS A 105 -41.29 -14.83 -31.61
N ALA A 106 -40.01 -14.42 -31.55
CA ALA A 106 -38.89 -14.95 -32.37
C ALA A 106 -38.44 -16.35 -31.90
N GLY A 107 -38.99 -16.89 -30.81
CA GLY A 107 -38.58 -18.20 -30.26
C GLY A 107 -38.10 -18.11 -28.81
N GLY A 108 -36.82 -18.39 -28.56
CA GLY A 108 -36.28 -18.59 -27.21
C GLY A 108 -35.06 -17.71 -26.97
N LYS A 109 -35.19 -16.69 -26.12
CA LYS A 109 -34.11 -15.74 -25.80
C LYS A 109 -33.65 -15.97 -24.36
N ILE A 110 -32.39 -15.68 -24.11
CA ILE A 110 -31.83 -15.55 -22.74
C ILE A 110 -31.06 -14.23 -22.63
N GLU A 111 -31.39 -13.43 -21.61
CA GLU A 111 -30.62 -12.24 -21.19
C GLU A 111 -29.84 -12.60 -19.95
N THR A 112 -28.76 -11.85 -19.68
CA THR A 112 -27.92 -11.99 -18.47
C THR A 112 -27.69 -10.62 -17.84
N GLY A 113 -26.99 -10.55 -16.72
CA GLY A 113 -26.67 -9.27 -16.09
C GLY A 113 -26.28 -9.46 -14.64
N GLN A 114 -25.87 -8.36 -14.00
CA GLN A 114 -25.31 -8.31 -12.64
C GLN A 114 -26.39 -7.73 -11.74
N ASN A 115 -26.39 -8.02 -10.46
CA ASN A 115 -27.41 -7.53 -9.49
C ASN A 115 -26.72 -7.51 -8.14
N VAL A 116 -26.75 -6.40 -7.41
CA VAL A 116 -26.19 -6.45 -6.04
C VAL A 116 -27.34 -6.28 -5.08
N PHE A 117 -27.49 -7.20 -4.12
CA PHE A 117 -28.55 -7.19 -3.08
C PHE A 117 -27.94 -6.77 -1.75
N THR A 118 -28.55 -5.81 -1.07
CA THR A 118 -28.08 -5.22 0.21
C THR A 118 -29.03 -5.66 1.30
N TYR A 119 -28.52 -6.15 2.42
CA TYR A 119 -29.32 -6.59 3.59
C TYR A 119 -29.98 -5.37 4.26
N GLN A 120 -31.30 -5.45 4.44
CA GLN A 120 -32.13 -4.45 5.18
C GLN A 120 -32.69 -5.14 6.43
N ALA A 121 -32.19 -4.84 7.62
CA ALA A 121 -32.78 -5.34 8.88
C ALA A 121 -34.13 -4.63 9.11
N ALA A 122 -35.07 -5.30 9.81
CA ALA A 122 -36.37 -4.76 10.27
C ALA A 122 -36.14 -3.62 11.27
N THR B 2 -45.20 -30.56 -26.50
CA THR B 2 -44.70 -31.35 -25.32
C THR B 2 -43.68 -30.53 -24.52
N ASP B 3 -44.11 -29.41 -23.88
CA ASP B 3 -43.22 -28.40 -23.20
C ASP B 3 -43.49 -28.40 -21.69
N PHE B 4 -42.48 -28.84 -20.93
CA PHE B 4 -42.26 -28.88 -19.45
C PHE B 4 -43.46 -29.37 -18.63
N ASP B 5 -44.68 -28.92 -18.92
CA ASP B 5 -45.91 -29.48 -18.29
C ASP B 5 -45.86 -31.00 -18.52
N SER B 6 -45.45 -31.41 -19.72
CA SER B 6 -45.39 -32.82 -20.16
C SER B 6 -44.39 -33.67 -19.36
N LEU B 7 -43.74 -33.13 -18.32
CA LEU B 7 -42.77 -33.88 -17.46
C LEU B 7 -43.31 -33.96 -16.02
N SER B 8 -44.57 -33.53 -15.79
CA SER B 8 -45.27 -33.60 -14.48
C SER B 8 -45.14 -35.01 -13.90
N GLY B 9 -44.37 -35.17 -12.83
CA GLY B 9 -44.09 -36.48 -12.20
C GLY B 9 -43.38 -37.43 -13.15
N THR B 10 -42.14 -37.11 -13.56
CA THR B 10 -41.20 -38.02 -14.27
C THR B 10 -39.77 -37.72 -13.84
N SER B 11 -38.89 -38.73 -13.76
CA SER B 11 -37.40 -38.57 -13.85
C SER B 11 -37.08 -38.46 -15.33
N THR B 12 -36.12 -37.62 -15.68
CA THR B 12 -35.57 -37.48 -17.05
C THR B 12 -34.07 -37.20 -16.88
N THR B 13 -33.19 -37.79 -17.67
CA THR B 13 -31.74 -37.52 -17.61
C THR B 13 -31.40 -36.59 -18.78
N TRP B 14 -30.48 -35.63 -18.58
CA TRP B 14 -30.04 -34.73 -19.69
C TRP B 14 -28.55 -34.67 -19.61
N VAL B 15 -27.87 -34.37 -20.71
CA VAL B 15 -26.37 -34.29 -20.76
C VAL B 15 -25.94 -33.08 -21.60
N ASN B 16 -24.90 -32.38 -21.14
CA ASN B 16 -24.48 -31.10 -21.77
C ASN B 16 -23.21 -31.37 -22.59
N GLU B 17 -22.66 -30.33 -23.20
CA GLU B 17 -21.56 -30.45 -24.19
C GLU B 17 -20.23 -30.65 -23.46
N LEU B 18 -20.18 -30.36 -22.16
CA LEU B 18 -18.97 -30.53 -21.29
C LEU B 18 -18.98 -31.94 -20.68
N GLY B 19 -19.99 -32.75 -21.00
CA GLY B 19 -20.16 -34.14 -20.50
C GLY B 19 -20.99 -34.21 -19.22
N SER B 20 -21.38 -33.08 -18.64
CA SER B 20 -22.05 -33.09 -17.33
C SER B 20 -23.44 -33.65 -17.56
N VAL B 21 -23.92 -34.44 -16.60
CA VAL B 21 -25.19 -35.22 -16.68
C VAL B 21 -26.02 -34.84 -15.48
N MET B 22 -27.28 -34.50 -15.67
CA MET B 22 -28.24 -34.28 -14.56
C MET B 22 -29.48 -35.11 -14.87
N THR B 23 -30.10 -35.60 -13.79
CA THR B 23 -31.39 -36.31 -13.76
C THR B 23 -32.32 -35.48 -12.87
N ILE B 24 -33.36 -34.91 -13.47
CA ILE B 24 -34.30 -33.96 -12.82
C ILE B 24 -35.69 -34.60 -12.69
N ASP B 25 -36.27 -34.43 -11.51
CA ASP B 25 -37.61 -34.91 -11.11
C ASP B 25 -38.53 -33.69 -11.05
N VAL B 26 -39.40 -33.53 -12.05
CA VAL B 26 -40.44 -32.45 -12.10
C VAL B 26 -41.71 -32.99 -11.45
N ASP B 27 -42.26 -32.30 -10.47
CA ASP B 27 -43.57 -32.64 -9.88
C ASP B 27 -44.69 -31.84 -10.56
N ARG B 28 -45.93 -32.30 -10.33
CA ARG B 28 -47.18 -31.78 -10.93
C ARG B 28 -47.25 -30.26 -10.77
N LYS B 29 -46.71 -29.72 -9.66
CA LYS B 29 -46.76 -28.29 -9.24
C LYS B 29 -45.63 -27.50 -9.91
N GLY B 30 -44.75 -28.14 -10.64
CA GLY B 30 -43.71 -27.43 -11.42
C GLY B 30 -42.32 -27.51 -10.80
N GLY B 31 -42.23 -28.01 -9.57
CA GLY B 31 -40.98 -28.10 -8.79
C GLY B 31 -40.02 -29.12 -9.35
N VAL B 32 -38.78 -28.69 -9.61
CA VAL B 32 -37.64 -29.51 -10.10
C VAL B 32 -36.73 -29.89 -8.90
N THR B 33 -36.31 -31.15 -8.81
CA THR B 33 -35.26 -31.66 -7.90
C THR B 33 -34.57 -32.80 -8.62
N GLY B 34 -33.38 -33.19 -8.16
CA GLY B 34 -32.61 -34.28 -8.79
C GLY B 34 -31.14 -34.12 -8.48
N TYR B 35 -30.27 -34.73 -9.26
CA TYR B 35 -28.80 -34.70 -9.03
C TYR B 35 -28.13 -34.23 -10.32
N TYR B 36 -27.01 -33.50 -10.12
CA TYR B 36 -26.10 -32.99 -11.19
C TYR B 36 -24.74 -33.67 -11.01
N VAL B 37 -24.17 -34.17 -12.10
CA VAL B 37 -22.82 -34.78 -12.14
C VAL B 37 -21.93 -33.93 -13.06
N ASN B 38 -21.00 -33.17 -12.48
CA ASN B 38 -20.11 -32.30 -13.32
C ASN B 38 -19.04 -33.18 -13.98
N ASN B 39 -18.74 -32.97 -15.26
CA ASN B 39 -17.53 -33.57 -15.88
C ASN B 39 -16.80 -32.52 -16.74
N ALA B 40 -17.27 -31.26 -16.75
CA ALA B 40 -16.61 -30.11 -17.42
C ALA B 40 -15.13 -30.10 -17.09
N PRO B 41 -14.23 -30.20 -18.11
CA PRO B 41 -12.80 -30.16 -17.87
C PRO B 41 -12.31 -28.85 -17.23
N GLY B 42 -11.23 -28.97 -16.45
CA GLY B 42 -10.61 -27.88 -15.69
C GLY B 42 -11.43 -27.44 -14.49
N THR B 43 -12.36 -28.27 -13.99
CA THR B 43 -13.27 -27.92 -12.86
C THR B 43 -13.15 -28.93 -11.72
N GLY B 44 -13.61 -28.52 -10.53
CA GLY B 44 -13.70 -29.38 -9.35
C GLY B 44 -15.03 -30.13 -9.26
N CYS B 45 -15.21 -30.86 -8.17
CA CYS B 45 -16.49 -31.52 -7.82
C CYS B 45 -17.00 -32.32 -9.03
N ARG B 46 -16.15 -33.18 -9.58
CA ARG B 46 -16.42 -33.99 -10.79
C ARG B 46 -16.74 -35.43 -10.44
N GLY B 47 -17.55 -36.07 -11.28
CA GLY B 47 -17.89 -37.50 -11.20
C GLY B 47 -18.76 -37.82 -9.99
N LEU B 48 -19.16 -36.83 -9.20
CA LEU B 48 -20.04 -37.05 -8.03
C LEU B 48 -21.38 -36.35 -8.25
N PRO B 49 -22.50 -37.01 -7.88
CA PRO B 49 -23.82 -36.38 -7.93
C PRO B 49 -23.92 -35.27 -6.89
N TYR B 50 -24.62 -34.18 -7.22
CA TYR B 50 -24.92 -33.03 -6.33
C TYR B 50 -26.41 -32.69 -6.48
N ASP B 51 -27.11 -32.62 -5.33
CA ASP B 51 -28.48 -32.08 -5.19
C ASP B 51 -28.63 -30.82 -6.05
N LEU B 52 -29.47 -30.86 -7.08
CA LEU B 52 -30.00 -29.64 -7.72
C LEU B 52 -31.46 -29.46 -7.34
N SER B 53 -31.96 -28.25 -7.51
CA SER B 53 -33.34 -27.83 -7.20
C SER B 53 -33.63 -26.57 -8.02
N GLY B 54 -34.81 -26.55 -8.63
CA GLY B 54 -35.30 -25.38 -9.36
C GLY B 54 -36.80 -25.45 -9.55
N HIS B 55 -37.26 -24.98 -10.69
CA HIS B 55 -38.71 -24.88 -10.99
C HIS B 55 -38.85 -24.65 -12.47
N ALA B 56 -39.67 -25.50 -13.13
CA ALA B 56 -40.04 -25.34 -14.54
C ALA B 56 -41.48 -24.83 -14.57
N HIS B 57 -41.77 -23.96 -15.53
CA HIS B 57 -43.16 -23.63 -15.96
C HIS B 57 -43.17 -23.18 -17.41
N GLY B 58 -44.19 -23.63 -18.14
CA GLY B 58 -44.31 -23.47 -19.59
C GLY B 58 -43.10 -24.03 -20.32
N SER B 59 -42.35 -23.14 -20.95
CA SER B 59 -41.20 -23.45 -21.81
C SER B 59 -39.90 -23.06 -21.09
N THR B 60 -39.97 -22.76 -19.80
CA THR B 60 -38.78 -22.28 -19.05
C THR B 60 -38.55 -23.09 -17.77
N ILE B 61 -37.26 -23.29 -17.49
CA ILE B 61 -36.76 -23.97 -16.27
C ILE B 61 -35.58 -23.16 -15.76
N ALA B 62 -35.55 -22.94 -14.45
CA ALA B 62 -34.43 -22.37 -13.66
C ALA B 62 -34.10 -23.35 -12.53
N PHE B 63 -32.81 -23.62 -12.30
CA PHE B 63 -32.33 -24.63 -11.33
C PHE B 63 -30.93 -24.23 -10.85
N SER B 64 -30.54 -24.75 -9.70
CA SER B 64 -29.34 -24.33 -8.93
C SER B 64 -28.68 -25.57 -8.33
N VAL B 65 -27.34 -25.62 -8.46
CA VAL B 65 -26.43 -26.56 -7.73
C VAL B 65 -25.43 -25.78 -6.88
N VAL B 66 -25.41 -25.97 -5.56
CA VAL B 66 -24.29 -25.62 -4.64
C VAL B 66 -23.25 -26.77 -4.68
N TRP B 67 -21.99 -26.49 -5.00
CA TRP B 67 -20.97 -27.56 -5.11
C TRP B 67 -20.44 -27.96 -3.74
N SER B 68 -21.33 -28.38 -2.84
CA SER B 68 -20.96 -29.08 -1.60
C SER B 68 -21.91 -30.27 -1.37
N ASN B 69 -21.40 -31.46 -1.07
CA ASN B 69 -22.23 -32.69 -0.82
C ASN B 69 -21.61 -33.57 0.24
N GLY B 70 -20.74 -33.01 1.11
CA GLY B 70 -20.15 -33.72 2.26
C GLY B 70 -19.02 -34.66 1.85
N ILE B 71 -18.68 -34.69 0.55
CA ILE B 71 -17.68 -35.59 -0.09
C ILE B 71 -16.61 -34.72 -0.76
N ALA B 72 -17.01 -33.72 -1.55
CA ALA B 72 -16.11 -32.68 -2.09
C ALA B 72 -16.79 -31.30 -2.12
N ASP B 73 -16.11 -30.26 -1.65
CA ASP B 73 -16.70 -28.90 -1.44
C ASP B 73 -15.92 -27.84 -2.23
N CYS B 74 -16.30 -27.49 -3.46
CA CYS B 74 -15.60 -26.50 -4.34
C CYS B 74 -15.93 -25.05 -3.95
N ARG B 75 -16.69 -24.82 -2.86
CA ARG B 75 -16.78 -23.50 -2.22
C ARG B 75 -17.32 -22.50 -3.26
N SER B 76 -18.46 -22.86 -3.85
CA SER B 76 -19.02 -22.27 -5.09
C SER B 76 -20.42 -22.85 -5.40
N ALA B 77 -21.20 -22.09 -6.16
CA ALA B 77 -22.59 -22.40 -6.53
C ALA B 77 -22.86 -22.02 -7.99
N THR B 78 -23.73 -22.79 -8.63
CA THR B 78 -24.15 -22.56 -10.03
C THR B 78 -25.67 -22.55 -10.17
N SER B 79 -26.19 -21.65 -10.98
CA SER B 79 -27.62 -21.61 -11.34
C SER B 79 -27.73 -21.52 -12.87
N TRP B 80 -28.62 -22.33 -13.44
CA TRP B 80 -28.98 -22.31 -14.88
C TRP B 80 -30.40 -21.76 -15.04
N ALA B 81 -30.62 -21.01 -16.12
CA ALA B 81 -31.94 -20.61 -16.66
C ALA B 81 -31.97 -20.96 -18.15
N GLY B 82 -33.02 -21.62 -18.60
CA GLY B 82 -33.10 -22.09 -19.99
C GLY B 82 -34.52 -22.28 -20.50
N TYR B 83 -34.62 -22.62 -21.77
CA TYR B 83 -35.90 -22.88 -22.46
C TYR B 83 -35.81 -24.22 -23.20
N ALA B 84 -36.85 -25.03 -23.12
CA ALA B 84 -36.94 -26.31 -23.86
C ALA B 84 -37.14 -26.01 -25.34
N ARG B 85 -36.45 -26.73 -26.20
CA ARG B 85 -36.43 -26.52 -27.66
C ARG B 85 -36.39 -27.90 -28.34
N LYS B 86 -37.38 -28.23 -29.17
CA LYS B 86 -37.40 -29.54 -29.89
C LYS B 86 -36.36 -29.46 -31.01
N THR B 87 -35.77 -30.61 -31.32
CA THR B 87 -34.67 -30.80 -32.30
C THR B 87 -35.21 -31.58 -33.50
N PHE B 88 -34.66 -31.31 -34.68
CA PHE B 88 -35.09 -31.89 -35.98
C PHE B 88 -35.05 -33.42 -35.83
N GLY B 89 -36.21 -34.08 -35.73
CA GLY B 89 -36.29 -35.55 -35.64
C GLY B 89 -37.10 -36.11 -34.47
N GLY B 90 -37.44 -35.34 -33.45
CA GLY B 90 -38.22 -35.85 -32.31
C GLY B 90 -37.61 -35.47 -30.97
N GLY B 91 -36.29 -35.21 -30.92
CA GLY B 91 -35.55 -34.95 -29.68
C GLY B 91 -35.91 -33.61 -29.07
N VAL B 92 -35.30 -33.29 -27.92
CA VAL B 92 -35.52 -32.00 -27.22
C VAL B 92 -34.23 -31.59 -26.49
N GLN B 93 -33.94 -30.30 -26.47
CA GLN B 93 -32.87 -29.75 -25.60
C GLN B 93 -33.42 -28.70 -24.64
N ILE B 94 -32.57 -28.35 -23.67
CA ILE B 94 -32.76 -27.20 -22.74
C ILE B 94 -31.57 -26.30 -23.00
N VAL B 95 -31.76 -25.17 -23.67
CA VAL B 95 -30.65 -24.21 -23.92
C VAL B 95 -30.53 -23.35 -22.68
N THR B 96 -29.35 -23.20 -22.11
CA THR B 96 -29.26 -22.42 -20.86
C THR B 96 -28.04 -21.51 -20.85
N GLN B 97 -28.15 -20.51 -20.01
CA GLN B 97 -27.05 -19.69 -19.53
C GLN B 97 -26.84 -20.10 -18.08
N TRP B 98 -25.59 -20.22 -17.66
CA TRP B 98 -25.29 -20.41 -16.22
C TRP B 98 -24.44 -19.23 -15.75
N SER B 99 -24.46 -19.04 -14.43
CA SER B 99 -23.59 -18.15 -13.63
C SER B 99 -23.02 -19.02 -12.51
N LEU B 100 -21.75 -18.85 -12.20
CA LEU B 100 -21.00 -19.65 -11.20
C LEU B 100 -20.26 -18.66 -10.29
N ALA B 101 -20.62 -18.64 -9.01
CA ALA B 101 -20.00 -17.76 -8.00
C ALA B 101 -19.06 -18.63 -7.18
N PHE B 102 -17.78 -18.30 -7.10
CA PHE B 102 -16.87 -18.89 -6.08
C PHE B 102 -16.21 -17.75 -5.32
N VAL B 103 -15.60 -18.06 -4.18
CA VAL B 103 -14.75 -17.17 -3.34
C VAL B 103 -13.39 -17.84 -3.14
N GLY B 104 -12.30 -17.14 -3.46
CA GLY B 104 -10.91 -17.62 -3.27
C GLY B 104 -10.09 -16.69 -2.39
N LYS B 105 -8.82 -16.49 -2.74
CA LYS B 105 -7.90 -15.61 -1.99
C LYS B 105 -8.33 -14.16 -2.25
N ALA B 106 -8.40 -13.76 -3.53
CA ALA B 106 -8.72 -12.37 -3.97
C ALA B 106 -10.21 -12.03 -3.84
N GLY B 107 -10.95 -12.71 -2.94
CA GLY B 107 -12.42 -12.58 -2.75
C GLY B 107 -13.20 -13.32 -3.83
N GLY B 108 -14.44 -12.87 -4.09
CA GLY B 108 -15.45 -13.55 -4.93
C GLY B 108 -15.24 -13.40 -6.43
N LYS B 109 -15.51 -14.44 -7.20
CA LYS B 109 -15.54 -14.35 -8.67
C LYS B 109 -16.84 -15.00 -9.13
N ILE B 110 -17.16 -14.72 -10.38
CA ILE B 110 -18.42 -15.12 -11.06
C ILE B 110 -18.09 -15.35 -12.52
N GLU B 111 -18.08 -16.60 -12.94
CA GLU B 111 -17.99 -17.00 -14.37
C GLU B 111 -19.40 -17.17 -14.92
N THR B 112 -19.56 -17.07 -16.23
CA THR B 112 -20.83 -17.31 -16.93
C THR B 112 -20.54 -17.99 -18.26
N GLY B 113 -21.47 -18.82 -18.74
CA GLY B 113 -21.31 -19.59 -19.99
C GLY B 113 -22.64 -20.06 -20.49
N GLN B 114 -22.65 -20.64 -21.67
CA GLN B 114 -23.83 -21.28 -22.29
C GLN B 114 -23.73 -22.79 -21.99
N ASN B 115 -24.84 -23.47 -21.74
CA ASN B 115 -24.92 -24.94 -21.52
C ASN B 115 -26.18 -25.45 -22.22
N VAL B 116 -26.04 -26.39 -23.17
CA VAL B 116 -27.18 -26.94 -23.95
C VAL B 116 -27.32 -28.41 -23.59
N PHE B 117 -28.37 -28.72 -22.83
CA PHE B 117 -28.62 -30.08 -22.29
C PHE B 117 -29.48 -30.84 -23.29
N THR B 118 -29.12 -32.08 -23.58
CA THR B 118 -29.78 -32.92 -24.61
C THR B 118 -30.45 -34.12 -23.93
N TYR B 119 -31.76 -34.26 -24.02
CA TYR B 119 -32.51 -35.42 -23.47
C TYR B 119 -31.81 -36.71 -23.87
N GLN B 120 -31.63 -37.59 -22.88
CA GLN B 120 -31.21 -39.00 -23.06
C GLN B 120 -32.30 -39.94 -22.52
N ALA B 121 -32.58 -41.01 -23.27
CA ALA B 121 -33.70 -41.95 -23.03
C ALA B 121 -33.19 -43.18 -22.24
N ALA B 122 -34.09 -43.83 -21.49
CA ALA B 122 -33.98 -45.25 -21.04
C ALA B 122 -34.56 -46.16 -22.14
N THR C 2 35.71 -1.06 13.07
CA THR C 2 36.51 -0.79 14.32
C THR C 2 36.86 0.71 14.41
N ASP C 3 37.45 1.27 13.36
CA ASP C 3 38.31 2.49 13.38
C ASP C 3 37.53 3.72 12.91
N PHE C 4 37.56 4.79 13.71
CA PHE C 4 37.26 6.19 13.27
C PHE C 4 38.43 6.73 12.45
N ASP C 5 39.65 6.21 12.68
CA ASP C 5 40.88 6.63 11.97
C ASP C 5 40.63 6.47 10.46
N SER C 6 39.73 5.55 10.09
CA SER C 6 39.36 5.22 8.68
C SER C 6 38.26 6.17 8.16
N LEU C 7 38.05 7.30 8.84
CA LEU C 7 37.02 8.31 8.50
C LEU C 7 37.68 9.58 7.97
N SER C 8 39.01 9.62 7.95
CA SER C 8 39.84 10.80 7.57
C SER C 8 39.41 11.31 6.19
N GLY C 9 39.21 12.62 6.04
CA GLY C 9 38.71 13.27 4.81
C GLY C 9 37.44 12.63 4.26
N THR C 10 36.53 12.16 5.13
CA THR C 10 35.17 11.69 4.73
C THR C 10 34.11 12.29 5.67
N SER C 11 32.96 12.64 5.07
CA SER C 11 31.86 13.48 5.62
C SER C 11 30.63 12.60 5.87
N THR C 12 30.58 11.93 7.02
CA THR C 12 29.64 10.79 7.26
C THR C 12 28.36 11.31 7.92
N THR C 13 27.23 10.64 7.68
CA THR C 13 25.92 10.95 8.34
C THR C 13 25.54 9.88 9.36
N TRP C 14 25.16 10.30 10.58
CA TRP C 14 24.73 9.42 11.69
C TRP C 14 23.43 9.91 12.35
N VAL C 15 22.42 9.02 12.43
CA VAL C 15 21.13 9.28 13.14
C VAL C 15 21.08 8.45 14.43
N ASN C 16 20.45 8.97 15.48
CA ASN C 16 20.27 8.27 16.77
C ASN C 16 18.81 7.82 16.90
N GLU C 17 18.41 7.28 18.05
CA GLU C 17 17.11 6.58 18.22
C GLU C 17 15.99 7.60 18.43
N LEU C 18 16.34 8.86 18.64
CA LEU C 18 15.40 9.99 18.80
C LEU C 18 15.19 10.62 17.42
N GLY C 19 16.03 10.22 16.47
CA GLY C 19 15.97 10.72 15.10
C GLY C 19 16.81 11.97 14.91
N SER C 20 17.50 12.47 15.94
CA SER C 20 18.53 13.53 15.77
C SER C 20 19.51 13.04 14.73
N VAL C 21 19.92 13.92 13.81
CA VAL C 21 21.00 13.56 12.83
C VAL C 21 22.23 14.45 13.05
N MET C 22 23.42 13.84 13.01
CA MET C 22 24.70 14.58 12.95
C MET C 22 25.42 14.23 11.65
N THR C 23 26.08 15.23 11.07
CA THR C 23 27.04 15.05 9.97
C THR C 23 28.39 15.52 10.49
N ILE C 24 29.40 14.68 10.37
CA ILE C 24 30.73 14.87 11.01
C ILE C 24 31.79 14.60 9.97
N ASP C 25 32.84 15.41 10.06
CA ASP C 25 33.95 15.51 9.10
C ASP C 25 35.24 15.27 9.88
N VAL C 26 35.86 14.11 9.71
CA VAL C 26 37.09 13.75 10.47
C VAL C 26 38.29 14.14 9.61
N ASP C 27 39.26 14.87 10.21
CA ASP C 27 40.52 15.31 9.55
C ASP C 27 41.54 14.17 9.69
N ARG C 28 42.56 14.17 8.84
CA ARG C 28 43.70 13.22 8.89
C ARG C 28 44.30 13.22 10.31
N LYS C 29 44.12 14.28 11.10
CA LYS C 29 44.56 14.34 12.52
C LYS C 29 43.52 13.71 13.45
N GLY C 30 42.41 13.16 12.95
CA GLY C 30 41.29 12.64 13.76
C GLY C 30 40.56 13.72 14.58
N GLY C 31 40.60 14.97 14.11
CA GLY C 31 39.73 16.07 14.59
C GLY C 31 38.40 16.04 13.87
N VAL C 32 37.32 16.39 14.56
CA VAL C 32 35.92 16.22 14.11
C VAL C 32 35.27 17.59 14.12
N THR C 33 34.64 17.95 13.01
CA THR C 33 33.67 19.05 12.94
C THR C 33 32.47 18.60 12.10
N GLY C 34 31.38 19.36 12.17
CA GLY C 34 30.15 19.15 11.40
C GLY C 34 28.94 19.74 12.12
N TYR C 35 27.75 19.34 11.68
CA TYR C 35 26.48 19.87 12.21
C TYR C 35 25.74 18.72 12.94
N TYR C 36 24.84 19.08 13.83
CA TYR C 36 23.99 18.15 14.62
C TYR C 36 22.57 18.71 14.63
N VAL C 37 21.60 17.95 14.13
CA VAL C 37 20.16 18.39 14.10
C VAL C 37 19.41 17.66 15.21
N ASN C 38 19.05 18.37 16.29
CA ASN C 38 18.22 17.78 17.37
C ASN C 38 16.84 17.39 16.82
N ASN C 39 16.21 16.39 17.41
CA ASN C 39 14.83 15.98 17.03
C ASN C 39 14.15 15.28 18.20
N ALA C 40 14.63 15.53 19.43
CA ALA C 40 14.25 14.78 20.65
C ALA C 40 12.96 15.37 21.23
N PRO C 41 11.88 14.57 21.40
CA PRO C 41 10.68 15.06 22.04
C PRO C 41 10.98 15.69 23.40
N GLY C 42 10.39 16.87 23.64
CA GLY C 42 10.43 17.61 24.91
C GLY C 42 11.77 18.28 25.14
N THR C 43 12.45 18.59 24.03
CA THR C 43 13.71 19.38 24.00
C THR C 43 13.45 20.56 23.05
N GLY C 44 14.30 21.60 23.10
CA GLY C 44 14.21 22.75 22.17
C GLY C 44 15.21 22.67 21.02
N CYS C 45 15.35 23.74 20.26
CA CYS C 45 16.42 23.88 19.25
C CYS C 45 16.36 22.68 18.32
N ARG C 46 15.13 22.28 17.98
CA ARG C 46 14.85 21.13 17.08
C ARG C 46 14.76 21.56 15.63
N GLY C 47 15.25 20.76 14.72
CA GLY C 47 15.14 21.02 13.26
C GLY C 47 16.12 22.08 12.79
N LEU C 48 17.05 22.51 13.64
CA LEU C 48 18.10 23.46 13.21
C LEU C 48 19.46 22.80 13.40
N PRO C 49 20.37 23.10 12.47
CA PRO C 49 21.74 22.63 12.54
C PRO C 49 22.51 23.45 13.58
N TYR C 50 23.34 22.79 14.37
CA TYR C 50 24.17 23.39 15.43
C TYR C 50 25.59 22.83 15.32
N ASP C 51 26.60 23.70 15.38
CA ASP C 51 28.01 23.29 15.20
C ASP C 51 28.32 22.18 16.22
N LEU C 52 28.96 21.10 15.82
CA LEU C 52 29.57 20.17 16.78
C LEU C 52 31.06 20.13 16.52
N SER C 53 31.82 19.81 17.56
CA SER C 53 33.30 19.76 17.47
C SER C 53 33.78 18.77 18.52
N GLY C 54 34.79 18.01 18.15
CA GLY C 54 35.47 17.05 19.06
C GLY C 54 36.49 16.22 18.29
N HIS C 55 37.04 15.19 18.92
CA HIS C 55 38.18 14.42 18.38
C HIS C 55 37.77 12.94 18.38
N ALA C 56 38.33 12.19 17.43
CA ALA C 56 38.18 10.72 17.32
C ALA C 56 39.57 10.09 17.25
N HIS C 57 39.71 8.88 17.77
CA HIS C 57 40.95 8.08 17.65
C HIS C 57 40.65 6.61 17.99
N GLY C 58 40.99 5.73 17.04
CA GLY C 58 40.70 4.29 17.10
C GLY C 58 39.22 4.10 17.20
N SER C 59 38.73 3.61 18.33
CA SER C 59 37.33 3.16 18.52
C SER C 59 36.54 4.15 19.39
N THR C 60 37.13 5.29 19.76
CA THR C 60 36.50 6.26 20.66
C THR C 60 36.44 7.66 20.03
N ILE C 61 35.32 8.35 20.32
CA ILE C 61 34.93 9.68 19.80
C ILE C 61 34.36 10.46 21.00
N ALA C 62 34.67 11.73 21.09
CA ALA C 62 34.00 12.72 21.96
C ALA C 62 33.73 13.98 21.12
N PHE C 63 32.59 14.63 21.34
CA PHE C 63 32.19 15.81 20.55
C PHE C 63 31.07 16.51 21.29
N SER C 64 31.08 17.84 21.25
CA SER C 64 30.16 18.67 22.06
C SER C 64 29.35 19.54 21.11
N VAL C 65 28.20 19.99 21.58
CA VAL C 65 27.30 20.93 20.89
C VAL C 65 26.87 21.93 21.96
N VAL C 66 27.06 23.23 21.69
CA VAL C 66 26.45 24.36 22.47
C VAL C 66 25.16 24.74 21.75
N TRP C 67 24.01 24.76 22.42
CA TRP C 67 22.71 24.91 21.72
C TRP C 67 22.40 26.40 21.52
N SER C 68 23.08 26.98 20.55
CA SER C 68 23.03 28.42 20.20
C SER C 68 23.65 28.55 18.81
N ASN C 69 22.95 29.15 17.84
CA ASN C 69 23.38 29.09 16.43
C ASN C 69 22.92 30.31 15.61
N GLY C 70 22.48 31.39 16.26
CA GLY C 70 21.97 32.59 15.57
C GLY C 70 20.46 32.58 15.47
N ILE C 71 19.93 31.39 15.16
CA ILE C 71 18.49 31.09 15.01
C ILE C 71 17.78 30.94 16.36
N ALA C 72 18.23 30.01 17.19
CA ALA C 72 17.49 29.55 18.40
C ALA C 72 18.48 29.10 19.50
N ASP C 73 18.38 29.73 20.66
CA ASP C 73 19.29 29.53 21.81
C ASP C 73 18.54 28.80 22.93
N CYS C 74 18.92 27.58 23.31
CA CYS C 74 18.26 26.83 24.42
C CYS C 74 19.07 27.03 25.70
N ARG C 75 20.17 27.77 25.62
CA ARG C 75 20.85 28.26 26.84
C ARG C 75 21.53 27.07 27.51
N SER C 76 22.05 26.16 26.70
CA SER C 76 22.41 24.78 27.08
C SER C 76 23.42 24.19 26.11
N ALA C 77 24.13 23.15 26.57
CA ALA C 77 25.19 22.47 25.81
C ALA C 77 25.21 20.99 26.19
N THR C 78 25.52 20.16 25.20
CA THR C 78 25.57 18.69 25.31
C THR C 78 26.94 18.20 24.82
N SER C 79 27.57 17.32 25.59
CA SER C 79 28.75 16.50 25.20
C SER C 79 28.39 15.01 25.01
N TRP C 80 29.10 14.32 24.12
CA TRP C 80 28.96 12.86 23.88
C TRP C 80 30.35 12.18 23.99
N ALA C 81 30.47 11.15 24.81
CA ALA C 81 31.60 10.22 24.67
C ALA C 81 31.04 8.85 24.25
N GLY C 82 31.57 8.29 23.18
CA GLY C 82 31.09 7.01 22.65
C GLY C 82 32.21 6.18 22.09
N TYR C 83 32.01 4.87 22.10
CA TYR C 83 32.87 3.88 21.41
C TYR C 83 32.16 3.42 20.14
N ALA C 84 32.93 3.11 19.10
CA ALA C 84 32.39 2.48 17.87
C ALA C 84 32.07 1.02 18.21
N ARG C 85 30.99 0.48 17.63
CA ARG C 85 30.71 -0.98 17.67
C ARG C 85 30.21 -1.45 16.30
N LYS C 86 30.76 -2.57 15.85
CA LYS C 86 30.38 -3.25 14.58
C LYS C 86 29.08 -4.01 14.87
N THR C 87 28.15 -3.90 13.92
CA THR C 87 26.85 -4.62 13.90
C THR C 87 26.91 -5.75 12.84
N PHE C 88 26.04 -6.74 13.01
CA PHE C 88 25.84 -7.85 12.07
C PHE C 88 25.71 -7.30 10.65
N GLY C 89 26.43 -7.82 9.67
CA GLY C 89 26.40 -7.30 8.29
C GLY C 89 27.40 -6.16 8.05
N GLY C 90 28.31 -5.90 8.98
CA GLY C 90 29.41 -4.93 8.78
C GLY C 90 29.04 -3.50 9.16
N GLY C 91 27.76 -3.20 9.42
CA GLY C 91 27.32 -1.86 9.85
C GLY C 91 28.15 -1.33 11.01
N VAL C 92 28.19 -0.01 11.23
CA VAL C 92 28.81 0.53 12.47
C VAL C 92 27.86 1.50 13.17
N GLN C 93 27.97 1.46 14.48
CA GLN C 93 27.21 2.31 15.40
C GLN C 93 28.19 2.96 16.36
N ILE C 94 27.74 3.99 17.05
CA ILE C 94 28.54 4.68 18.09
C ILE C 94 27.69 4.67 19.33
N VAL C 95 28.04 3.83 20.30
CA VAL C 95 27.28 3.77 21.60
C VAL C 95 27.86 4.89 22.48
N THR C 96 27.06 5.91 22.80
CA THR C 96 27.49 7.17 23.45
C THR C 96 26.72 7.39 24.74
N GLN C 97 27.41 7.89 25.76
CA GLN C 97 26.82 8.54 26.95
C GLN C 97 26.91 10.05 26.71
N TRP C 98 25.89 10.80 27.11
CA TRP C 98 25.77 12.28 26.99
C TRP C 98 25.36 12.93 28.32
N SER C 99 25.89 14.12 28.55
CA SER C 99 25.46 15.09 29.56
C SER C 99 25.04 16.32 28.78
N LEU C 100 23.92 16.91 29.20
CA LEU C 100 23.38 18.20 28.74
C LEU C 100 23.25 19.07 29.99
N ALA C 101 23.96 20.20 30.05
CA ALA C 101 23.85 21.21 31.13
C ALA C 101 23.02 22.39 30.62
N PHE C 102 22.12 22.91 31.45
CA PHE C 102 21.33 24.14 31.20
C PHE C 102 21.14 24.94 32.51
N VAL C 103 20.74 26.21 32.39
CA VAL C 103 20.35 27.05 33.57
C VAL C 103 18.83 27.20 33.59
N GLY C 104 18.23 27.20 34.79
CA GLY C 104 16.78 27.23 35.02
C GLY C 104 16.41 28.32 36.02
N LYS C 105 15.40 28.07 36.84
CA LYS C 105 14.96 29.02 37.89
C LYS C 105 15.68 28.66 39.20
N ALA C 106 16.07 27.39 39.36
CA ALA C 106 16.77 26.86 40.56
C ALA C 106 18.23 26.59 40.20
N GLY C 107 18.96 27.61 39.76
CA GLY C 107 20.39 27.54 39.40
C GLY C 107 20.58 26.77 38.10
N GLY C 108 21.66 25.99 38.00
CA GLY C 108 21.99 25.11 36.85
C GLY C 108 21.62 23.66 37.12
N LYS C 109 21.37 22.86 36.07
CA LYS C 109 20.99 21.41 36.17
C LYS C 109 21.77 20.60 35.15
N ILE C 110 22.07 19.34 35.43
CA ILE C 110 22.72 18.51 34.39
C ILE C 110 21.95 17.21 34.26
N GLU C 111 21.46 16.94 33.06
CA GLU C 111 20.85 15.65 32.68
C GLU C 111 21.87 14.80 31.94
N THR C 112 21.67 13.49 31.95
CA THR C 112 22.56 12.49 31.33
C THR C 112 21.73 11.40 30.68
N GLY C 113 22.18 10.87 29.56
CA GLY C 113 21.48 9.73 28.92
C GLY C 113 22.38 8.97 28.00
N GLN C 114 21.84 7.93 27.37
CA GLN C 114 22.51 7.15 26.31
C GLN C 114 21.85 7.53 24.98
N ASN C 115 22.61 7.55 23.90
CA ASN C 115 22.16 7.77 22.51
C ASN C 115 22.91 6.71 21.69
N VAL C 116 22.33 6.16 20.61
CA VAL C 116 23.14 5.26 19.74
C VAL C 116 23.04 5.78 18.31
N PHE C 117 24.17 6.18 17.76
CA PHE C 117 24.27 6.78 16.41
C PHE C 117 24.51 5.63 15.43
N THR C 118 23.87 5.65 14.27
CA THR C 118 23.92 4.60 13.24
C THR C 118 24.30 5.25 11.90
N TYR C 119 25.43 4.87 11.32
CA TYR C 119 25.95 5.47 10.07
C TYR C 119 24.97 5.24 8.91
N GLN C 120 24.71 6.29 8.12
CA GLN C 120 23.79 6.28 6.94
C GLN C 120 24.58 6.59 5.67
N ALA C 121 24.64 5.66 4.71
CA ALA C 121 25.36 5.86 3.43
C ALA C 121 24.43 6.57 2.43
N ALA C 122 24.91 7.63 1.79
CA ALA C 122 24.17 8.41 0.77
C ALA C 122 24.06 7.55 -0.51
N THR D 2 29.16 34.66 36.33
CA THR D 2 29.07 35.53 35.10
C THR D 2 28.62 34.63 33.93
N ASP D 3 28.91 35.04 32.69
CA ASP D 3 28.65 34.27 31.44
C ASP D 3 29.98 34.18 30.64
N PHE D 4 30.36 32.96 30.28
CA PHE D 4 31.57 32.63 29.48
C PHE D 4 31.82 33.66 28.38
N ASP D 5 30.80 34.19 27.70
CA ASP D 5 30.98 35.15 26.57
C ASP D 5 32.00 36.21 27.01
N SER D 6 32.12 36.43 28.32
CA SER D 6 33.10 37.33 28.98
C SER D 6 34.48 36.67 29.13
N LEU D 7 34.82 35.67 28.32
CA LEU D 7 36.20 35.11 28.22
C LEU D 7 36.66 35.15 26.77
N SER D 8 36.00 35.94 25.90
CA SER D 8 36.50 36.24 24.53
C SER D 8 37.99 36.62 24.61
N GLY D 9 38.83 35.88 23.91
CA GLY D 9 40.27 36.18 23.70
C GLY D 9 41.07 36.10 24.99
N THR D 10 40.78 35.13 25.86
CA THR D 10 41.51 34.90 27.14
C THR D 10 42.02 33.47 27.17
N SER D 11 43.19 33.24 27.78
CA SER D 11 43.58 31.94 28.38
C SER D 11 43.15 31.95 29.84
N THR D 12 42.68 30.82 30.33
CA THR D 12 42.11 30.69 31.69
C THR D 12 42.40 29.26 32.15
N THR D 13 43.10 29.10 33.27
CA THR D 13 43.42 27.77 33.84
C THR D 13 42.35 27.41 34.86
N TRP D 14 41.97 26.13 34.90
CA TRP D 14 41.00 25.54 35.86
C TRP D 14 41.55 24.23 36.37
N VAL D 15 41.27 23.90 37.62
CA VAL D 15 41.74 22.65 38.29
C VAL D 15 40.53 21.93 38.94
N ASN D 16 40.46 20.60 38.90
CA ASN D 16 39.29 19.93 39.49
C ASN D 16 39.70 19.19 40.77
N GLU D 17 38.72 18.56 41.43
CA GLU D 17 38.89 17.97 42.78
C GLU D 17 39.82 16.76 42.66
N LEU D 18 39.95 16.19 41.46
CA LEU D 18 40.95 15.13 41.15
C LEU D 18 42.33 15.76 40.90
N GLY D 19 42.44 17.08 40.91
CA GLY D 19 43.73 17.79 40.71
C GLY D 19 44.12 17.83 39.25
N SER D 20 43.20 17.47 38.35
CA SER D 20 43.39 17.61 36.88
C SER D 20 43.38 19.08 36.53
N VAL D 21 44.11 19.48 35.52
CA VAL D 21 44.23 20.90 35.15
C VAL D 21 44.00 21.05 33.64
N MET D 22 43.09 21.94 33.27
CA MET D 22 42.94 22.40 31.88
C MET D 22 43.29 23.89 31.82
N THR D 23 43.83 24.29 30.69
CA THR D 23 44.02 25.68 30.25
C THR D 23 43.19 25.83 28.97
N ILE D 24 42.20 26.73 28.98
CA ILE D 24 41.22 26.88 27.86
C ILE D 24 41.39 28.27 27.25
N ASP D 25 41.39 28.32 25.92
CA ASP D 25 41.41 29.57 25.12
C ASP D 25 40.05 29.75 24.42
N VAL D 26 39.26 30.72 24.87
CA VAL D 26 37.88 30.95 24.37
C VAL D 26 37.94 32.11 23.38
N ASP D 27 37.52 31.90 22.12
CA ASP D 27 37.56 32.93 21.05
C ASP D 27 36.27 33.76 21.18
N ARG D 28 36.14 34.84 20.40
CA ARG D 28 34.96 35.75 20.43
C ARG D 28 33.68 34.99 20.09
N LYS D 29 33.76 33.92 19.28
CA LYS D 29 32.60 33.17 18.73
C LYS D 29 32.13 32.10 19.71
N GLY D 30 32.81 31.93 20.85
CA GLY D 30 32.51 30.91 21.87
C GLY D 30 33.43 29.68 21.79
N GLY D 31 34.14 29.48 20.69
CA GLY D 31 35.03 28.32 20.50
C GLY D 31 36.03 28.17 21.63
N VAL D 32 36.17 26.93 22.16
CA VAL D 32 37.12 26.56 23.25
C VAL D 32 38.21 25.64 22.69
N THR D 33 39.46 26.08 22.65
CA THR D 33 40.65 25.19 22.47
C THR D 33 41.46 25.23 23.77
N GLY D 34 42.47 24.36 23.91
CA GLY D 34 43.27 24.27 25.15
C GLY D 34 44.02 22.97 25.32
N TYR D 35 44.61 22.76 26.50
N TYR D 35 44.54 22.74 26.52
CA TYR D 35 45.22 21.47 26.91
CA TYR D 35 45.22 21.48 26.91
C TYR D 35 44.60 21.02 28.24
C TYR D 35 44.62 21.02 28.24
N TYR D 36 44.73 19.73 28.55
CA TYR D 36 44.10 19.07 29.71
C TYR D 36 45.12 18.07 30.25
N VAL D 37 45.51 18.21 31.52
CA VAL D 37 46.47 17.32 32.21
C VAL D 37 45.65 16.46 33.20
N ASN D 38 45.49 15.18 32.91
CA ASN D 38 44.77 14.29 33.84
C ASN D 38 45.69 14.07 35.05
N ASN D 39 45.10 13.83 36.23
CA ASN D 39 45.83 13.68 37.53
C ASN D 39 45.12 12.64 38.39
N ALA D 40 44.07 12.01 37.89
CA ALA D 40 43.12 11.22 38.74
C ALA D 40 43.77 9.91 39.14
N PRO D 41 43.88 9.60 40.46
CA PRO D 41 44.12 8.22 40.89
C PRO D 41 43.40 7.19 40.03
N GLY D 42 44.08 6.09 39.73
CA GLY D 42 43.50 4.93 39.04
C GLY D 42 43.66 5.02 37.54
N THR D 43 43.91 6.22 37.05
CA THR D 43 43.69 6.57 35.62
C THR D 43 45.01 6.57 34.89
N GLY D 44 44.97 6.33 33.57
CA GLY D 44 46.14 6.35 32.68
C GLY D 44 46.32 7.74 32.12
N CYS D 45 47.30 7.91 31.24
CA CYS D 45 47.53 9.17 30.51
C CYS D 45 47.59 10.31 31.52
N ARG D 46 48.38 10.14 32.58
CA ARG D 46 48.60 11.17 33.62
C ARG D 46 49.81 12.09 33.27
N GLY D 47 49.79 13.31 33.82
CA GLY D 47 50.93 14.26 33.74
C GLY D 47 51.22 14.81 32.34
N LEU D 48 50.45 14.46 31.32
CA LEU D 48 50.75 14.95 29.95
C LEU D 48 49.63 15.86 29.45
N PRO D 49 50.01 16.91 28.69
CA PRO D 49 49.05 17.77 28.01
C PRO D 49 48.37 16.96 26.92
N TYR D 50 47.05 16.98 26.94
CA TYR D 50 46.14 16.45 25.92
C TYR D 50 45.32 17.64 25.37
N ASP D 51 45.25 17.75 24.04
CA ASP D 51 44.39 18.69 23.28
C ASP D 51 42.95 18.60 23.81
N LEU D 52 42.23 19.73 23.88
CA LEU D 52 40.77 19.74 24.17
C LEU D 52 40.09 20.81 23.32
N SER D 53 38.96 20.44 22.72
CA SER D 53 38.13 21.30 21.85
C SER D 53 36.70 21.22 22.36
N GLY D 54 36.06 22.38 22.42
CA GLY D 54 34.70 22.58 22.94
C GLY D 54 34.15 23.93 22.53
N HIS D 55 33.21 24.44 23.28
CA HIS D 55 32.40 25.62 22.95
C HIS D 55 31.70 26.06 24.24
N ALA D 56 31.62 27.37 24.44
CA ALA D 56 30.95 28.01 25.59
C ALA D 56 29.98 29.01 25.00
N HIS D 57 28.89 29.27 25.72
CA HIS D 57 27.86 30.28 25.37
C HIS D 57 26.95 30.51 26.57
N GLY D 58 26.77 31.78 26.91
CA GLY D 58 26.08 32.18 28.15
C GLY D 58 26.76 31.53 29.33
N SER D 59 26.03 30.74 30.10
CA SER D 59 26.51 30.14 31.38
C SER D 59 26.73 28.63 31.25
N THR D 60 26.85 28.10 30.01
CA THR D 60 27.12 26.66 29.76
C THR D 60 28.33 26.49 28.83
N ILE D 61 29.12 25.43 29.09
CA ILE D 61 30.31 25.02 28.31
C ILE D 61 30.25 23.50 28.10
N ALA D 62 30.82 23.04 26.99
CA ALA D 62 31.06 21.60 26.72
C ALA D 62 32.39 21.46 25.96
N PHE D 63 33.21 20.51 26.39
CA PHE D 63 34.53 20.18 25.79
C PHE D 63 34.75 18.68 25.90
N SER D 64 35.76 18.22 25.18
CA SER D 64 36.08 16.80 24.89
C SER D 64 37.60 16.66 24.77
N VAL D 65 38.12 15.54 25.25
CA VAL D 65 39.56 15.18 25.18
C VAL D 65 39.66 13.73 24.75
N VAL D 66 40.39 13.45 23.69
CA VAL D 66 40.68 12.07 23.20
C VAL D 66 42.04 11.70 23.79
N TRP D 67 42.08 10.73 24.72
CA TRP D 67 43.30 10.38 25.50
C TRP D 67 44.37 9.76 24.61
N SER D 68 44.85 10.52 23.65
CA SER D 68 45.92 10.12 22.72
C SER D 68 46.67 11.37 22.26
N ASN D 69 48.00 11.41 22.43
CA ASN D 69 48.83 12.58 22.02
C ASN D 69 50.10 12.15 21.31
N GLY D 70 50.29 10.86 21.01
CA GLY D 70 51.56 10.33 20.43
C GLY D 70 52.61 9.97 21.48
N ILE D 71 52.33 10.17 22.76
CA ILE D 71 53.23 9.82 23.90
C ILE D 71 52.53 8.73 24.71
N ALA D 72 51.19 8.69 24.77
CA ALA D 72 50.43 7.67 25.53
C ALA D 72 48.97 7.62 25.06
N ASP D 73 48.48 6.45 24.65
CA ASP D 73 47.11 6.28 24.10
C ASP D 73 46.31 5.36 25.01
N CYS D 74 45.47 5.93 25.88
CA CYS D 74 44.58 5.18 26.81
C CYS D 74 43.34 4.66 26.07
N ARG D 75 43.34 4.67 24.73
CA ARG D 75 42.30 3.98 23.94
C ARG D 75 40.94 4.43 24.48
N SER D 76 40.74 5.73 24.64
CA SER D 76 39.53 6.31 25.27
C SER D 76 39.36 7.80 24.96
N ALA D 77 38.16 8.29 25.27
CA ALA D 77 37.77 9.72 25.12
C ALA D 77 36.86 10.12 26.25
N THR D 78 37.00 11.34 26.73
CA THR D 78 36.08 11.94 27.73
C THR D 78 35.49 13.18 27.08
N SER D 79 34.22 13.46 27.38
CA SER D 79 33.53 14.74 27.12
C SER D 79 32.77 15.19 28.38
N TRP D 80 32.89 16.47 28.70
CA TRP D 80 32.20 17.18 29.81
C TRP D 80 31.17 18.16 29.26
N ALA D 81 30.23 18.51 30.12
CA ALA D 81 29.15 19.49 29.90
C ALA D 81 28.88 20.13 31.26
N GLY D 82 28.86 21.46 31.29
CA GLY D 82 28.82 22.16 32.56
C GLY D 82 28.29 23.58 32.45
N TYR D 83 27.95 24.11 33.62
CA TYR D 83 27.54 25.51 33.84
C TYR D 83 28.52 26.13 34.82
N ALA D 84 28.88 27.38 34.57
CA ALA D 84 29.74 28.19 35.44
C ALA D 84 28.88 28.68 36.59
N ARG D 85 29.46 28.83 37.76
CA ARG D 85 28.75 29.19 39.01
C ARG D 85 29.70 30.08 39.81
N LYS D 86 29.28 31.29 40.21
CA LYS D 86 30.14 32.15 41.07
C LYS D 86 30.10 31.58 42.50
N THR D 87 31.13 31.91 43.28
CA THR D 87 31.36 31.40 44.65
C THR D 87 31.55 32.62 45.57
N PHE D 88 31.22 32.50 46.85
CA PHE D 88 31.48 33.59 47.84
C PHE D 88 32.93 34.07 47.63
N GLY D 89 33.13 35.38 47.56
CA GLY D 89 34.44 36.01 47.29
C GLY D 89 34.57 36.51 45.86
N GLY D 90 33.70 36.02 44.96
CA GLY D 90 33.71 36.37 43.53
C GLY D 90 34.58 35.40 42.78
N GLY D 91 34.85 34.23 43.37
CA GLY D 91 35.39 33.10 42.61
C GLY D 91 34.37 32.60 41.59
N VAL D 92 34.82 31.76 40.66
CA VAL D 92 33.94 31.09 39.67
C VAL D 92 34.40 29.63 39.55
N GLN D 93 33.44 28.73 39.58
CA GLN D 93 33.67 27.30 39.29
C GLN D 93 32.84 26.93 38.08
N ILE D 94 33.15 25.79 37.47
CA ILE D 94 32.35 25.11 36.42
C ILE D 94 31.95 23.77 37.01
N VAL D 95 30.68 23.58 37.30
CA VAL D 95 30.14 22.25 37.73
C VAL D 95 29.88 21.46 36.45
N THR D 96 30.34 20.21 36.40
CA THR D 96 30.32 19.38 35.18
C THR D 96 29.83 17.98 35.49
N GLN D 97 29.39 17.31 34.44
CA GLN D 97 29.12 15.85 34.37
C GLN D 97 29.97 15.34 33.22
N TRP D 98 30.76 14.30 33.44
CA TRP D 98 31.68 13.81 32.39
C TRP D 98 31.26 12.41 31.98
N SER D 99 31.77 11.95 30.85
CA SER D 99 31.46 10.64 30.22
C SER D 99 32.75 10.18 29.54
N LEU D 100 33.19 8.98 29.88
CA LEU D 100 34.48 8.42 29.42
C LEU D 100 34.14 7.10 28.75
N ALA D 101 34.40 6.95 27.47
CA ALA D 101 34.28 5.67 26.76
C ALA D 101 35.68 5.14 26.51
N PHE D 102 35.88 3.84 26.75
CA PHE D 102 37.11 3.09 26.36
C PHE D 102 36.73 1.78 25.70
N VAL D 103 37.71 1.19 25.02
CA VAL D 103 37.60 -0.20 24.51
C VAL D 103 38.77 -0.98 25.07
N GLY D 104 38.49 -1.84 26.06
CA GLY D 104 39.41 -2.88 26.57
C GLY D 104 39.23 -4.22 25.85
N LYS D 105 39.81 -5.27 26.41
CA LYS D 105 39.71 -6.67 25.88
C LYS D 105 38.24 -7.13 25.88
N ALA D 106 37.44 -6.82 26.92
CA ALA D 106 36.03 -7.24 27.02
C ALA D 106 35.08 -6.18 26.43
N GLY D 107 35.38 -5.67 25.21
CA GLY D 107 34.52 -4.76 24.41
C GLY D 107 34.52 -3.33 24.93
N GLY D 108 33.46 -2.56 24.59
CA GLY D 108 33.30 -1.13 24.92
C GLY D 108 32.68 -0.94 26.30
N LYS D 109 33.06 0.11 27.01
CA LYS D 109 32.45 0.50 28.31
C LYS D 109 32.43 2.01 28.41
N ILE D 110 31.65 2.52 29.36
CA ILE D 110 31.39 3.97 29.54
C ILE D 110 31.21 4.22 31.02
N GLU D 111 32.02 5.08 31.60
CA GLU D 111 31.86 5.51 33.01
C GLU D 111 31.42 6.96 32.92
N THR D 112 30.59 7.40 33.85
CA THR D 112 30.27 8.83 34.13
C THR D 112 30.72 9.22 35.54
N GLY D 113 30.62 10.50 35.87
CA GLY D 113 30.95 11.08 37.18
C GLY D 113 30.90 12.58 37.08
N GLN D 114 31.02 13.26 38.21
CA GLN D 114 30.97 14.74 38.31
C GLN D 114 32.39 15.26 38.54
N ASN D 115 32.78 16.33 37.85
CA ASN D 115 34.02 17.09 38.13
C ASN D 115 33.57 18.49 38.50
N VAL D 116 34.33 19.24 39.32
CA VAL D 116 34.05 20.68 39.63
C VAL D 116 35.35 21.46 39.45
N PHE D 117 35.53 22.06 38.28
CA PHE D 117 36.72 22.88 37.89
C PHE D 117 36.62 24.24 38.58
N THR D 118 37.74 24.76 39.09
CA THR D 118 37.82 26.03 39.84
C THR D 118 38.82 26.93 39.14
N TYR D 119 38.49 28.19 38.90
CA TYR D 119 39.35 29.17 38.20
C TYR D 119 40.61 29.39 39.02
N GLN D 120 41.77 29.57 38.38
CA GLN D 120 43.06 29.91 39.03
C GLN D 120 43.80 30.96 38.22
N ALA D 121 43.93 32.16 38.80
CA ALA D 121 44.55 33.34 38.17
C ALA D 121 46.07 33.28 38.35
N ALA D 122 46.80 33.56 37.26
CA ALA D 122 48.27 33.47 37.12
C ALA D 122 48.95 34.46 38.09
N THR E 2 -5.61 27.37 -14.57
CA THR E 2 -6.09 25.93 -14.62
C THR E 2 -6.30 25.40 -13.18
N ASP E 3 -6.16 26.25 -12.15
CA ASP E 3 -6.05 25.79 -10.74
C ASP E 3 -7.01 26.56 -9.82
N PHE E 4 -7.73 25.82 -8.97
CA PHE E 4 -8.74 26.33 -8.00
C PHE E 4 -8.10 26.50 -6.63
N ASP E 5 -6.91 25.95 -6.39
CA ASP E 5 -6.18 26.15 -5.11
C ASP E 5 -5.60 27.57 -5.14
N SER E 6 -5.41 28.14 -6.33
CA SER E 6 -5.03 29.57 -6.56
C SER E 6 -6.29 30.42 -6.73
N LEU E 7 -7.36 30.13 -5.96
CA LEU E 7 -8.63 30.93 -5.91
C LEU E 7 -9.07 31.17 -4.45
N SER E 8 -8.23 30.83 -3.46
CA SER E 8 -8.54 30.84 -2.01
C SER E 8 -9.05 32.22 -1.56
N GLY E 9 -9.99 32.24 -0.62
CA GLY E 9 -10.50 33.47 0.03
C GLY E 9 -10.95 34.55 -0.94
N THR E 10 -11.06 34.23 -2.25
CA THR E 10 -11.67 35.10 -3.31
C THR E 10 -13.10 34.65 -3.64
N SER E 11 -13.90 35.61 -4.12
CA SER E 11 -15.27 35.46 -4.68
C SER E 11 -15.24 35.74 -6.20
N THR E 12 -15.33 34.69 -7.00
CA THR E 12 -15.25 34.71 -8.47
C THR E 12 -16.64 34.46 -9.07
N THR E 13 -16.98 35.16 -10.15
CA THR E 13 -18.30 35.05 -10.83
C THR E 13 -18.12 34.28 -12.14
N TRP E 14 -19.11 33.46 -12.49
CA TRP E 14 -19.02 32.50 -13.62
C TRP E 14 -20.33 32.46 -14.40
N VAL E 15 -20.29 32.24 -15.71
CA VAL E 15 -21.54 32.28 -16.52
C VAL E 15 -21.48 31.21 -17.62
N ASN E 16 -22.51 30.39 -17.78
CA ASN E 16 -22.54 29.30 -18.80
C ASN E 16 -23.33 29.73 -20.06
N GLU E 17 -23.38 28.83 -21.05
CA GLU E 17 -23.97 29.03 -22.40
C GLU E 17 -25.44 29.45 -22.28
N LEU E 18 -26.11 29.02 -21.21
CA LEU E 18 -27.56 29.26 -20.98
C LEU E 18 -27.73 30.64 -20.30
N GLY E 19 -26.62 31.15 -19.76
CA GLY E 19 -26.57 32.49 -19.16
C GLY E 19 -26.97 32.46 -17.71
N SER E 20 -27.09 31.27 -17.11
CA SER E 20 -27.12 31.10 -15.63
C SER E 20 -25.84 31.74 -15.07
N VAL E 21 -25.87 32.23 -13.84
CA VAL E 21 -24.66 32.80 -13.20
C VAL E 21 -24.44 32.21 -11.80
N MET E 22 -23.23 31.68 -11.56
CA MET E 22 -22.75 31.26 -10.20
C MET E 22 -21.58 32.15 -9.73
N THR E 23 -21.62 32.53 -8.45
CA THR E 23 -20.63 33.37 -7.73
C THR E 23 -20.08 32.52 -6.60
N ILE E 24 -18.87 31.94 -6.75
CA ILE E 24 -18.39 30.90 -5.79
C ILE E 24 -17.28 31.45 -4.91
N ASP E 25 -17.36 31.18 -3.60
CA ASP E 25 -16.34 31.51 -2.57
C ASP E 25 -15.58 30.21 -2.26
N VAL E 26 -14.33 30.12 -2.71
CA VAL E 26 -13.36 29.05 -2.34
C VAL E 26 -12.67 29.43 -1.03
N ASP E 27 -12.63 28.54 -0.03
CA ASP E 27 -11.85 28.74 1.23
C ASP E 27 -10.46 28.11 1.01
N ARG E 28 -9.53 28.29 1.94
CA ARG E 28 -8.10 27.87 1.78
C ARG E 28 -8.03 26.34 1.84
N LYS E 29 -9.02 25.68 2.46
CA LYS E 29 -9.07 24.20 2.55
C LYS E 29 -9.56 23.60 1.22
N GLY E 30 -10.19 24.39 0.34
CA GLY E 30 -10.71 23.95 -0.97
C GLY E 30 -12.24 23.93 -1.05
N GLY E 31 -12.93 23.93 0.10
CA GLY E 31 -14.40 24.05 0.20
C GLY E 31 -14.97 25.23 -0.59
N VAL E 32 -16.17 25.03 -1.13
CA VAL E 32 -16.89 25.99 -2.02
C VAL E 32 -18.26 26.28 -1.41
N THR E 33 -18.60 27.56 -1.31
CA THR E 33 -19.94 28.09 -1.01
C THR E 33 -20.17 29.34 -1.83
N GLY E 34 -21.42 29.57 -2.25
CA GLY E 34 -21.77 30.61 -3.23
C GLY E 34 -23.26 30.59 -3.46
N TYR E 35 -23.71 31.20 -4.56
CA TYR E 35 -25.12 31.19 -5.00
C TYR E 35 -25.13 30.98 -6.53
N TYR E 36 -26.22 30.40 -7.05
CA TYR E 36 -26.39 29.96 -8.45
C TYR E 36 -27.70 30.58 -8.96
N VAL E 37 -27.69 31.17 -10.15
CA VAL E 37 -28.89 31.83 -10.75
C VAL E 37 -29.16 31.14 -12.09
N ASN E 38 -30.25 30.34 -12.14
CA ASN E 38 -30.63 29.55 -13.34
C ASN E 38 -31.36 30.47 -14.32
N ASN E 39 -31.09 30.30 -15.62
CA ASN E 39 -31.66 31.12 -16.70
C ASN E 39 -32.15 30.20 -17.81
N ALA E 40 -32.25 28.91 -17.55
CA ALA E 40 -32.37 27.86 -18.59
C ALA E 40 -33.77 27.91 -19.18
N PRO E 41 -33.91 28.06 -20.52
CA PRO E 41 -35.19 27.81 -21.18
C PRO E 41 -35.95 26.59 -20.66
N GLY E 42 -37.26 26.73 -20.44
CA GLY E 42 -38.15 25.63 -20.03
C GLY E 42 -37.61 24.87 -18.84
N THR E 43 -37.06 25.60 -17.88
CA THR E 43 -36.75 25.12 -16.51
C THR E 43 -37.48 26.05 -15.53
N GLY E 44 -37.70 25.60 -14.31
CA GLY E 44 -38.24 26.46 -13.24
C GLY E 44 -37.12 27.20 -12.52
N CYS E 45 -37.43 27.73 -11.34
CA CYS E 45 -36.42 28.29 -10.42
C CYS E 45 -35.47 29.26 -11.15
N ARG E 46 -35.99 30.16 -11.98
CA ARG E 46 -35.16 31.11 -12.80
C ARG E 46 -35.08 32.50 -12.15
N GLY E 47 -33.91 33.14 -12.23
CA GLY E 47 -33.67 34.55 -11.88
C GLY E 47 -33.60 34.78 -10.38
N LEU E 48 -33.41 33.72 -9.58
CA LEU E 48 -33.32 33.83 -8.09
C LEU E 48 -32.03 33.17 -7.63
N PRO E 49 -31.36 33.77 -6.60
CA PRO E 49 -30.19 33.16 -5.99
C PRO E 49 -30.57 31.85 -5.30
N TYR E 50 -29.82 30.78 -5.57
CA TYR E 50 -30.03 29.46 -4.93
C TYR E 50 -28.71 29.09 -4.23
N ASP E 51 -28.76 28.68 -2.96
CA ASP E 51 -27.54 28.38 -2.16
C ASP E 51 -26.77 27.27 -2.88
N LEU E 52 -25.46 27.43 -3.04
CA LEU E 52 -24.59 26.40 -3.67
C LEU E 52 -23.44 26.04 -2.72
N SER E 53 -23.01 24.77 -2.76
CA SER E 53 -21.96 24.15 -1.92
C SER E 53 -21.22 23.08 -2.73
N GLY E 54 -19.99 22.77 -2.32
CA GLY E 54 -19.10 21.83 -3.03
C GLY E 54 -17.65 22.00 -2.60
N HIS E 55 -16.71 21.67 -3.48
CA HIS E 55 -15.27 21.62 -3.15
C HIS E 55 -14.47 21.68 -4.45
N ALA E 56 -13.29 22.29 -4.41
CA ALA E 56 -12.34 22.40 -5.54
C ALA E 56 -10.98 21.96 -5.07
N HIS E 57 -10.16 21.51 -6.01
CA HIS E 57 -8.86 20.85 -5.74
C HIS E 57 -8.09 20.73 -7.05
N GLY E 58 -6.86 21.24 -7.06
CA GLY E 58 -6.10 21.43 -8.29
C GLY E 58 -7.03 21.90 -9.38
N SER E 59 -7.16 21.10 -10.42
CA SER E 59 -7.88 21.46 -11.66
C SER E 59 -9.34 21.01 -11.60
N THR E 60 -9.86 20.53 -10.47
CA THR E 60 -11.21 19.93 -10.49
C THR E 60 -12.10 20.53 -9.43
N ILE E 61 -13.40 20.47 -9.70
CA ILE E 61 -14.43 21.02 -8.78
C ILE E 61 -15.71 20.21 -8.97
N ALA E 62 -16.43 20.04 -7.88
CA ALA E 62 -17.77 19.44 -7.82
C ALA E 62 -18.60 20.39 -6.97
N PHE E 63 -19.77 20.83 -7.43
CA PHE E 63 -20.67 21.67 -6.61
C PHE E 63 -22.11 21.23 -6.87
N SER E 64 -23.03 21.57 -5.97
CA SER E 64 -24.44 21.13 -6.04
C SER E 64 -25.34 22.30 -5.66
N VAL E 65 -26.54 22.32 -6.25
CA VAL E 65 -27.66 23.23 -5.90
C VAL E 65 -28.91 22.39 -5.65
N VAL E 66 -29.60 22.63 -4.55
CA VAL E 66 -30.96 22.12 -4.30
C VAL E 66 -31.95 23.25 -4.55
N TRP E 67 -32.82 23.08 -5.54
CA TRP E 67 -33.69 24.18 -6.04
C TRP E 67 -34.81 24.38 -5.03
N SER E 68 -34.44 24.80 -3.82
CA SER E 68 -35.36 25.33 -2.81
C SER E 68 -34.65 26.43 -2.02
N ASN E 69 -35.13 27.68 -2.11
CA ASN E 69 -34.49 28.88 -1.50
C ASN E 69 -35.49 29.76 -0.72
N GLY E 70 -36.65 29.24 -0.35
CA GLY E 70 -37.68 30.00 0.38
C GLY E 70 -38.70 30.65 -0.55
N ILE E 71 -38.29 31.03 -1.75
CA ILE E 71 -39.08 31.86 -2.70
C ILE E 71 -39.74 30.95 -3.72
N ALA E 72 -39.05 29.88 -4.14
CA ALA E 72 -39.32 29.08 -5.35
C ALA E 72 -38.63 27.72 -5.27
N ASP E 73 -39.45 26.65 -5.24
CA ASP E 73 -39.11 25.26 -4.89
C ASP E 73 -39.43 24.33 -6.06
N CYS E 74 -38.46 23.95 -6.89
CA CYS E 74 -38.72 23.04 -8.04
C CYS E 74 -38.64 21.57 -7.60
N ARG E 75 -38.51 21.31 -6.30
CA ARG E 75 -38.64 19.94 -5.78
C ARG E 75 -37.65 19.11 -6.61
N SER E 76 -36.42 19.58 -6.72
CA SER E 76 -35.39 19.00 -7.60
C SER E 76 -34.01 19.43 -7.14
N ALA E 77 -32.96 18.87 -7.73
CA ALA E 77 -31.57 19.21 -7.35
C ALA E 77 -30.58 18.82 -8.43
N THR E 78 -29.58 19.67 -8.62
CA THR E 78 -28.56 19.52 -9.66
C THR E 78 -27.17 19.50 -9.04
N SER E 79 -26.32 18.60 -9.51
CA SER E 79 -24.89 18.47 -9.12
C SER E 79 -24.02 18.53 -10.37
N TRP E 80 -22.88 19.17 -10.18
CA TRP E 80 -21.89 19.45 -11.24
C TRP E 80 -20.54 18.91 -10.76
N ALA E 81 -19.85 18.20 -11.65
CA ALA E 81 -18.39 17.98 -11.60
C ALA E 81 -17.84 18.53 -12.90
N GLY E 82 -16.76 19.30 -12.82
CA GLY E 82 -16.03 19.77 -14.00
C GLY E 82 -14.54 19.87 -13.78
N TYR E 83 -13.78 20.02 -14.87
CA TYR E 83 -12.37 20.50 -14.85
C TYR E 83 -12.28 21.93 -15.39
N ALA E 84 -11.22 22.62 -14.95
CA ALA E 84 -10.85 24.00 -15.34
C ALA E 84 -10.03 23.91 -16.62
N ARG E 85 -10.01 24.98 -17.40
CA ARG E 85 -9.45 25.01 -18.77
C ARG E 85 -9.06 26.45 -19.09
N LYS E 86 -7.77 26.68 -19.40
CA LYS E 86 -7.24 28.00 -19.83
C LYS E 86 -7.57 28.22 -21.30
N THR E 87 -7.84 29.46 -21.67
CA THR E 87 -8.37 29.88 -23.00
C THR E 87 -7.31 30.79 -23.65
N PHE E 88 -7.01 30.62 -24.94
CA PHE E 88 -6.12 31.58 -25.63
C PHE E 88 -6.42 32.99 -25.08
N GLY E 89 -5.41 33.71 -24.60
CA GLY E 89 -5.56 35.09 -24.08
C GLY E 89 -5.62 35.16 -22.56
N GLY E 90 -5.56 34.02 -21.87
CA GLY E 90 -5.40 33.98 -20.41
C GLY E 90 -6.71 34.22 -19.66
N GLY E 91 -7.80 33.63 -20.16
CA GLY E 91 -9.01 33.38 -19.38
C GLY E 91 -8.99 31.97 -18.80
N VAL E 92 -9.93 31.66 -17.91
CA VAL E 92 -10.20 30.26 -17.47
C VAL E 92 -11.69 29.92 -17.66
N GLN E 93 -11.99 28.71 -18.13
CA GLN E 93 -13.36 28.12 -18.16
C GLN E 93 -13.41 26.88 -17.24
N ILE E 94 -14.58 26.57 -16.68
CA ILE E 94 -14.88 25.24 -16.06
C ILE E 94 -15.73 24.42 -17.02
N VAL E 95 -15.32 23.22 -17.38
CA VAL E 95 -16.17 22.31 -18.23
C VAL E 95 -16.82 21.24 -17.35
N THR E 96 -18.14 21.14 -17.33
CA THR E 96 -18.89 20.34 -16.36
C THR E 96 -19.88 19.38 -17.03
N GLN E 97 -20.19 18.30 -16.32
CA GLN E 97 -21.32 17.38 -16.53
C GLN E 97 -22.26 17.64 -15.38
N TRP E 98 -23.55 17.76 -15.68
CA TRP E 98 -24.57 17.99 -14.62
C TRP E 98 -25.61 16.87 -14.67
N SER E 99 -26.18 16.63 -13.51
CA SER E 99 -27.19 15.61 -13.27
C SER E 99 -28.22 16.30 -12.38
N LEU E 100 -29.40 16.49 -12.95
CA LEU E 100 -30.60 17.05 -12.32
C LEU E 100 -31.52 15.89 -11.92
N ALA E 101 -31.96 15.88 -10.67
CA ALA E 101 -32.87 14.88 -10.10
C ALA E 101 -34.14 15.60 -9.63
N PHE E 102 -35.32 15.16 -10.07
CA PHE E 102 -36.65 15.73 -9.70
C PHE E 102 -37.70 14.62 -9.55
N VAL E 103 -38.88 14.95 -9.01
CA VAL E 103 -40.05 14.02 -8.90
C VAL E 103 -41.29 14.63 -9.60
N GLY E 104 -41.53 14.18 -10.83
CA GLY E 104 -42.72 14.53 -11.62
C GLY E 104 -43.92 13.69 -11.24
N LYS E 105 -44.98 13.78 -12.06
CA LYS E 105 -46.24 13.01 -11.92
C LYS E 105 -45.91 11.52 -12.06
N ALA E 106 -44.85 11.20 -12.81
CA ALA E 106 -44.38 9.83 -13.12
C ALA E 106 -43.06 9.56 -12.37
N GLY E 107 -43.16 9.41 -11.04
CA GLY E 107 -42.07 9.13 -10.08
C GLY E 107 -40.88 10.07 -10.21
N GLY E 108 -39.72 9.66 -9.70
CA GLY E 108 -38.42 10.38 -9.79
C GLY E 108 -37.70 10.17 -11.13
N LYS E 109 -37.16 11.22 -11.71
CA LYS E 109 -36.43 11.19 -13.00
C LYS E 109 -35.06 11.78 -12.76
N ILE E 110 -34.12 11.57 -13.68
CA ILE E 110 -32.77 12.14 -13.59
C ILE E 110 -32.29 12.54 -14.99
N GLU E 111 -32.12 13.83 -15.24
CA GLU E 111 -31.58 14.32 -16.53
C GLU E 111 -30.08 14.63 -16.37
N THR E 112 -29.36 14.67 -17.47
CA THR E 112 -27.95 15.11 -17.50
C THR E 112 -27.78 16.13 -18.62
N GLY E 113 -26.67 16.86 -18.58
CA GLY E 113 -26.22 17.70 -19.69
C GLY E 113 -24.84 18.22 -19.40
N GLN E 114 -24.30 19.01 -20.33
CA GLN E 114 -22.99 19.69 -20.19
C GLN E 114 -23.26 21.15 -19.83
N ASN E 115 -22.30 21.82 -19.24
CA ASN E 115 -22.33 23.29 -19.03
C ASN E 115 -20.88 23.74 -19.18
N VAL E 116 -20.60 24.79 -19.94
CA VAL E 116 -19.24 25.41 -19.88
C VAL E 116 -19.30 26.79 -19.20
N PHE E 117 -18.86 26.86 -17.94
CA PHE E 117 -18.79 28.12 -17.15
C PHE E 117 -17.54 28.90 -17.53
N THR E 118 -17.68 30.22 -17.58
CA THR E 118 -16.67 31.16 -18.10
C THR E 118 -16.46 32.27 -17.08
N TYR E 119 -15.19 32.59 -16.75
CA TYR E 119 -14.84 33.49 -15.62
C TYR E 119 -15.28 34.90 -15.99
N GLN E 120 -15.69 35.71 -15.01
CA GLN E 120 -16.00 37.15 -15.19
C GLN E 120 -15.30 37.99 -14.11
N ALA E 121 -14.67 39.09 -14.56
CA ALA E 121 -13.77 39.98 -13.77
C ALA E 121 -14.40 41.36 -13.55
N ALA E 122 -15.04 41.56 -12.39
CA ALA E 122 -15.73 42.81 -11.93
C ALA E 122 -17.24 42.63 -12.08
N THR F 2 -39.60 9.58 0.56
CA THR F 2 -40.52 10.72 0.15
C THR F 2 -40.26 12.00 1.00
N ASP F 3 -39.35 12.04 2.00
CA ASP F 3 -38.93 13.34 2.61
C ASP F 3 -37.64 13.23 3.43
N PHE F 4 -36.57 13.85 2.94
CA PHE F 4 -35.25 13.95 3.62
C PHE F 4 -35.37 14.89 4.81
N ASP F 5 -36.29 15.86 4.78
CA ASP F 5 -36.53 16.80 5.91
C ASP F 5 -36.70 15.95 7.18
N SER F 6 -37.24 14.74 7.04
CA SER F 6 -37.49 13.79 8.15
C SER F 6 -36.23 12.97 8.52
N LEU F 7 -35.02 13.49 8.31
CA LEU F 7 -33.76 12.89 8.79
C LEU F 7 -32.97 13.95 9.57
N SER F 8 -33.63 15.01 10.02
CA SER F 8 -32.93 16.18 10.61
C SER F 8 -32.34 15.73 11.94
N GLY F 9 -31.12 16.20 12.23
CA GLY F 9 -30.36 15.86 13.45
C GLY F 9 -30.00 14.39 13.55
N THR F 10 -30.03 13.63 12.44
CA THR F 10 -29.68 12.17 12.43
C THR F 10 -28.53 11.86 11.46
N SER F 11 -27.72 10.88 11.89
CA SER F 11 -26.69 10.17 11.11
C SER F 11 -27.30 8.93 10.44
N THR F 12 -27.07 8.71 9.15
CA THR F 12 -27.61 7.54 8.41
C THR F 12 -26.59 7.05 7.38
N THR F 13 -26.40 5.74 7.35
CA THR F 13 -25.42 5.05 6.51
C THR F 13 -26.17 4.43 5.32
N TRP F 14 -25.56 4.59 4.16
CA TRP F 14 -26.06 4.16 2.85
C TRP F 14 -24.91 3.44 2.15
N VAL F 15 -25.20 2.34 1.46
CA VAL F 15 -24.17 1.61 0.65
C VAL F 15 -24.73 1.48 -0.76
N ASN F 16 -23.86 1.47 -1.77
CA ASN F 16 -24.26 1.38 -3.20
C ASN F 16 -23.80 0.03 -3.79
N GLU F 17 -24.27 -0.33 -4.99
CA GLU F 17 -24.08 -1.66 -5.63
C GLU F 17 -22.57 -1.97 -5.77
N LEU F 18 -21.73 -0.94 -5.93
CA LEU F 18 -20.26 -1.12 -5.95
C LEU F 18 -19.70 -1.30 -4.55
N GLY F 19 -20.50 -1.11 -3.49
CA GLY F 19 -20.15 -1.42 -2.10
C GLY F 19 -19.49 -0.26 -1.38
N SER F 20 -19.34 0.89 -2.06
CA SER F 20 -19.00 2.22 -1.47
C SER F 20 -19.99 2.55 -0.36
N VAL F 21 -19.54 3.06 0.77
CA VAL F 21 -20.46 3.42 1.88
C VAL F 21 -20.29 4.90 2.23
N MET F 22 -21.42 5.60 2.37
CA MET F 22 -21.51 6.98 2.90
C MET F 22 -22.28 7.01 4.22
N THR F 23 -21.81 7.82 5.16
CA THR F 23 -22.58 8.26 6.34
C THR F 23 -22.84 9.76 6.18
N ILE F 24 -24.12 10.19 6.32
CA ILE F 24 -24.55 11.58 6.02
C ILE F 24 -25.38 12.08 7.19
N ASP F 25 -24.93 13.20 7.77
CA ASP F 25 -25.66 14.00 8.78
C ASP F 25 -26.44 15.07 8.04
N VAL F 26 -27.75 15.09 8.28
CA VAL F 26 -28.70 16.10 7.71
C VAL F 26 -29.11 17.00 8.87
N ASP F 27 -28.74 18.27 8.80
CA ASP F 27 -29.12 19.34 9.76
C ASP F 27 -30.60 19.66 9.50
N ARG F 28 -31.14 20.58 10.30
CA ARG F 28 -32.58 20.97 10.30
C ARG F 28 -32.85 21.90 9.10
N LYS F 29 -31.84 22.43 8.43
CA LYS F 29 -31.99 23.35 7.27
C LYS F 29 -31.69 22.59 5.97
N GLY F 30 -31.81 21.25 6.00
CA GLY F 30 -31.60 20.35 4.85
C GLY F 30 -30.14 20.22 4.44
N GLY F 31 -29.18 20.66 5.26
CA GLY F 31 -27.74 20.53 4.99
C GLY F 31 -27.25 19.11 5.18
N VAL F 32 -26.34 18.65 4.33
CA VAL F 32 -25.85 17.25 4.32
C VAL F 32 -24.34 17.30 4.37
N THR F 33 -23.78 16.89 5.49
CA THR F 33 -22.32 16.66 5.65
C THR F 33 -22.13 15.23 6.17
N GLY F 34 -21.04 14.57 5.78
CA GLY F 34 -20.57 13.33 6.41
C GLY F 34 -19.31 12.88 5.73
N TYR F 35 -19.02 11.58 5.75
CA TYR F 35 -17.86 10.95 5.06
C TYR F 35 -18.41 9.94 4.03
N TYR F 36 -17.67 9.72 2.93
CA TYR F 36 -17.93 8.71 1.87
C TYR F 36 -16.72 7.80 1.80
N VAL F 37 -16.87 6.47 1.85
CA VAL F 37 -15.75 5.50 1.57
C VAL F 37 -16.00 4.88 0.20
N ASN F 38 -15.04 4.95 -0.72
CA ASN F 38 -15.17 4.33 -2.06
C ASN F 38 -14.63 2.89 -1.94
N ASN F 39 -15.23 1.95 -2.69
CA ASN F 39 -14.82 0.52 -2.76
C ASN F 39 -15.08 -0.02 -4.17
N ALA F 40 -14.97 0.84 -5.18
CA ALA F 40 -15.30 0.52 -6.58
C ALA F 40 -14.11 -0.15 -7.26
N PRO F 41 -14.26 -1.41 -7.74
CA PRO F 41 -13.20 -2.08 -8.49
C PRO F 41 -12.42 -1.21 -9.51
N GLY F 42 -11.09 -1.34 -9.46
CA GLY F 42 -10.16 -0.62 -10.34
C GLY F 42 -10.37 0.87 -10.28
N THR F 43 -10.46 1.43 -9.07
CA THR F 43 -10.47 2.89 -8.81
C THR F 43 -9.54 3.17 -7.62
N GLY F 44 -9.18 4.44 -7.41
CA GLY F 44 -8.29 4.88 -6.32
C GLY F 44 -9.03 5.31 -5.07
N CYS F 45 -8.30 5.84 -4.10
CA CYS F 45 -8.92 6.50 -2.94
C CYS F 45 -9.97 5.53 -2.36
N ARG F 46 -9.58 4.25 -2.26
CA ARG F 46 -10.44 3.15 -1.74
C ARG F 46 -10.21 2.90 -0.24
N GLY F 47 -11.25 2.52 0.47
CA GLY F 47 -11.15 2.00 1.84
C GLY F 47 -10.90 3.08 2.85
N LEU F 48 -10.82 4.35 2.44
CA LEU F 48 -10.51 5.53 3.31
C LEU F 48 -11.65 6.53 3.25
N PRO F 49 -12.08 7.09 4.41
CA PRO F 49 -13.17 8.07 4.45
C PRO F 49 -12.75 9.45 3.90
N TYR F 50 -13.59 9.95 3.02
CA TYR F 50 -13.50 11.26 2.37
C TYR F 50 -14.71 12.11 2.72
N ASP F 51 -14.50 13.42 2.84
CA ASP F 51 -15.53 14.41 3.25
C ASP F 51 -16.55 14.57 2.12
N LEU F 52 -17.83 14.49 2.46
CA LEU F 52 -18.91 14.84 1.53
C LEU F 52 -19.77 15.91 2.21
N SER F 53 -20.10 16.93 1.42
CA SER F 53 -21.05 18.02 1.70
C SER F 53 -22.09 18.08 0.56
N GLY F 54 -23.34 18.34 0.95
CA GLY F 54 -24.38 18.82 0.03
C GLY F 54 -25.61 19.29 0.78
N HIS F 55 -26.75 19.16 0.14
CA HIS F 55 -28.08 19.58 0.63
C HIS F 55 -29.06 18.48 0.26
N ALA F 56 -30.15 18.38 0.98
CA ALA F 56 -31.29 17.54 0.65
C ALA F 56 -32.54 18.34 1.01
N HIS F 57 -33.50 18.36 0.11
CA HIS F 57 -34.82 19.00 0.32
C HIS F 57 -35.84 18.13 -0.37
N GLY F 58 -36.94 17.81 0.30
CA GLY F 58 -38.01 17.01 -0.31
C GLY F 58 -37.55 15.58 -0.53
N SER F 59 -37.62 15.07 -1.74
CA SER F 59 -37.23 13.68 -2.08
C SER F 59 -35.98 13.74 -2.96
N THR F 60 -35.31 14.87 -2.98
CA THR F 60 -34.09 15.06 -3.80
C THR F 60 -32.95 15.43 -2.88
N ILE F 61 -31.75 15.12 -3.37
CA ILE F 61 -30.45 15.31 -2.67
C ILE F 61 -29.37 15.41 -3.75
N ALA F 62 -28.34 16.16 -3.38
CA ALA F 62 -27.12 16.34 -4.17
C ALA F 62 -25.99 16.49 -3.16
N PHE F 63 -24.94 15.70 -3.32
CA PHE F 63 -23.68 15.83 -2.56
C PHE F 63 -22.54 15.68 -3.53
N SER F 64 -21.37 16.15 -3.09
CA SER F 64 -20.14 16.36 -3.90
C SER F 64 -18.97 15.89 -3.06
N VAL F 65 -18.00 15.23 -3.70
CA VAL F 65 -16.76 14.72 -3.03
C VAL F 65 -15.53 15.15 -3.83
N VAL F 66 -14.50 15.64 -3.13
CA VAL F 66 -13.15 15.89 -3.71
C VAL F 66 -12.27 14.76 -3.23
N TRP F 67 -11.66 14.02 -4.16
CA TRP F 67 -10.93 12.76 -3.83
C TRP F 67 -9.51 13.09 -3.35
N SER F 68 -9.46 13.73 -2.19
CA SER F 68 -8.24 14.24 -1.51
C SER F 68 -8.58 14.29 -0.02
N ASN F 69 -7.87 13.53 0.81
CA ASN F 69 -8.00 13.59 2.29
C ASN F 69 -6.60 13.78 2.89
N GLY F 70 -5.58 13.94 2.06
CA GLY F 70 -4.19 14.11 2.52
C GLY F 70 -3.51 12.78 2.72
N ILE F 71 -4.28 11.71 2.87
CA ILE F 71 -3.78 10.31 2.89
C ILE F 71 -3.67 9.80 1.43
N ALA F 72 -4.62 10.11 0.53
CA ALA F 72 -4.55 9.71 -0.91
C ALA F 72 -5.41 10.63 -1.78
N ASP F 73 -4.81 11.14 -2.87
CA ASP F 73 -5.40 12.14 -3.80
C ASP F 73 -5.47 11.49 -5.18
N CYS F 74 -6.62 11.53 -5.85
CA CYS F 74 -6.80 10.96 -7.22
C CYS F 74 -6.98 12.12 -8.20
N ARG F 75 -6.77 13.36 -7.72
CA ARG F 75 -6.65 14.56 -8.58
C ARG F 75 -7.97 14.72 -9.35
N SER F 76 -9.10 14.44 -8.67
CA SER F 76 -10.44 14.22 -9.27
C SER F 76 -11.53 14.59 -8.26
N ALA F 77 -12.77 14.69 -8.76
CA ALA F 77 -13.94 15.06 -7.93
C ALA F 77 -15.22 14.48 -8.55
N THR F 78 -16.19 14.13 -7.71
CA THR F 78 -17.46 13.48 -8.07
C THR F 78 -18.59 14.24 -7.38
N SER F 79 -19.68 14.45 -8.10
CA SER F 79 -20.98 14.88 -7.52
C SER F 79 -22.10 13.93 -7.96
N TRP F 80 -23.03 13.67 -7.05
CA TRP F 80 -24.26 12.88 -7.22
C TRP F 80 -25.46 13.84 -7.13
N ALA F 81 -26.50 13.59 -7.92
CA ALA F 81 -27.84 14.21 -7.78
C ALA F 81 -28.83 13.06 -7.83
N GLY F 82 -29.73 12.96 -6.88
CA GLY F 82 -30.56 11.75 -6.77
C GLY F 82 -31.85 11.98 -6.04
N TYR F 83 -32.86 11.20 -6.36
CA TYR F 83 -34.17 11.20 -5.67
C TYR F 83 -34.21 10.02 -4.71
N ALA F 84 -34.96 10.17 -3.62
CA ALA F 84 -35.30 9.05 -2.72
C ALA F 84 -36.49 8.29 -3.30
N ARG F 85 -36.64 7.05 -2.86
CA ARG F 85 -37.65 6.09 -3.38
C ARG F 85 -37.93 5.06 -2.28
N LYS F 86 -39.20 4.67 -2.09
CA LYS F 86 -39.58 3.57 -1.14
C LYS F 86 -39.30 2.24 -1.83
N THR F 87 -38.92 1.22 -1.06
CA THR F 87 -38.71 -0.18 -1.50
C THR F 87 -39.79 -1.03 -0.81
N PHE F 88 -40.34 -1.99 -1.57
CA PHE F 88 -41.27 -3.04 -1.04
C PHE F 88 -40.69 -3.51 0.30
N GLY F 89 -41.52 -3.43 1.34
CA GLY F 89 -41.19 -3.86 2.72
C GLY F 89 -40.95 -2.71 3.69
N GLY F 90 -40.55 -1.53 3.21
CA GLY F 90 -40.58 -0.30 4.05
C GLY F 90 -39.22 0.36 4.25
N GLY F 91 -38.19 -0.07 3.51
CA GLY F 91 -36.87 0.59 3.52
C GLY F 91 -36.82 1.61 2.42
N VAL F 92 -35.65 2.19 2.16
CA VAL F 92 -35.47 3.38 1.27
C VAL F 92 -34.15 3.28 0.49
N GLN F 93 -34.16 3.83 -0.72
CA GLN F 93 -32.97 3.94 -1.58
C GLN F 93 -32.91 5.36 -2.11
N ILE F 94 -31.70 5.79 -2.41
CA ILE F 94 -31.43 7.04 -3.16
C ILE F 94 -30.91 6.64 -4.53
N VAL F 95 -31.70 6.87 -5.59
CA VAL F 95 -31.24 6.66 -6.98
C VAL F 95 -30.53 7.94 -7.39
N THR F 96 -29.30 7.82 -7.88
CA THR F 96 -28.43 8.96 -8.26
C THR F 96 -27.79 8.72 -9.62
N GLN F 97 -27.41 9.85 -10.18
CA GLN F 97 -26.50 9.96 -11.33
C GLN F 97 -25.27 10.62 -10.71
N TRP F 98 -24.07 10.13 -11.03
CA TRP F 98 -22.81 10.78 -10.59
C TRP F 98 -22.07 11.22 -11.84
N SER F 99 -21.37 12.35 -11.74
CA SER F 99 -20.33 12.80 -12.71
C SER F 99 -19.00 12.81 -11.97
N LEU F 100 -17.95 12.27 -12.61
CA LEU F 100 -16.54 12.23 -12.10
C LEU F 100 -15.66 12.98 -13.09
N ALA F 101 -14.88 13.94 -12.58
CA ALA F 101 -14.03 14.85 -13.39
C ALA F 101 -12.61 14.82 -12.85
N PHE F 102 -11.64 14.43 -13.69
CA PHE F 102 -10.20 14.30 -13.37
C PHE F 102 -9.38 14.89 -14.52
N VAL F 103 -8.19 15.38 -14.18
CA VAL F 103 -7.14 15.81 -15.16
C VAL F 103 -6.17 14.65 -15.32
N GLY F 104 -6.05 14.10 -16.52
CA GLY F 104 -5.09 13.02 -16.83
C GLY F 104 -3.99 13.54 -17.73
N LYS F 105 -3.25 12.63 -18.36
CA LYS F 105 -2.22 12.96 -19.40
C LYS F 105 -2.92 13.81 -20.47
N ALA F 106 -3.91 13.23 -21.17
CA ALA F 106 -4.51 13.79 -22.42
C ALA F 106 -5.31 15.05 -22.12
N GLY F 107 -5.41 15.45 -20.85
CA GLY F 107 -6.07 16.71 -20.43
C GLY F 107 -7.12 16.41 -19.37
N GLY F 108 -8.29 17.06 -19.48
CA GLY F 108 -9.46 16.86 -18.60
C GLY F 108 -10.44 15.88 -19.25
N LYS F 109 -11.12 15.07 -18.44
CA LYS F 109 -12.21 14.15 -18.91
C LYS F 109 -13.29 14.06 -17.84
N ILE F 110 -14.49 13.60 -18.25
CA ILE F 110 -15.65 13.43 -17.35
C ILE F 110 -16.34 12.06 -17.57
N GLU F 111 -16.31 11.21 -16.55
CA GLU F 111 -17.04 9.91 -16.55
C GLU F 111 -18.40 10.14 -15.90
N THR F 112 -19.40 9.33 -16.21
CA THR F 112 -20.74 9.37 -15.54
C THR F 112 -21.21 7.95 -15.20
N GLY F 113 -22.35 7.85 -14.54
CA GLY F 113 -22.88 6.55 -14.09
C GLY F 113 -24.00 6.69 -13.08
N GLN F 114 -24.71 5.57 -12.92
CA GLN F 114 -25.82 5.42 -11.96
C GLN F 114 -25.18 4.89 -10.69
N ASN F 115 -25.82 5.12 -9.56
CA ASN F 115 -25.42 4.63 -8.22
C ASN F 115 -26.71 4.57 -7.38
N VAL F 116 -27.02 3.46 -6.74
CA VAL F 116 -28.26 3.36 -5.94
C VAL F 116 -27.81 3.04 -4.52
N PHE F 117 -28.00 4.01 -3.62
CA PHE F 117 -27.64 3.91 -2.19
C PHE F 117 -28.83 3.32 -1.45
N THR F 118 -28.57 2.31 -0.62
CA THR F 118 -29.59 1.64 0.21
C THR F 118 -29.25 1.97 1.65
N TYR F 119 -30.20 2.55 2.39
CA TYR F 119 -30.14 2.83 3.85
C TYR F 119 -29.98 1.50 4.60
N GLN F 120 -29.14 1.49 5.63
CA GLN F 120 -28.88 0.34 6.56
C GLN F 120 -28.96 0.80 8.04
N ALA F 121 -29.77 0.14 8.85
CA ALA F 121 -29.90 0.39 10.31
C ALA F 121 -28.92 -0.48 11.11
N ALA F 122 -28.09 0.17 11.94
CA ALA F 122 -27.11 -0.45 12.87
C ALA F 122 -27.87 -1.15 14.01
N THR G 2 -2.70 -26.64 26.79
CA THR G 2 -1.65 -25.83 27.52
C THR G 2 -0.44 -25.50 26.61
N ASP G 3 -0.50 -25.95 25.34
CA ASP G 3 0.60 -25.91 24.34
C ASP G 3 0.03 -25.40 23.02
N PHE G 4 0.90 -24.93 22.12
CA PHE G 4 0.55 -24.41 20.77
C PHE G 4 1.14 -25.28 19.66
N ASP G 5 1.91 -26.32 19.99
CA ASP G 5 2.39 -27.36 19.02
C ASP G 5 1.45 -28.57 19.08
N SER G 6 0.50 -28.56 20.00
CA SER G 6 -0.69 -29.45 20.04
C SER G 6 -1.86 -28.75 19.36
N LEU G 7 -1.60 -27.77 18.49
CA LEU G 7 -2.63 -27.01 17.74
C LEU G 7 -2.37 -27.09 16.22
N SER G 8 -1.19 -27.58 15.82
CA SER G 8 -0.81 -27.95 14.43
C SER G 8 -2.02 -28.50 13.65
N GLY G 9 -2.16 -28.13 12.37
CA GLY G 9 -3.29 -28.51 11.52
C GLY G 9 -4.61 -28.57 12.29
N THR G 10 -4.86 -27.64 13.21
CA THR G 10 -6.23 -27.24 13.62
C THR G 10 -6.49 -25.80 13.13
N SER G 11 -7.72 -25.34 13.31
CA SER G 11 -8.17 -23.95 13.07
C SER G 11 -9.05 -23.55 14.24
N THR G 12 -8.49 -22.79 15.18
CA THR G 12 -9.15 -22.47 16.47
C THR G 12 -9.64 -21.02 16.48
N THR G 13 -10.81 -20.81 17.07
CA THR G 13 -11.54 -19.54 17.19
C THR G 13 -11.53 -19.08 18.66
N TRP G 14 -11.08 -17.85 18.90
CA TRP G 14 -10.86 -17.23 20.24
C TRP G 14 -11.51 -15.83 20.31
N VAL G 15 -11.96 -15.42 21.50
CA VAL G 15 -12.57 -14.07 21.72
C VAL G 15 -11.90 -13.39 22.95
N ASN G 16 -11.67 -12.07 22.88
CA ASN G 16 -11.14 -11.29 24.03
C ASN G 16 -12.25 -10.43 24.66
N GLU G 17 -11.92 -9.69 25.72
CA GLU G 17 -12.86 -8.99 26.64
C GLU G 17 -13.59 -7.84 25.93
N LEU G 18 -13.03 -7.35 24.83
CA LEU G 18 -13.60 -6.25 24.00
C LEU G 18 -14.58 -6.85 22.96
N GLY G 19 -14.71 -8.19 22.96
CA GLY G 19 -15.61 -8.95 22.10
C GLY G 19 -15.06 -9.13 20.70
N SER G 20 -13.78 -8.78 20.46
CA SER G 20 -13.05 -9.04 19.19
C SER G 20 -12.80 -10.54 19.06
N VAL G 21 -12.71 -11.06 17.84
CA VAL G 21 -12.68 -12.54 17.57
C VAL G 21 -11.62 -12.85 16.51
N MET G 22 -10.71 -13.79 16.78
CA MET G 22 -9.73 -14.24 15.76
C MET G 22 -9.82 -15.76 15.59
N THR G 23 -9.86 -16.21 14.33
CA THR G 23 -9.72 -17.62 13.90
C THR G 23 -8.28 -17.82 13.43
N ILE G 24 -7.61 -18.85 13.92
CA ILE G 24 -6.15 -19.03 13.69
C ILE G 24 -5.83 -20.50 13.32
N ASP G 25 -5.10 -20.68 12.21
CA ASP G 25 -4.51 -21.95 11.73
C ASP G 25 -3.01 -22.02 12.14
N VAL G 26 -2.65 -22.84 13.13
CA VAL G 26 -1.24 -23.17 13.44
C VAL G 26 -0.82 -24.37 12.59
N ASP G 27 0.25 -24.28 11.78
CA ASP G 27 0.74 -25.38 10.89
C ASP G 27 1.75 -26.27 11.64
N ARG G 28 2.37 -27.22 10.92
CA ARG G 28 3.28 -28.27 11.47
C ARG G 28 4.53 -27.62 12.10
N LYS G 29 5.01 -26.50 11.54
CA LYS G 29 6.31 -25.86 11.87
C LYS G 29 6.14 -24.77 12.94
N GLY G 30 4.91 -24.53 13.38
CA GLY G 30 4.59 -23.55 14.45
C GLY G 30 4.10 -22.20 13.93
N GLY G 31 3.79 -22.06 12.63
CA GLY G 31 3.41 -20.81 11.99
C GLY G 31 1.92 -20.56 12.11
N VAL G 32 1.46 -19.31 12.19
CA VAL G 32 0.04 -18.95 12.48
C VAL G 32 -0.49 -17.98 11.42
N THR G 33 -1.38 -18.46 10.56
CA THR G 33 -2.22 -17.66 9.64
C THR G 33 -3.66 -17.71 10.15
N GLY G 34 -4.52 -16.76 9.79
CA GLY G 34 -5.86 -16.63 10.41
C GLY G 34 -6.51 -15.33 10.05
N TYR G 35 -7.73 -15.08 10.50
CA TYR G 35 -8.38 -13.76 10.30
C TYR G 35 -8.69 -13.16 11.68
N TYR G 36 -9.03 -11.88 11.71
CA TYR G 36 -9.26 -11.08 12.94
C TYR G 36 -10.45 -10.14 12.69
N VAL G 37 -11.35 -10.08 13.65
CA VAL G 37 -12.55 -9.22 13.64
C VAL G 37 -12.52 -8.37 14.90
N ASN G 38 -12.26 -7.06 14.74
CA ASN G 38 -12.09 -6.08 15.85
C ASN G 38 -13.48 -5.62 16.26
N ASN G 39 -13.68 -5.34 17.52
CA ASN G 39 -15.02 -4.98 18.05
C ASN G 39 -14.84 -3.94 19.15
N ALA G 40 -13.76 -3.20 19.09
CA ALA G 40 -13.41 -2.29 20.19
C ALA G 40 -14.23 -1.02 20.00
N PRO G 41 -14.82 -0.48 21.09
CA PRO G 41 -15.31 0.90 21.09
C PRO G 41 -14.26 1.94 20.65
N GLY G 42 -14.66 2.91 19.83
CA GLY G 42 -13.83 4.09 19.52
C GLY G 42 -12.74 3.79 18.51
N THR G 43 -12.56 2.52 18.14
CA THR G 43 -11.57 2.08 17.11
C THR G 43 -12.27 1.97 15.75
N GLY G 44 -11.50 2.06 14.67
CA GLY G 44 -12.01 1.81 13.32
C GLY G 44 -11.92 0.34 12.98
N CYS G 45 -12.00 0.04 11.69
CA CYS G 45 -11.81 -1.31 11.12
C CYS G 45 -12.60 -2.33 11.92
N ARG G 46 -13.87 -2.02 12.21
CA ARG G 46 -14.81 -2.91 12.97
C ARG G 46 -15.66 -3.82 12.06
N GLY G 47 -15.91 -5.03 12.53
CA GLY G 47 -16.76 -6.05 11.90
C GLY G 47 -16.27 -6.55 10.55
N LEU G 48 -15.00 -6.44 10.23
CA LEU G 48 -14.44 -7.02 8.98
C LEU G 48 -13.29 -7.96 9.34
N PRO G 49 -13.16 -9.10 8.63
CA PRO G 49 -11.96 -9.91 8.74
C PRO G 49 -10.71 -9.16 8.22
N TYR G 50 -9.65 -9.24 9.02
CA TYR G 50 -8.32 -8.70 8.66
C TYR G 50 -7.34 -9.87 8.75
N ASP G 51 -6.53 -10.09 7.71
CA ASP G 51 -5.57 -11.22 7.65
C ASP G 51 -4.63 -11.06 8.83
N LEU G 52 -4.24 -12.18 9.44
CA LEU G 52 -3.19 -12.22 10.48
C LEU G 52 -2.19 -13.34 10.17
N SER G 53 -0.91 -13.02 10.26
CA SER G 53 0.24 -13.94 10.26
C SER G 53 0.98 -13.81 11.61
N GLY G 54 2.01 -14.64 11.83
CA GLY G 54 2.72 -14.79 13.11
C GLY G 54 3.22 -16.21 13.33
N HIS G 55 3.58 -16.56 14.56
CA HIS G 55 4.24 -17.84 14.89
C HIS G 55 3.93 -18.20 16.34
N ALA G 56 3.75 -19.50 16.58
CA ALA G 56 3.54 -20.10 17.91
C ALA G 56 4.65 -21.12 18.16
N HIS G 57 4.97 -21.34 19.43
CA HIS G 57 5.93 -22.36 19.88
C HIS G 57 5.72 -22.60 21.36
N GLY G 58 5.62 -23.85 21.77
CA GLY G 58 5.51 -24.21 23.19
C GLY G 58 4.37 -23.45 23.81
N SER G 59 4.63 -22.61 24.80
CA SER G 59 3.55 -21.93 25.56
C SER G 59 3.38 -20.47 25.11
N THR G 60 4.02 -20.04 24.04
CA THR G 60 4.00 -18.60 23.70
C THR G 60 3.70 -18.42 22.23
N ILE G 61 3.11 -17.27 21.91
CA ILE G 61 2.64 -16.91 20.55
C ILE G 61 2.79 -15.41 20.34
N ALA G 62 2.96 -15.03 19.07
CA ALA G 62 3.15 -13.64 18.61
C ALA G 62 2.60 -13.50 17.19
N PHE G 63 1.47 -12.84 17.03
CA PHE G 63 0.86 -12.58 15.71
C PHE G 63 0.72 -11.06 15.55
N SER G 64 0.66 -10.60 14.30
CA SER G 64 0.39 -9.19 13.90
C SER G 64 -0.85 -9.16 13.01
N VAL G 65 -1.55 -8.02 12.99
CA VAL G 65 -2.54 -7.68 11.92
C VAL G 65 -2.12 -6.35 11.30
N VAL G 66 -2.31 -6.16 9.99
CA VAL G 66 -2.28 -4.82 9.34
C VAL G 66 -3.70 -4.41 8.97
N TRP G 67 -4.21 -3.33 9.56
CA TRP G 67 -5.60 -2.84 9.42
C TRP G 67 -5.85 -2.19 8.04
N SER G 68 -5.67 -2.97 6.98
CA SER G 68 -6.09 -2.66 5.60
C SER G 68 -6.48 -3.99 4.97
N ASN G 69 -7.59 -4.03 4.19
CA ASN G 69 -8.11 -5.28 3.58
C ASN G 69 -8.99 -5.00 2.36
N GLY G 70 -8.77 -3.92 1.62
CA GLY G 70 -9.52 -3.59 0.40
C GLY G 70 -10.89 -3.01 0.70
N ILE G 71 -11.45 -3.31 1.88
CA ILE G 71 -12.77 -2.78 2.35
C ILE G 71 -12.59 -1.49 3.17
N ALA G 72 -11.88 -1.56 4.31
CA ALA G 72 -11.55 -0.41 5.19
C ALA G 72 -10.06 -0.41 5.55
N ASP G 73 -9.47 0.78 5.64
CA ASP G 73 -8.00 1.00 5.87
C ASP G 73 -7.80 2.02 6.99
N CYS G 74 -7.53 1.61 8.22
CA CYS G 74 -7.32 2.52 9.38
C CYS G 74 -5.86 3.00 9.39
N ARG G 75 -5.02 2.48 8.49
CA ARG G 75 -3.73 3.11 8.13
C ARG G 75 -2.73 2.81 9.25
N SER G 76 -3.03 1.82 10.10
CA SER G 76 -2.31 1.46 11.35
C SER G 76 -1.86 -0.01 11.31
N ALA G 77 -1.25 -0.52 12.40
CA ALA G 77 -0.89 -1.97 12.57
C ALA G 77 -0.85 -2.36 14.03
N THR G 78 -1.36 -3.52 14.38
CA THR G 78 -1.26 -4.06 15.76
C THR G 78 -0.43 -5.33 15.78
N SER G 79 0.34 -5.57 16.85
CA SER G 79 1.02 -6.87 17.06
C SER G 79 0.83 -7.32 18.50
N TRP G 80 0.67 -8.63 18.67
CA TRP G 80 0.39 -9.26 19.98
C TRP G 80 1.52 -10.25 20.28
N ALA G 81 1.84 -10.39 21.57
CA ALA G 81 2.77 -11.40 22.13
C ALA G 81 2.14 -11.89 23.41
N GLY G 82 1.85 -13.16 23.49
CA GLY G 82 1.27 -13.68 24.75
C GLY G 82 1.80 -15.05 25.06
N TYR G 83 1.36 -15.55 26.21
CA TYR G 83 1.52 -16.96 26.64
C TYR G 83 0.16 -17.60 26.85
N ALA G 84 0.05 -18.91 26.63
CA ALA G 84 -1.11 -19.74 27.02
C ALA G 84 -1.10 -19.99 28.53
N ARG G 85 -2.28 -20.17 29.12
CA ARG G 85 -2.51 -20.34 30.57
C ARG G 85 -3.79 -21.17 30.69
N LYS G 86 -3.78 -22.22 31.50
CA LYS G 86 -4.96 -23.13 31.65
C LYS G 86 -5.83 -22.57 32.76
N THR G 87 -7.15 -22.70 32.59
CA THR G 87 -8.19 -22.13 33.47
C THR G 87 -8.84 -23.29 34.24
N PHE G 88 -9.32 -23.04 35.47
CA PHE G 88 -10.09 -24.06 36.23
C PHE G 88 -11.18 -24.62 35.29
N GLY G 89 -11.42 -25.94 35.34
CA GLY G 89 -12.24 -26.70 34.37
C GLY G 89 -11.40 -27.29 33.24
N GLY G 90 -10.36 -26.59 32.76
CA GLY G 90 -9.42 -27.12 31.75
C GLY G 90 -9.33 -26.29 30.46
N GLY G 91 -10.27 -25.37 30.19
CA GLY G 91 -10.24 -24.44 29.02
C GLY G 91 -8.97 -23.59 28.99
N VAL G 92 -8.57 -23.07 27.82
CA VAL G 92 -7.27 -22.34 27.64
C VAL G 92 -7.50 -20.88 27.21
N GLN G 93 -6.75 -19.95 27.80
CA GLN G 93 -6.73 -18.52 27.40
C GLN G 93 -5.32 -18.17 26.94
N ILE G 94 -5.21 -17.23 26.00
CA ILE G 94 -3.91 -16.64 25.60
C ILE G 94 -3.83 -15.24 26.24
N VAL G 95 -2.86 -15.00 27.12
CA VAL G 95 -2.66 -13.67 27.78
C VAL G 95 -1.74 -12.84 26.89
N THR G 96 -2.19 -11.70 26.39
CA THR G 96 -1.38 -10.94 25.40
C THR G 96 -1.09 -9.56 25.93
N GLN G 97 0.08 -9.05 25.56
CA GLN G 97 0.37 -7.62 25.42
C GLN G 97 0.23 -7.27 23.94
N TRP G 98 -0.33 -6.10 23.64
CA TRP G 98 -0.53 -5.64 22.25
C TRP G 98 -0.03 -4.20 22.10
N SER G 99 0.40 -3.89 20.87
CA SER G 99 0.97 -2.60 20.49
C SER G 99 0.38 -2.27 19.13
N LEU G 100 -0.39 -1.19 19.08
CA LEU G 100 -0.99 -0.57 17.87
C LEU G 100 -0.13 0.63 17.49
N ALA G 101 0.28 0.72 16.24
CA ALA G 101 1.02 1.86 15.67
C ALA G 101 0.17 2.47 14.57
N PHE G 102 -0.14 3.77 14.63
CA PHE G 102 -0.88 4.48 13.56
C PHE G 102 -0.19 5.80 13.28
N VAL G 103 -0.61 6.49 12.21
CA VAL G 103 -0.19 7.90 11.91
C VAL G 103 -1.40 8.81 12.06
N GLY G 104 -1.43 9.59 13.15
CA GLY G 104 -2.37 10.70 13.38
C GLY G 104 -1.98 11.91 12.55
N LYS G 105 -2.80 12.95 12.61
CA LYS G 105 -2.52 14.24 11.91
C LYS G 105 -1.20 14.78 12.47
N ALA G 106 -1.02 14.71 13.80
CA ALA G 106 0.16 15.23 14.53
C ALA G 106 1.28 14.16 14.58
N GLY G 107 1.62 13.56 13.43
CA GLY G 107 2.68 12.55 13.29
C GLY G 107 2.21 11.16 13.69
N GLY G 108 3.15 10.24 13.88
CA GLY G 108 2.89 8.83 14.26
C GLY G 108 2.88 8.61 15.76
N LYS G 109 1.90 7.85 16.26
CA LYS G 109 1.74 7.51 17.69
C LYS G 109 1.79 5.99 17.76
N ILE G 110 1.89 5.46 18.98
CA ILE G 110 1.90 4.01 19.27
C ILE G 110 1.18 3.78 20.60
N GLU G 111 -0.04 3.25 20.63
CA GLU G 111 -0.76 2.79 21.84
C GLU G 111 -0.42 1.32 22.17
N THR G 112 -0.52 0.98 23.47
CA THR G 112 -0.34 -0.39 24.02
C THR G 112 -1.50 -0.76 24.96
N GLY G 113 -1.68 -2.05 25.23
CA GLY G 113 -2.75 -2.55 26.10
C GLY G 113 -2.72 -4.06 26.21
N GLN G 114 -3.63 -4.63 27.00
CA GLN G 114 -3.74 -6.07 27.22
C GLN G 114 -5.05 -6.57 26.63
N ASN G 115 -5.07 -7.84 26.27
CA ASN G 115 -6.18 -8.57 25.63
C ASN G 115 -6.07 -9.98 26.22
N VAL G 116 -7.15 -10.56 26.75
CA VAL G 116 -7.09 -11.99 27.13
C VAL G 116 -8.05 -12.76 26.21
N PHE G 117 -7.48 -13.37 25.16
CA PHE G 117 -8.21 -14.26 24.22
C PHE G 117 -8.67 -15.51 25.00
N THR G 118 -9.88 -16.00 24.71
CA THR G 118 -10.49 -17.21 25.34
C THR G 118 -11.00 -18.17 24.26
N TYR G 119 -10.68 -19.46 24.39
CA TYR G 119 -11.03 -20.52 23.41
C TYR G 119 -12.54 -20.67 23.33
N GLN G 120 -13.04 -20.86 22.11
CA GLN G 120 -14.46 -21.13 21.81
C GLN G 120 -14.56 -22.34 20.85
N ALA G 121 -15.71 -23.02 20.89
CA ALA G 121 -16.02 -24.29 20.17
C ALA G 121 -15.35 -24.30 18.77
N ALA G 122 -14.09 -24.74 18.70
CA ALA G 122 -13.25 -24.74 17.48
C ALA G 122 -12.44 -26.04 17.40
N THR H 2 8.38 7.85 4.32
CA THR H 2 7.72 7.29 3.08
C THR H 2 6.72 6.19 3.49
N ASP H 3 6.24 5.42 2.52
CA ASP H 3 5.32 4.28 2.72
C ASP H 3 6.02 2.99 2.25
N PHE H 4 5.77 1.92 2.99
CA PHE H 4 6.34 0.57 2.78
C PHE H 4 5.91 0.00 1.41
N ASP H 5 4.73 0.39 0.90
CA ASP H 5 4.25 -0.12 -0.41
C ASP H 5 5.41 0.04 -1.42
N SER H 6 6.38 0.92 -1.18
CA SER H 6 7.52 1.22 -2.09
C SER H 6 8.77 0.40 -1.75
N LEU H 7 8.59 -0.71 -1.03
CA LEU H 7 9.66 -1.69 -0.73
C LEU H 7 9.31 -3.01 -1.39
N SER H 8 8.37 -2.99 -2.35
CA SER H 8 7.87 -4.20 -3.07
C SER H 8 9.05 -4.88 -3.75
N GLY H 9 9.27 -6.17 -3.42
CA GLY H 9 10.22 -7.05 -4.11
C GLY H 9 11.67 -6.66 -3.89
N THR H 10 11.93 -5.70 -3.00
CA THR H 10 13.28 -5.51 -2.39
C THR H 10 13.33 -6.36 -1.12
N SER H 11 14.15 -5.93 -0.17
CA SER H 11 15.02 -6.74 0.70
C SER H 11 16.09 -5.82 1.30
N THR H 12 15.82 -5.27 2.49
CA THR H 12 16.41 -4.05 3.08
C THR H 12 16.84 -4.39 4.49
N THR H 13 18.10 -4.11 4.85
CA THR H 13 18.68 -4.39 6.19
C THR H 13 18.36 -3.20 7.13
N TRP H 14 17.98 -3.48 8.38
CA TRP H 14 17.59 -2.46 9.40
C TRP H 14 18.19 -2.86 10.74
N VAL H 15 18.86 -1.92 11.43
CA VAL H 15 19.51 -2.18 12.75
C VAL H 15 18.83 -1.28 13.79
N ASN H 16 18.81 -1.69 15.05
CA ASN H 16 18.14 -0.93 16.14
C ASN H 16 19.20 -0.48 17.16
N GLU H 17 18.79 0.17 18.24
CA GLU H 17 19.77 0.84 19.15
C GLU H 17 20.54 -0.20 19.96
N LEU H 18 20.01 -1.42 20.11
CA LEU H 18 20.66 -2.52 20.88
C LEU H 18 21.77 -3.19 20.04
N GLY H 19 21.87 -2.84 18.75
CA GLY H 19 22.76 -3.47 17.76
C GLY H 19 22.08 -4.60 17.00
N SER H 20 20.85 -5.01 17.34
CA SER H 20 20.04 -6.04 16.59
C SER H 20 19.83 -5.61 15.14
N VAL H 21 19.78 -6.57 14.25
CA VAL H 21 19.63 -6.34 12.79
C VAL H 21 18.56 -7.29 12.28
N MET H 22 17.62 -6.76 11.49
CA MET H 22 16.66 -7.54 10.66
C MET H 22 16.86 -7.17 9.19
N THR H 23 16.77 -8.16 8.33
CA THR H 23 16.66 -7.97 6.87
C THR H 23 15.22 -8.36 6.54
N ILE H 24 14.51 -7.53 5.75
CA ILE H 24 13.07 -7.73 5.49
C ILE H 24 12.88 -7.72 3.99
N ASP H 25 12.10 -8.69 3.51
CA ASP H 25 11.63 -8.80 2.11
C ASP H 25 10.15 -8.44 2.11
N VAL H 26 9.74 -7.50 1.27
CA VAL H 26 8.33 -7.02 1.23
C VAL H 26 7.76 -7.39 -0.15
N ASP H 27 6.76 -8.27 -0.17
CA ASP H 27 6.13 -8.75 -1.44
C ASP H 27 5.23 -7.60 -1.94
N ARG H 28 4.67 -7.73 -3.15
CA ARG H 28 3.88 -6.63 -3.77
C ARG H 28 2.63 -6.39 -2.90
N LYS H 29 2.16 -7.39 -2.17
CA LYS H 29 0.91 -7.35 -1.37
C LYS H 29 1.19 -6.89 0.07
N GLY H 30 2.39 -6.37 0.37
CA GLY H 30 2.78 -5.85 1.71
C GLY H 30 3.36 -6.89 2.65
N GLY H 31 3.43 -8.16 2.19
CA GLY H 31 3.87 -9.33 2.99
C GLY H 31 5.32 -9.16 3.36
N VAL H 32 5.66 -9.45 4.63
CA VAL H 32 7.02 -9.26 5.21
C VAL H 32 7.51 -10.60 5.68
N THR H 33 8.60 -11.08 5.08
CA THR H 33 9.40 -12.25 5.52
C THR H 33 10.88 -11.84 5.58
N GLY H 34 11.64 -12.54 6.42
CA GLY H 34 13.10 -12.40 6.48
C GLY H 34 13.60 -12.88 7.82
N TYR H 35 14.81 -12.49 8.21
CA TYR H 35 15.46 -12.98 9.45
C TYR H 35 15.70 -11.77 10.34
N TYR H 36 15.87 -12.01 11.64
CA TYR H 36 16.13 -11.05 12.72
C TYR H 36 17.29 -11.60 13.50
N VAL H 37 18.40 -10.88 13.61
CA VAL H 37 19.49 -11.24 14.54
C VAL H 37 19.36 -10.38 15.80
N ASN H 38 19.35 -11.02 16.96
CA ASN H 38 19.34 -10.36 18.29
C ASN H 38 20.80 -10.10 18.69
N ASN H 39 21.06 -8.97 19.35
CA ASN H 39 22.39 -8.56 19.87
C ASN H 39 22.23 -7.79 21.19
N ALA H 40 21.11 -7.98 21.89
CA ALA H 40 20.70 -7.20 23.06
C ALA H 40 21.36 -7.75 24.33
N PRO H 41 22.01 -6.89 25.15
CA PRO H 41 22.66 -7.34 26.38
C PRO H 41 21.77 -8.18 27.30
N GLY H 42 22.36 -9.25 27.83
CA GLY H 42 21.73 -10.09 28.86
C GLY H 42 20.48 -10.75 28.36
N THR H 43 20.47 -11.19 27.11
CA THR H 43 19.33 -11.96 26.53
C THR H 43 19.91 -13.15 25.75
N GLY H 44 19.03 -14.02 25.28
CA GLY H 44 19.42 -15.30 24.67
C GLY H 44 19.30 -15.25 23.17
N CYS H 45 19.39 -16.40 22.53
CA CYS H 45 19.10 -16.50 21.09
C CYS H 45 19.82 -15.32 20.37
N ARG H 46 21.06 -15.05 20.79
CA ARG H 46 21.90 -13.94 20.26
C ARG H 46 22.78 -14.40 19.08
N GLY H 47 23.36 -13.45 18.37
CA GLY H 47 24.25 -13.68 17.22
C GLY H 47 23.70 -14.61 16.15
N LEU H 48 22.40 -14.94 16.10
CA LEU H 48 21.84 -15.96 15.14
C LEU H 48 20.61 -15.41 14.42
N PRO H 49 20.42 -15.67 13.10
CA PRO H 49 19.18 -15.32 12.42
C PRO H 49 18.00 -16.17 12.90
N TYR H 50 16.86 -15.51 13.09
CA TYR H 50 15.56 -16.14 13.42
C TYR H 50 14.56 -15.70 12.36
N ASP H 51 13.62 -16.58 12.02
CA ASP H 51 12.56 -16.33 11.02
C ASP H 51 11.71 -15.20 11.56
N LEU H 52 11.43 -14.19 10.76
CA LEU H 52 10.40 -13.17 11.11
C LEU H 52 9.40 -13.07 9.98
N SER H 53 8.15 -12.76 10.37
CA SER H 53 7.01 -12.56 9.44
C SER H 53 6.11 -11.47 10.00
N GLY H 54 5.62 -10.63 9.10
CA GLY H 54 4.42 -9.81 9.37
C GLY H 54 3.95 -9.13 8.12
N HIS H 55 3.44 -7.92 8.27
CA HIS H 55 2.86 -7.14 7.15
C HIS H 55 3.23 -5.67 7.28
N ALA H 56 3.29 -4.98 6.15
CA ALA H 56 3.59 -3.55 6.10
C ALA H 56 2.60 -2.87 5.15
N HIS H 57 1.97 -1.80 5.59
CA HIS H 57 1.00 -1.03 4.75
C HIS H 57 1.11 0.47 5.06
N GLY H 58 1.08 1.30 4.01
CA GLY H 58 1.32 2.74 4.14
C GLY H 58 2.58 2.99 4.93
N SER H 59 2.47 3.64 6.10
CA SER H 59 3.60 4.01 7.00
C SER H 59 3.73 3.08 8.23
N THR H 60 2.98 2.00 8.31
CA THR H 60 2.92 1.14 9.52
C THR H 60 3.35 -0.26 9.11
N ILE H 61 4.08 -0.92 9.99
CA ILE H 61 4.54 -2.32 9.85
C ILE H 61 4.27 -3.01 11.18
N ALA H 62 3.97 -4.31 11.13
CA ALA H 62 4.01 -5.18 12.31
C ALA H 62 4.66 -6.48 11.87
N PHE H 63 5.47 -7.08 12.74
CA PHE H 63 6.18 -8.36 12.49
C PHE H 63 6.34 -9.10 13.81
N SER H 64 6.58 -10.41 13.73
CA SER H 64 6.77 -11.30 14.91
C SER H 64 8.01 -12.15 14.71
N VAL H 65 8.64 -12.59 15.80
CA VAL H 65 9.74 -13.60 15.78
C VAL H 65 9.51 -14.55 16.95
N VAL H 66 9.54 -15.85 16.69
CA VAL H 66 9.52 -16.88 17.76
C VAL H 66 10.98 -17.30 17.96
N TRP H 67 11.46 -17.20 19.20
CA TRP H 67 12.91 -17.38 19.55
C TRP H 67 13.23 -18.87 19.59
N SER H 68 13.15 -19.53 18.42
CA SER H 68 13.44 -20.97 18.17
C SER H 68 13.87 -21.15 16.72
N ASN H 69 15.06 -21.70 16.43
CA ASN H 69 15.50 -21.95 15.01
C ASN H 69 16.14 -23.34 14.83
N GLY H 70 16.20 -24.18 15.88
CA GLY H 70 16.90 -25.48 15.87
C GLY H 70 18.10 -25.42 16.79
N ILE H 71 18.95 -24.42 16.53
CA ILE H 71 20.22 -24.11 17.24
C ILE H 71 19.95 -23.70 18.69
N ALA H 72 18.98 -22.82 18.97
CA ALA H 72 18.72 -22.29 20.34
C ALA H 72 17.28 -21.79 20.46
N ASP H 73 16.56 -22.30 21.47
CA ASP H 73 15.14 -21.96 21.79
C ASP H 73 15.09 -21.34 23.18
N CYS H 74 14.85 -20.02 23.28
CA CYS H 74 14.63 -19.30 24.56
C CYS H 74 13.16 -19.40 24.99
N ARG H 75 12.35 -20.24 24.35
CA ARG H 75 10.99 -20.60 24.82
C ARG H 75 10.17 -19.31 24.98
N SER H 76 10.15 -18.46 23.95
CA SER H 76 9.63 -17.07 24.00
C SER H 76 9.42 -16.52 22.60
N ALA H 77 8.59 -15.47 22.51
CA ALA H 77 8.19 -14.83 21.23
C ALA H 77 8.09 -13.33 21.46
N THR H 78 8.53 -12.56 20.48
CA THR H 78 8.40 -11.09 20.50
C THR H 78 7.60 -10.66 19.28
N SER H 79 6.85 -9.56 19.42
CA SER H 79 6.12 -8.93 18.28
C SER H 79 6.20 -7.39 18.37
N TRP H 80 6.63 -6.80 17.25
CA TRP H 80 6.89 -5.36 16.99
C TRP H 80 5.76 -4.74 16.15
N ALA H 81 5.30 -3.56 16.53
CA ALA H 81 4.43 -2.71 15.70
C ALA H 81 5.17 -1.37 15.58
N GLY H 82 5.12 -0.72 14.43
CA GLY H 82 5.97 0.45 14.20
C GLY H 82 5.50 1.21 12.98
N TYR H 83 5.91 2.48 12.92
CA TYR H 83 5.59 3.44 11.83
C TYR H 83 6.91 3.93 11.32
N ALA H 84 7.11 3.91 10.01
CA ALA H 84 8.27 4.54 9.34
C ALA H 84 8.26 6.06 9.59
N ARG H 85 9.41 6.74 9.44
CA ARG H 85 9.65 8.18 9.72
C ARG H 85 10.86 8.62 8.90
N LYS H 86 10.76 9.70 8.12
CA LYS H 86 11.88 10.26 7.29
C LYS H 86 12.84 10.96 8.26
N THR H 87 14.14 10.74 8.12
CA THR H 87 15.16 11.39 8.98
C THR H 87 15.79 12.53 8.15
N PHE H 88 16.08 13.66 8.81
CA PHE H 88 16.80 14.83 8.22
C PHE H 88 17.92 14.30 7.36
N GLY H 89 17.90 14.58 6.05
CA GLY H 89 18.92 14.12 5.09
C GLY H 89 18.42 13.03 4.16
N GLY H 90 17.23 12.47 4.41
CA GLY H 90 16.55 11.54 3.50
C GLY H 90 16.76 10.07 3.84
N GLY H 91 17.28 9.74 5.03
CA GLY H 91 17.24 8.37 5.56
C GLY H 91 15.85 8.01 6.06
N VAL H 92 15.65 6.76 6.48
CA VAL H 92 14.35 6.35 7.06
C VAL H 92 14.62 5.47 8.29
N GLN H 93 13.80 5.64 9.33
CA GLN H 93 13.71 4.79 10.51
C GLN H 93 12.32 4.16 10.57
N ILE H 94 12.19 3.16 11.46
CA ILE H 94 10.89 2.58 11.89
C ILE H 94 10.89 2.68 13.41
N VAL H 95 9.86 3.31 13.98
CA VAL H 95 9.70 3.51 15.44
C VAL H 95 8.69 2.44 15.89
N THR H 96 9.08 1.56 16.82
CA THR H 96 8.31 0.36 17.23
C THR H 96 8.05 0.26 18.74
N GLN H 97 6.94 -0.34 19.12
CA GLN H 97 6.76 -0.99 20.41
C GLN H 97 6.90 -2.49 20.19
N TRP H 98 7.68 -3.16 21.04
CA TRP H 98 7.77 -4.64 21.09
C TRP H 98 7.17 -5.12 22.39
N SER H 99 6.58 -6.33 22.35
CA SER H 99 6.10 -7.12 23.52
C SER H 99 6.70 -8.51 23.41
N LEU H 100 7.08 -9.11 24.54
CA LEU H 100 7.88 -10.37 24.64
C LEU H 100 7.28 -11.26 25.72
N ALA H 101 6.90 -12.47 25.36
CA ALA H 101 6.28 -13.44 26.30
C ALA H 101 7.16 -14.68 26.37
N PHE H 102 7.67 -14.98 27.57
CA PHE H 102 8.33 -16.25 27.96
C PHE H 102 7.50 -16.89 29.06
N VAL H 103 7.84 -18.11 29.43
CA VAL H 103 7.29 -18.79 30.64
C VAL H 103 8.42 -19.04 31.62
N GLY H 104 8.49 -18.23 32.69
CA GLY H 104 9.40 -18.36 33.84
C GLY H 104 8.95 -19.49 34.74
N LYS H 105 9.63 -19.69 35.87
CA LYS H 105 9.23 -20.70 36.88
C LYS H 105 7.95 -20.19 37.58
N ALA H 106 7.80 -18.87 37.66
CA ALA H 106 6.63 -18.18 38.29
C ALA H 106 5.50 -17.99 37.27
N GLY H 107 5.19 -19.03 36.47
CA GLY H 107 4.20 -18.96 35.37
C GLY H 107 4.59 -17.98 34.29
N GLY H 108 3.64 -17.65 33.39
CA GLY H 108 3.83 -16.73 32.25
C GLY H 108 4.05 -15.29 32.68
N LYS H 109 4.93 -14.59 31.96
CA LYS H 109 5.24 -13.15 32.15
C LYS H 109 5.31 -12.49 30.77
N ILE H 110 5.08 -11.17 30.69
CA ILE H 110 5.28 -10.40 29.44
C ILE H 110 6.04 -9.11 29.73
N GLU H 111 7.11 -8.83 28.96
CA GLU H 111 7.92 -7.59 29.00
C GLU H 111 7.57 -6.74 27.77
N THR H 112 7.86 -5.44 27.79
CA THR H 112 7.60 -4.51 26.66
C THR H 112 8.76 -3.51 26.51
N GLY H 113 8.94 -2.94 25.32
CA GLY H 113 9.94 -1.87 25.12
C GLY H 113 9.73 -1.09 23.83
N GLN H 114 10.63 -0.15 23.55
CA GLN H 114 10.70 0.62 22.28
C GLN H 114 11.95 0.13 21.54
N ASN H 115 11.89 -0.04 20.23
CA ASN H 115 13.07 -0.24 19.37
C ASN H 115 12.93 0.70 18.19
N VAL H 116 14.00 1.33 17.74
CA VAL H 116 13.95 2.22 16.57
C VAL H 116 14.90 1.63 15.53
N PHE H 117 14.38 1.17 14.40
CA PHE H 117 15.17 0.51 13.34
C PHE H 117 15.55 1.58 12.30
N THR H 118 16.81 1.55 11.88
CA THR H 118 17.39 2.50 10.91
C THR H 118 17.75 1.72 9.64
N TYR H 119 17.15 2.07 8.51
CA TYR H 119 17.53 1.53 7.18
C TYR H 119 19.01 1.85 6.95
N GLN H 120 19.79 0.91 6.40
CA GLN H 120 21.20 1.04 5.93
C GLN H 120 21.35 0.29 4.60
N ALA H 121 21.87 1.01 3.59
CA ALA H 121 22.26 0.51 2.26
C ALA H 121 23.44 -0.46 2.36
N ALA H 122 24.57 -0.20 1.70
CA ALA H 122 25.68 -1.19 1.52
C ALA H 122 27.00 -0.47 1.22
N THR I 2 24.44 42.75 -32.95
CA THR I 2 24.98 42.49 -31.58
C THR I 2 23.85 41.87 -30.72
N ASP I 3 23.35 40.70 -31.15
CA ASP I 3 22.13 40.02 -30.62
C ASP I 3 22.41 38.54 -30.39
N PHE I 4 21.96 37.99 -29.26
CA PHE I 4 22.03 36.54 -28.93
C PHE I 4 21.07 35.76 -29.84
N ASP I 5 20.02 36.42 -30.31
CA ASP I 5 19.06 35.94 -31.33
C ASP I 5 19.85 35.29 -32.48
N SER I 6 20.89 36.00 -32.96
CA SER I 6 21.85 35.61 -34.03
C SER I 6 22.83 34.54 -33.51
N LEU I 7 22.34 33.58 -32.72
CA LEU I 7 23.12 32.44 -32.20
C LEU I 7 22.32 31.14 -32.37
N SER I 8 21.00 31.21 -32.55
CA SER I 8 20.04 30.06 -32.56
C SER I 8 20.65 28.85 -33.26
N GLY I 9 20.69 27.70 -32.58
CA GLY I 9 21.14 26.40 -33.13
C GLY I 9 22.63 26.14 -32.91
N THR I 10 23.45 27.19 -32.80
CA THR I 10 24.94 27.10 -32.76
C THR I 10 25.37 26.69 -31.33
N SER I 11 26.50 25.98 -31.22
CA SER I 11 27.17 25.62 -29.95
C SER I 11 28.54 26.34 -29.88
N THR I 12 28.59 27.47 -29.19
CA THR I 12 29.70 28.46 -29.21
C THR I 12 30.48 28.41 -27.89
N THR I 13 31.80 28.55 -27.95
CA THR I 13 32.72 28.53 -26.77
C THR I 13 33.09 29.97 -26.38
N TRP I 14 33.18 30.24 -25.07
CA TRP I 14 33.72 31.51 -24.49
C TRP I 14 34.56 31.25 -23.23
N VAL I 15 35.43 32.23 -22.91
CA VAL I 15 36.43 32.19 -21.81
C VAL I 15 36.62 33.60 -21.23
N ASN I 16 36.73 33.69 -19.91
CA ASN I 16 36.74 34.95 -19.11
C ASN I 16 38.14 35.18 -18.52
N GLU I 17 38.42 36.40 -18.07
CA GLU I 17 39.75 36.84 -17.61
C GLU I 17 40.33 35.89 -16.54
N LEU I 18 39.56 34.91 -16.05
CA LEU I 18 40.03 33.88 -15.08
C LEU I 18 40.28 32.53 -15.77
N GLY I 19 40.21 32.47 -17.11
CA GLY I 19 40.62 31.30 -17.90
C GLY I 19 39.63 30.15 -17.83
N SER I 20 38.53 30.32 -17.09
CA SER I 20 37.41 29.35 -17.06
C SER I 20 36.64 29.50 -18.37
N VAL I 21 36.02 28.41 -18.83
CA VAL I 21 35.49 28.29 -20.22
C VAL I 21 34.09 27.67 -20.17
N MET I 22 33.14 28.24 -20.92
CA MET I 22 31.76 27.69 -21.09
C MET I 22 31.40 27.57 -22.57
N THR I 23 30.71 26.48 -22.91
CA THR I 23 30.18 26.14 -24.26
C THR I 23 28.66 26.07 -24.20
N ILE I 24 27.96 27.01 -24.81
CA ILE I 24 26.52 27.28 -24.56
C ILE I 24 25.70 26.89 -25.80
N ASP I 25 24.69 26.03 -25.62
CA ASP I 25 23.70 25.63 -26.66
C ASP I 25 22.48 26.58 -26.58
N VAL I 26 22.49 27.68 -27.34
CA VAL I 26 21.30 28.56 -27.56
C VAL I 26 20.41 27.87 -28.60
N ASP I 27 19.10 27.74 -28.31
CA ASP I 27 18.10 27.11 -29.20
C ASP I 27 17.25 28.21 -29.88
N ARG I 28 16.12 27.84 -30.48
CA ARG I 28 15.24 28.73 -31.28
C ARG I 28 14.41 29.64 -30.35
N LYS I 29 14.21 29.26 -29.08
CA LYS I 29 13.33 29.97 -28.10
C LYS I 29 14.14 30.93 -27.23
N GLY I 30 15.46 30.99 -27.40
CA GLY I 30 16.39 31.83 -26.61
C GLY I 30 17.08 31.04 -25.50
N GLY I 31 16.69 29.76 -25.31
CA GLY I 31 17.13 28.90 -24.20
C GLY I 31 18.58 28.46 -24.32
N VAL I 32 19.42 28.85 -23.37
CA VAL I 32 20.86 28.43 -23.27
C VAL I 32 20.93 27.22 -22.33
N THR I 33 21.65 26.17 -22.77
CA THR I 33 22.18 25.03 -21.97
C THR I 33 23.68 24.90 -22.31
N GLY I 34 24.39 23.92 -21.74
CA GLY I 34 25.80 23.63 -22.05
C GLY I 34 26.59 23.21 -20.83
N TYR I 35 27.93 23.27 -20.89
CA TYR I 35 28.84 23.05 -19.74
C TYR I 35 29.74 24.29 -19.53
N TYR I 36 30.25 24.43 -18.29
CA TYR I 36 31.17 25.48 -17.77
C TYR I 36 32.30 24.77 -17.02
N VAL I 37 33.56 25.22 -17.22
CA VAL I 37 34.79 24.64 -16.60
C VAL I 37 35.54 25.74 -15.85
N ASN I 38 35.58 25.66 -14.52
CA ASN I 38 36.14 26.74 -13.66
C ASN I 38 37.67 26.63 -13.65
N ASN I 39 38.37 27.77 -13.66
CA ASN I 39 39.86 27.86 -13.56
C ASN I 39 40.22 29.13 -12.80
N ALA I 40 39.56 29.37 -11.66
CA ALA I 40 39.80 30.56 -10.81
C ALA I 40 40.96 30.26 -9.86
N PRO I 41 41.95 31.17 -9.73
CA PRO I 41 42.97 31.03 -8.69
C PRO I 41 42.27 30.93 -7.32
N GLY I 42 42.67 29.96 -6.51
CA GLY I 42 42.12 29.72 -5.16
C GLY I 42 40.60 29.65 -5.18
N THR I 43 40.06 28.67 -5.91
CA THR I 43 38.64 28.23 -5.86
C THR I 43 38.61 26.73 -6.18
N GLY I 44 37.57 26.03 -5.74
CA GLY I 44 37.39 24.59 -6.02
C GLY I 44 36.81 24.35 -7.41
N CYS I 45 36.41 23.11 -7.68
CA CYS I 45 35.61 22.69 -8.86
C CYS I 45 36.29 23.19 -10.14
N ARG I 46 37.64 23.14 -10.13
CA ARG I 46 38.59 23.63 -11.17
C ARG I 46 38.92 22.53 -12.16
N GLY I 47 38.90 22.86 -13.46
CA GLY I 47 39.19 21.93 -14.57
C GLY I 47 38.28 20.72 -14.55
N LEU I 48 36.97 20.96 -14.67
CA LEU I 48 35.94 19.90 -14.88
C LEU I 48 34.74 20.56 -15.54
N PRO I 49 34.01 19.84 -16.42
CA PRO I 49 32.74 20.33 -16.94
C PRO I 49 31.65 20.30 -15.86
N TYR I 50 30.86 21.38 -15.77
CA TYR I 50 29.70 21.54 -14.86
C TYR I 50 28.49 21.97 -15.67
N ASP I 51 27.35 21.30 -15.48
CA ASP I 51 26.05 21.68 -16.10
C ASP I 51 25.87 23.20 -16.02
N LEU I 52 25.23 23.79 -17.03
CA LEU I 52 24.63 25.13 -16.89
C LEU I 52 23.35 25.20 -17.75
N SER I 53 22.56 26.25 -17.54
CA SER I 53 21.25 26.48 -18.17
C SER I 53 20.79 27.88 -17.79
N GLY I 54 20.21 28.61 -18.75
CA GLY I 54 19.85 30.03 -18.62
C GLY I 54 18.83 30.44 -19.66
N HIS I 55 18.95 31.66 -20.17
CA HIS I 55 18.11 32.23 -21.24
C HIS I 55 18.78 33.50 -21.80
N ALA I 56 18.69 33.71 -23.12
CA ALA I 56 19.17 34.91 -23.84
C ALA I 56 18.01 35.49 -24.66
N HIS I 57 18.17 36.73 -25.09
CA HIS I 57 17.15 37.54 -25.81
C HIS I 57 17.76 38.91 -26.12
N GLY I 58 17.24 39.62 -27.12
CA GLY I 58 17.76 40.94 -27.54
C GLY I 58 19.28 40.98 -27.53
N SER I 59 19.85 41.64 -26.52
CA SER I 59 21.32 41.87 -26.38
C SER I 59 21.84 41.36 -25.01
N THR I 60 21.00 40.66 -24.24
CA THR I 60 21.29 40.29 -22.81
C THR I 60 21.03 38.81 -22.60
N ILE I 61 21.74 38.25 -21.61
CA ILE I 61 21.80 36.80 -21.29
C ILE I 61 21.97 36.65 -19.79
N ALA I 62 21.44 35.56 -19.22
CA ALA I 62 21.58 35.16 -17.81
C ALA I 62 21.67 33.64 -17.76
N PHE I 63 22.70 33.10 -17.12
CA PHE I 63 22.92 31.63 -17.04
C PHE I 63 23.42 31.30 -15.62
N SER I 64 23.33 30.03 -15.22
CA SER I 64 23.46 29.59 -13.81
C SER I 64 24.22 28.27 -13.74
N VAL I 65 25.10 28.12 -12.76
CA VAL I 65 25.90 26.88 -12.53
C VAL I 65 25.73 26.45 -11.07
N VAL I 66 25.49 25.15 -10.87
CA VAL I 66 25.47 24.45 -9.54
C VAL I 66 26.72 23.56 -9.44
N TRP I 67 27.66 23.93 -8.56
CA TRP I 67 28.99 23.30 -8.45
C TRP I 67 28.84 21.91 -7.80
N SER I 68 28.40 20.97 -8.63
CA SER I 68 28.12 19.55 -8.31
C SER I 68 27.87 18.84 -9.65
N ASN I 69 28.64 17.78 -9.95
CA ASN I 69 28.59 17.08 -11.27
C ASN I 69 28.71 15.58 -11.12
N GLY I 70 28.76 15.06 -9.88
CA GLY I 70 29.03 13.64 -9.57
C GLY I 70 30.47 13.40 -9.12
N ILE I 71 31.39 14.34 -9.40
CA ILE I 71 32.86 14.18 -9.19
C ILE I 71 33.33 15.03 -7.99
N ALA I 72 33.27 16.37 -8.05
CA ALA I 72 33.69 17.30 -6.96
C ALA I 72 32.60 18.33 -6.66
N ASP I 73 32.05 18.30 -5.45
CA ASP I 73 30.95 19.17 -4.94
C ASP I 73 31.50 20.28 -4.04
N CYS I 74 31.52 21.54 -4.47
CA CYS I 74 32.06 22.69 -3.67
C CYS I 74 30.98 23.28 -2.75
N ARG I 75 29.85 22.58 -2.56
CA ARG I 75 28.69 23.00 -1.72
C ARG I 75 28.25 24.47 -2.01
N SER I 76 28.32 24.93 -3.27
CA SER I 76 28.06 26.34 -3.70
C SER I 76 27.31 26.43 -5.05
N ALA I 77 26.95 27.65 -5.50
CA ALA I 77 26.25 27.95 -6.77
C ALA I 77 26.46 29.40 -7.24
N THR I 78 26.67 29.58 -8.54
CA THR I 78 26.93 30.91 -9.16
C THR I 78 25.87 31.17 -10.23
N SER I 79 25.49 32.43 -10.46
CA SER I 79 24.73 32.85 -11.67
C SER I 79 25.20 34.23 -12.19
N TRP I 80 25.25 34.36 -13.50
CA TRP I 80 25.71 35.56 -14.24
C TRP I 80 24.48 36.22 -14.85
N ALA I 81 24.61 37.47 -15.25
CA ALA I 81 23.56 38.25 -15.95
C ALA I 81 24.26 39.42 -16.63
N GLY I 82 24.66 39.22 -17.89
CA GLY I 82 25.42 40.20 -18.66
C GLY I 82 24.69 40.67 -19.90
N TYR I 83 25.38 41.49 -20.66
CA TYR I 83 25.01 41.93 -22.02
C TYR I 83 26.14 41.50 -22.97
N ALA I 84 25.84 41.30 -24.25
CA ALA I 84 26.86 41.17 -25.30
C ALA I 84 27.33 42.58 -25.69
N ARG I 85 28.60 42.71 -26.07
CA ARG I 85 29.12 43.89 -26.81
C ARG I 85 29.91 43.36 -28.00
N LYS I 86 29.79 44.00 -29.17
CA LYS I 86 30.66 43.77 -30.35
C LYS I 86 31.88 44.69 -30.18
N THR I 87 33.06 44.21 -30.58
CA THR I 87 34.36 44.87 -30.34
C THR I 87 34.89 45.37 -31.69
N PHE I 88 35.97 46.18 -31.68
CA PHE I 88 36.78 46.58 -32.86
C PHE I 88 37.29 45.33 -33.59
N GLY I 89 37.01 45.21 -34.89
CA GLY I 89 37.40 44.06 -35.74
C GLY I 89 36.20 43.24 -36.16
N GLY I 90 35.28 42.96 -35.22
CA GLY I 90 34.06 42.16 -35.44
C GLY I 90 34.02 40.91 -34.57
N GLY I 91 34.58 41.00 -33.35
CA GLY I 91 34.45 39.99 -32.28
C GLY I 91 33.38 40.40 -31.28
N VAL I 92 32.91 39.45 -30.47
CA VAL I 92 31.77 39.65 -29.51
C VAL I 92 32.20 39.13 -28.14
N GLN I 93 31.82 39.88 -27.10
CA GLN I 93 32.05 39.56 -25.67
C GLN I 93 30.70 39.52 -24.92
N ILE I 94 30.72 38.93 -23.72
CA ILE I 94 29.62 38.91 -22.72
C ILE I 94 30.17 39.53 -21.43
N VAL I 95 29.77 40.77 -21.11
CA VAL I 95 30.14 41.52 -19.87
C VAL I 95 29.11 41.19 -18.78
N THR I 96 29.44 40.33 -17.82
CA THR I 96 28.49 39.83 -16.78
C THR I 96 28.89 40.33 -15.39
N GLN I 97 27.88 40.55 -14.53
CA GLN I 97 27.98 40.54 -13.06
C GLN I 97 27.60 39.12 -12.60
N TRP I 98 28.24 38.62 -11.54
CA TRP I 98 28.02 37.26 -11.02
C TRP I 98 27.77 37.32 -9.53
N SER I 99 27.04 36.32 -9.05
CA SER I 99 26.64 36.08 -7.65
C SER I 99 27.07 34.64 -7.32
N LEU I 100 27.87 34.48 -6.27
CA LEU I 100 28.31 33.16 -5.77
C LEU I 100 27.70 32.97 -4.37
N ALA I 101 26.95 31.88 -4.18
CA ALA I 101 26.30 31.51 -2.92
C ALA I 101 26.88 30.18 -2.48
N PHE I 102 27.47 30.11 -1.28
CA PHE I 102 28.03 28.87 -0.68
C PHE I 102 27.65 28.81 0.81
N VAL I 103 27.80 27.65 1.44
CA VAL I 103 27.48 27.41 2.88
C VAL I 103 28.75 26.88 3.56
N GLY I 104 29.47 27.73 4.31
CA GLY I 104 30.85 27.47 4.76
C GLY I 104 31.00 27.46 6.27
N LYS I 105 30.32 26.52 6.95
CA LYS I 105 30.51 26.22 8.41
C LYS I 105 30.15 27.44 9.27
N ALA I 106 30.51 28.65 8.82
CA ALA I 106 30.20 29.95 9.46
C ALA I 106 28.97 30.59 8.78
N GLY I 107 27.88 29.83 8.61
CA GLY I 107 26.62 30.28 7.97
C GLY I 107 26.78 30.55 6.48
N GLY I 108 25.72 31.01 5.81
CA GLY I 108 25.75 31.37 4.39
C GLY I 108 26.66 32.55 4.10
N LYS I 109 27.24 32.61 2.90
CA LYS I 109 27.97 33.79 2.39
C LYS I 109 27.64 33.93 0.91
N ILE I 110 27.89 35.13 0.39
CA ILE I 110 27.53 35.56 -0.99
C ILE I 110 28.55 36.60 -1.47
N GLU I 111 29.32 36.23 -2.51
CA GLU I 111 30.32 37.10 -3.19
C GLU I 111 29.75 37.54 -4.53
N THR I 112 30.28 38.63 -5.08
CA THR I 112 29.96 39.17 -6.43
C THR I 112 31.24 39.60 -7.15
N GLY I 113 31.19 39.71 -8.48
CA GLY I 113 32.28 40.33 -9.26
C GLY I 113 31.86 40.59 -10.69
N GLN I 114 32.83 40.83 -11.57
CA GLN I 114 32.61 40.95 -13.04
C GLN I 114 33.40 39.85 -13.76
N ASN I 115 32.84 39.37 -14.86
CA ASN I 115 33.50 38.41 -15.76
C ASN I 115 33.27 38.92 -17.18
N VAL I 116 34.32 38.95 -17.99
CA VAL I 116 34.24 39.31 -19.44
C VAL I 116 34.69 38.08 -20.22
N PHE I 117 33.70 37.33 -20.69
CA PHE I 117 33.82 36.17 -21.62
C PHE I 117 34.08 36.72 -23.02
N THR I 118 35.02 36.12 -23.75
CA THR I 118 35.35 36.47 -25.15
C THR I 118 34.88 35.32 -26.03
N TYR I 119 34.43 35.61 -27.25
CA TYR I 119 34.06 34.57 -28.25
C TYR I 119 35.34 33.93 -28.80
N GLN I 120 35.42 32.59 -28.72
CA GLN I 120 36.52 31.75 -29.28
C GLN I 120 35.96 30.82 -30.39
N ALA I 121 36.12 31.23 -31.65
CA ALA I 121 35.58 30.55 -32.85
C ALA I 121 36.44 29.33 -33.18
N ALA I 122 35.83 28.28 -33.74
CA ALA I 122 36.45 26.97 -34.08
C ALA I 122 37.74 27.19 -34.87
N THR J 2 16.83 19.56 6.62
CA THR J 2 16.45 19.20 5.22
C THR J 2 16.75 20.40 4.30
N ASP J 3 17.36 20.12 3.14
CA ASP J 3 17.87 21.13 2.15
C ASP J 3 17.11 20.96 0.83
N PHE J 4 17.55 21.62 -0.25
CA PHE J 4 16.83 21.70 -1.56
C PHE J 4 16.76 20.35 -2.28
N ASP J 5 17.60 19.38 -1.90
CA ASP J 5 17.55 17.98 -2.42
C ASP J 5 16.19 17.36 -2.05
N SER J 6 15.61 17.78 -0.92
CA SER J 6 14.25 17.39 -0.45
C SER J 6 13.20 18.39 -0.97
N LEU J 7 13.22 18.66 -2.29
CA LEU J 7 12.14 19.34 -3.07
C LEU J 7 11.93 18.66 -4.43
N SER J 8 12.51 17.47 -4.64
CA SER J 8 12.39 16.65 -5.88
C SER J 8 10.90 16.42 -6.22
N GLY J 9 10.43 16.98 -7.34
CA GLY J 9 9.06 16.77 -7.86
C GLY J 9 8.06 17.83 -7.42
N THR J 10 8.22 18.38 -6.20
CA THR J 10 7.22 19.26 -5.52
C THR J 10 7.23 20.67 -6.13
N SER J 11 6.04 21.23 -6.39
CA SER J 11 5.85 22.66 -6.75
C SER J 11 5.66 23.48 -5.47
N THR J 12 6.42 24.58 -5.33
CA THR J 12 6.59 25.40 -4.09
C THR J 12 6.67 26.88 -4.46
N THR J 13 6.00 27.72 -3.67
CA THR J 13 5.90 29.19 -3.91
C THR J 13 6.74 29.93 -2.87
N TRP J 14 7.32 31.06 -3.29
CA TRP J 14 8.25 31.88 -2.50
C TRP J 14 7.91 33.34 -2.78
N VAL J 15 7.83 34.18 -1.75
CA VAL J 15 7.55 35.63 -1.95
C VAL J 15 8.70 36.42 -1.34
N ASN J 16 9.39 37.24 -2.12
CA ASN J 16 10.55 38.03 -1.62
C ASN J 16 10.01 39.27 -0.92
N GLU J 17 10.91 40.06 -0.32
CA GLU J 17 10.59 41.22 0.55
C GLU J 17 9.82 42.29 -0.23
N LEU J 18 10.07 42.45 -1.53
CA LEU J 18 9.47 43.49 -2.40
C LEU J 18 8.00 43.13 -2.71
N GLY J 19 7.62 41.86 -2.61
CA GLY J 19 6.29 41.38 -2.99
C GLY J 19 6.36 40.43 -4.16
N SER J 20 7.43 40.48 -4.97
CA SER J 20 7.60 39.62 -6.17
C SER J 20 7.45 38.17 -5.74
N VAL J 21 6.79 37.34 -6.54
CA VAL J 21 6.48 35.94 -6.15
C VAL J 21 7.00 34.99 -7.23
N MET J 22 7.54 33.85 -6.80
CA MET J 22 8.07 32.84 -7.73
C MET J 22 7.52 31.48 -7.30
N THR J 23 7.12 30.68 -8.29
CA THR J 23 6.83 29.24 -8.15
C THR J 23 7.94 28.47 -8.83
N ILE J 24 8.58 27.53 -8.13
CA ILE J 24 9.62 26.64 -8.72
C ILE J 24 9.23 25.18 -8.48
N ASP J 25 9.47 24.35 -9.50
CA ASP J 25 9.43 22.87 -9.49
C ASP J 25 10.87 22.37 -9.54
N VAL J 26 11.24 21.49 -8.61
CA VAL J 26 12.57 20.84 -8.55
C VAL J 26 12.35 19.38 -8.91
N ASP J 27 12.94 18.92 -10.02
CA ASP J 27 12.88 17.50 -10.47
C ASP J 27 13.95 16.74 -9.68
N ARG J 28 14.10 15.45 -9.98
CA ARG J 28 14.94 14.49 -9.22
C ARG J 28 16.44 14.86 -9.36
N LYS J 29 16.86 15.40 -10.51
CA LYS J 29 18.28 15.81 -10.79
C LYS J 29 18.55 17.26 -10.37
N GLY J 30 17.87 17.76 -9.31
CA GLY J 30 18.07 19.10 -8.73
C GLY J 30 17.81 20.26 -9.70
N GLY J 31 17.13 20.01 -10.83
CA GLY J 31 16.87 21.03 -11.88
C GLY J 31 15.60 21.81 -11.60
N VAL J 32 15.64 23.13 -11.85
CA VAL J 32 14.62 24.11 -11.37
C VAL J 32 13.92 24.76 -12.56
N THR J 33 12.63 24.45 -12.77
CA THR J 33 11.76 25.09 -13.78
C THR J 33 10.60 25.77 -13.04
N GLY J 34 10.14 26.93 -13.50
CA GLY J 34 8.92 27.57 -12.99
C GLY J 34 8.78 29.00 -13.46
N TYR J 35 7.81 29.73 -12.92
CA TYR J 35 7.49 31.14 -13.28
C TYR J 35 7.78 32.11 -12.12
N TYR J 36 8.12 33.34 -12.48
CA TYR J 36 8.45 34.51 -11.61
C TYR J 36 7.50 35.66 -11.95
N VAL J 37 7.06 36.43 -10.94
CA VAL J 37 6.06 37.53 -11.06
C VAL J 37 6.64 38.77 -10.37
N ASN J 38 7.14 39.72 -11.15
CA ASN J 38 7.80 40.92 -10.57
C ASN J 38 6.72 41.78 -9.91
N ASN J 39 7.09 42.62 -8.93
CA ASN J 39 6.21 43.59 -8.23
C ASN J 39 7.01 44.83 -7.80
N ALA J 40 8.31 44.87 -8.09
CA ALA J 40 9.27 45.88 -7.58
C ALA J 40 8.85 47.29 -8.01
N PRO J 41 8.59 48.22 -7.07
CA PRO J 41 8.13 49.55 -7.46
C PRO J 41 9.18 50.20 -8.37
N GLY J 42 8.74 50.89 -9.43
CA GLY J 42 9.60 51.62 -10.40
C GLY J 42 10.32 50.67 -11.36
N THR J 43 9.74 49.51 -11.63
CA THR J 43 10.25 48.50 -12.60
C THR J 43 9.12 48.09 -13.57
N GLY J 44 9.48 47.56 -14.74
CA GLY J 44 8.51 47.07 -15.74
C GLY J 44 8.27 45.57 -15.59
N CYS J 45 7.49 45.00 -16.51
CA CYS J 45 7.20 43.54 -16.60
C CYS J 45 6.52 43.10 -15.29
N ARG J 46 5.77 44.01 -14.67
CA ARG J 46 5.08 43.80 -13.37
C ARG J 46 3.76 43.08 -13.62
N GLY J 47 3.28 42.33 -12.62
CA GLY J 47 1.97 41.65 -12.64
C GLY J 47 1.94 40.35 -13.45
N LEU J 48 2.96 40.04 -14.27
CA LEU J 48 2.83 39.00 -15.33
C LEU J 48 3.83 37.87 -15.08
N PRO J 49 3.47 36.60 -15.39
CA PRO J 49 4.41 35.49 -15.26
C PRO J 49 5.57 35.71 -16.23
N TYR J 50 6.74 35.11 -15.94
CA TYR J 50 7.94 35.04 -16.81
C TYR J 50 8.68 33.72 -16.56
N ASP J 51 9.26 33.12 -17.59
CA ASP J 51 9.98 31.82 -17.52
C ASP J 51 11.21 32.01 -16.64
N LEU J 52 11.44 31.07 -15.72
CA LEU J 52 12.70 30.94 -14.94
C LEU J 52 13.21 29.49 -15.02
N SER J 53 14.53 29.35 -15.13
CA SER J 53 15.27 28.06 -15.10
C SER J 53 16.60 28.25 -14.35
N GLY J 54 16.89 27.32 -13.46
CA GLY J 54 18.18 27.17 -12.79
C GLY J 54 18.27 25.81 -12.14
N HIS J 55 19.23 25.62 -11.24
CA HIS J 55 19.55 24.29 -10.64
C HIS J 55 19.61 24.48 -9.13
N ALA J 56 19.52 23.40 -8.36
CA ALA J 56 19.59 23.41 -6.89
C ALA J 56 20.16 22.09 -6.37
N HIS J 57 21.21 22.19 -5.54
CA HIS J 57 21.85 21.04 -4.85
C HIS J 57 22.22 21.43 -3.42
N GLY J 58 22.06 20.48 -2.50
CA GLY J 58 22.18 20.73 -1.05
C GLY J 58 21.42 21.97 -0.69
N SER J 59 22.12 23.00 -0.19
CA SER J 59 21.52 24.22 0.41
C SER J 59 21.87 25.45 -0.41
N THR J 60 22.17 25.30 -1.71
CA THR J 60 22.29 26.46 -2.62
C THR J 60 21.37 26.27 -3.83
N ILE J 61 20.94 27.38 -4.39
CA ILE J 61 20.03 27.48 -5.56
C ILE J 61 20.57 28.65 -6.37
N ALA J 62 20.42 28.60 -7.68
CA ALA J 62 20.65 29.73 -8.60
C ALA J 62 19.62 29.57 -9.72
N PHE J 63 19.01 30.66 -10.16
CA PHE J 63 17.98 30.61 -11.21
C PHE J 63 18.05 31.92 -12.01
N SER J 64 17.47 31.94 -13.20
CA SER J 64 17.53 33.10 -14.15
C SER J 64 16.15 33.41 -14.72
N VAL J 65 15.99 34.63 -15.24
CA VAL J 65 14.70 35.11 -15.85
C VAL J 65 15.03 36.19 -16.89
N VAL J 66 14.63 35.94 -18.14
CA VAL J 66 14.66 36.97 -19.23
C VAL J 66 13.32 37.72 -19.23
N TRP J 67 13.36 39.04 -19.16
CA TRP J 67 12.17 39.90 -18.99
C TRP J 67 11.47 40.10 -20.34
N SER J 68 10.98 38.98 -20.90
CA SER J 68 10.22 38.85 -22.18
C SER J 68 9.35 37.58 -22.11
N ASN J 69 8.10 37.62 -22.58
CA ASN J 69 7.13 36.51 -22.37
C ASN J 69 6.01 36.52 -23.42
N GLY J 70 6.17 37.31 -24.49
CA GLY J 70 5.12 37.56 -25.49
C GLY J 70 4.35 38.83 -25.17
N ILE J 71 3.95 39.01 -23.91
CA ILE J 71 3.04 40.11 -23.48
C ILE J 71 3.82 41.43 -23.47
N ALA J 72 4.82 41.56 -22.59
CA ALA J 72 5.74 42.73 -22.52
C ALA J 72 7.18 42.23 -22.68
N ASP J 73 8.11 43.18 -22.84
CA ASP J 73 9.58 42.94 -22.89
C ASP J 73 10.24 44.18 -22.31
N CYS J 74 11.11 44.00 -21.30
CA CYS J 74 11.80 45.09 -20.59
C CYS J 74 13.27 45.13 -21.03
N ARG J 75 13.64 44.26 -21.98
CA ARG J 75 14.91 44.36 -22.78
C ARG J 75 16.10 44.11 -21.83
N SER J 76 15.93 43.16 -20.90
CA SER J 76 16.88 42.88 -19.80
C SER J 76 16.76 41.42 -19.37
N ALA J 77 17.67 40.95 -18.51
CA ALA J 77 17.57 39.66 -17.78
C ALA J 77 18.16 39.84 -16.38
N THR J 78 17.72 38.98 -15.45
CA THR J 78 18.15 38.91 -14.03
C THR J 78 18.47 37.45 -13.66
N SER J 79 19.53 37.27 -12.87
CA SER J 79 19.89 35.98 -12.24
C SER J 79 19.97 36.18 -10.73
N TRP J 80 19.64 35.13 -9.96
CA TRP J 80 19.78 35.04 -8.49
C TRP J 80 20.71 33.87 -8.17
N ALA J 81 21.70 34.09 -7.31
CA ALA J 81 22.43 33.02 -6.60
C ALA J 81 22.15 33.14 -5.10
N GLY J 82 21.70 32.06 -4.47
CA GLY J 82 21.32 32.13 -3.06
C GLY J 82 21.58 30.84 -2.31
N TYR J 83 21.75 30.96 -0.99
CA TYR J 83 21.73 29.85 -0.01
C TYR J 83 20.38 29.83 0.68
N ALA J 84 20.07 28.67 1.25
CA ALA J 84 18.85 28.44 2.04
C ALA J 84 19.15 28.94 3.46
N ARG J 85 18.15 28.89 4.32
CA ARG J 85 18.24 29.40 5.71
C ARG J 85 17.00 28.88 6.42
N LYS J 86 17.19 28.21 7.56
CA LYS J 86 16.06 27.81 8.41
C LYS J 86 15.87 29.00 9.36
N THR J 87 14.64 29.17 9.87
CA THR J 87 14.19 30.33 10.68
C THR J 87 13.56 29.77 11.95
N PHE J 88 13.52 30.56 13.01
CA PHE J 88 12.98 30.06 14.31
C PHE J 88 11.53 29.63 14.10
N GLY J 89 11.13 28.46 14.62
CA GLY J 89 9.84 27.86 14.29
C GLY J 89 9.95 26.96 13.06
N GLY J 90 11.14 26.83 12.48
CA GLY J 90 11.47 25.76 11.52
C GLY J 90 11.08 26.10 10.09
N GLY J 91 10.48 27.27 9.84
CA GLY J 91 10.28 27.81 8.49
C GLY J 91 11.56 27.72 7.67
N VAL J 92 11.55 28.19 6.42
CA VAL J 92 12.78 28.27 5.57
C VAL J 92 12.68 29.44 4.57
N GLN J 93 13.82 30.10 4.34
CA GLN J 93 13.98 31.24 3.40
C GLN J 93 15.14 30.95 2.46
N ILE J 94 15.17 31.57 1.30
CA ILE J 94 16.36 31.61 0.40
C ILE J 94 16.94 33.02 0.51
N VAL J 95 18.15 33.17 1.04
CA VAL J 95 18.88 34.48 1.02
C VAL J 95 19.61 34.53 -0.33
N THR J 96 19.39 35.57 -1.13
CA THR J 96 19.87 35.60 -2.53
C THR J 96 20.50 36.95 -2.85
N GLN J 97 21.47 36.92 -3.76
CA GLN J 97 22.04 38.09 -4.48
C GLN J 97 21.56 38.00 -5.93
N TRP J 98 21.12 39.12 -6.51
CA TRP J 98 20.58 39.21 -7.88
C TRP J 98 21.41 40.21 -8.68
N SER J 99 21.63 39.90 -9.95
CA SER J 99 22.27 40.78 -10.94
C SER J 99 21.27 40.98 -12.08
N LEU J 100 21.05 42.23 -12.50
CA LEU J 100 20.13 42.63 -13.59
C LEU J 100 20.93 43.45 -14.62
N ALA J 101 20.93 42.98 -15.87
CA ALA J 101 21.56 43.63 -17.05
C ALA J 101 20.44 44.09 -17.99
N PHE J 102 20.55 45.31 -18.51
CA PHE J 102 19.69 45.87 -19.58
C PHE J 102 20.60 46.53 -20.63
N VAL J 103 20.01 47.15 -21.67
CA VAL J 103 20.73 47.93 -22.74
C VAL J 103 20.00 49.25 -22.98
N GLY J 104 20.23 50.24 -22.10
CA GLY J 104 19.71 51.61 -22.21
C GLY J 104 20.35 52.37 -23.36
N LYS J 105 19.93 53.61 -23.60
CA LYS J 105 20.54 54.47 -24.66
C LYS J 105 22.06 54.35 -24.53
N ALA J 106 22.61 54.77 -23.37
CA ALA J 106 24.05 54.92 -23.11
C ALA J 106 24.68 53.55 -22.86
N GLY J 107 24.48 52.62 -23.80
CA GLY J 107 25.15 51.29 -23.85
C GLY J 107 24.43 50.26 -23.00
N GLY J 108 25.21 49.35 -22.38
CA GLY J 108 24.73 48.30 -21.45
C GLY J 108 25.21 48.55 -20.03
N LYS J 109 24.29 48.46 -19.06
CA LYS J 109 24.57 48.71 -17.61
C LYS J 109 24.05 47.52 -16.79
N ILE J 110 24.60 47.33 -15.58
CA ILE J 110 24.24 46.21 -14.67
C ILE J 110 23.92 46.72 -13.25
N GLU J 111 22.82 46.21 -12.66
CA GLU J 111 22.29 46.57 -11.31
C GLU J 111 22.40 45.35 -10.39
N THR J 112 22.56 45.57 -9.08
CA THR J 112 22.63 44.50 -8.04
C THR J 112 21.90 44.92 -6.76
N GLY J 113 21.40 43.93 -6.03
CA GLY J 113 20.82 44.07 -4.69
C GLY J 113 20.66 42.71 -4.03
N GLN J 114 20.02 42.67 -2.87
CA GLN J 114 19.70 41.42 -2.12
C GLN J 114 18.21 41.16 -2.33
N ASN J 115 17.78 39.91 -2.25
CA ASN J 115 16.36 39.57 -2.01
C ASN J 115 16.28 38.41 -1.02
N VAL J 116 15.15 38.25 -0.35
CA VAL J 116 14.96 37.13 0.59
C VAL J 116 13.59 36.52 0.35
N PHE J 117 13.59 35.32 -0.21
CA PHE J 117 12.38 34.56 -0.63
C PHE J 117 11.92 33.75 0.59
N THR J 118 10.65 33.90 0.97
CA THR J 118 10.03 33.23 2.14
C THR J 118 9.08 32.15 1.61
N TYR J 119 9.22 30.90 2.09
CA TYR J 119 8.38 29.76 1.65
C TYR J 119 6.95 29.96 2.15
N GLN J 120 5.94 29.70 1.30
CA GLN J 120 4.50 29.80 1.61
C GLN J 120 3.77 28.50 1.24
N ALA J 121 3.33 27.75 2.25
CA ALA J 121 2.35 26.64 2.12
C ALA J 121 1.06 27.20 1.48
N ALA J 122 0.58 28.35 1.97
CA ALA J 122 -0.46 29.19 1.33
C ALA J 122 -0.68 30.47 2.16
N THR K 2 -10.16 -23.15 -60.62
CA THR K 2 -10.66 -22.92 -59.23
C THR K 2 -11.85 -23.83 -58.99
N ASP K 3 -12.93 -23.61 -59.74
CA ASP K 3 -14.09 -24.54 -59.73
C ASP K 3 -13.52 -25.97 -59.77
N PHE K 4 -14.12 -26.86 -58.99
CA PHE K 4 -13.82 -28.29 -58.91
C PHE K 4 -14.80 -29.05 -59.80
N ASP K 5 -15.93 -28.43 -60.13
CA ASP K 5 -16.89 -28.94 -61.17
C ASP K 5 -16.12 -29.35 -62.44
N SER K 6 -15.14 -28.55 -62.89
CA SER K 6 -14.28 -28.83 -64.07
C SER K 6 -13.10 -29.75 -63.67
N LEU K 7 -13.40 -30.87 -62.99
CA LEU K 7 -12.46 -31.98 -62.66
C LEU K 7 -13.23 -33.31 -62.56
N SER K 8 -14.29 -33.47 -63.37
CA SER K 8 -15.37 -34.47 -63.18
C SER K 8 -15.16 -35.71 -64.06
N GLY K 9 -14.92 -36.86 -63.43
CA GLY K 9 -14.49 -38.12 -64.07
C GLY K 9 -12.98 -38.32 -63.99
N THR K 10 -12.22 -37.25 -63.74
CA THR K 10 -10.74 -37.17 -63.91
C THR K 10 -10.03 -37.62 -62.62
N SER K 11 -8.80 -38.14 -62.76
CA SER K 11 -7.86 -38.45 -61.64
C SER K 11 -6.76 -37.37 -61.61
N THR K 12 -6.65 -36.67 -60.48
CA THR K 12 -5.73 -35.52 -60.27
C THR K 12 -4.94 -35.72 -58.99
N THR K 13 -3.62 -35.56 -59.09
CA THR K 13 -2.63 -35.65 -58.00
C THR K 13 -2.48 -34.26 -57.37
N TRP K 14 -2.07 -34.19 -56.11
CA TRP K 14 -1.78 -32.94 -55.34
C TRP K 14 -0.80 -33.23 -54.19
N VAL K 15 0.12 -32.32 -53.87
CA VAL K 15 1.15 -32.51 -52.81
C VAL K 15 1.25 -31.27 -51.89
N ASN K 16 1.46 -31.46 -50.57
CA ASN K 16 1.43 -30.37 -49.55
C ASN K 16 2.83 -30.11 -49.01
N GLU K 17 3.01 -28.98 -48.30
CA GLU K 17 4.32 -28.43 -47.83
C GLU K 17 5.10 -29.50 -47.04
N LEU K 18 4.41 -30.45 -46.44
CA LEU K 18 5.01 -31.51 -45.60
C LEU K 18 5.63 -32.58 -46.49
N GLY K 19 5.04 -32.80 -47.67
CA GLY K 19 5.49 -33.80 -48.67
C GLY K 19 4.46 -34.89 -48.88
N SER K 20 3.26 -34.75 -48.30
CA SER K 20 2.18 -35.76 -48.36
C SER K 20 1.44 -35.61 -49.68
N VAL K 21 1.09 -36.72 -50.33
CA VAL K 21 0.52 -36.73 -51.70
C VAL K 21 -0.82 -37.46 -51.68
N MET K 22 -1.88 -36.82 -52.17
CA MET K 22 -3.20 -37.47 -52.38
C MET K 22 -3.54 -37.44 -53.87
N THR K 23 -4.32 -38.42 -54.30
CA THR K 23 -4.89 -38.55 -55.66
C THR K 23 -6.40 -38.64 -55.45
N ILE K 24 -7.19 -37.86 -56.20
CA ILE K 24 -8.66 -37.74 -55.99
C ILE K 24 -9.38 -37.97 -57.31
N ASP K 25 -10.51 -38.66 -57.28
CA ASP K 25 -11.34 -38.98 -58.48
C ASP K 25 -12.74 -38.37 -58.26
N VAL K 26 -12.88 -37.06 -58.53
CA VAL K 26 -14.15 -36.29 -58.37
C VAL K 26 -15.17 -36.71 -59.43
N ASP K 27 -16.02 -37.71 -59.15
CA ASP K 27 -17.18 -38.10 -60.00
C ASP K 27 -18.07 -36.86 -60.20
N ARG K 28 -18.95 -36.89 -61.22
CA ARG K 28 -19.78 -35.74 -61.68
C ARG K 28 -20.66 -35.20 -60.55
N LYS K 29 -21.40 -36.09 -59.88
CA LYS K 29 -22.39 -35.79 -58.80
C LYS K 29 -21.79 -34.92 -57.68
N GLY K 30 -20.48 -34.69 -57.68
CA GLY K 30 -19.77 -33.81 -56.71
C GLY K 30 -18.89 -34.61 -55.75
N GLY K 31 -19.01 -35.94 -55.74
CA GLY K 31 -18.35 -36.82 -54.76
C GLY K 31 -16.87 -36.96 -55.04
N VAL K 32 -16.06 -37.19 -54.00
CA VAL K 32 -14.60 -37.49 -54.09
C VAL K 32 -14.35 -38.89 -53.55
N THR K 33 -13.48 -39.64 -54.22
CA THR K 33 -12.78 -40.83 -53.67
C THR K 33 -11.31 -40.67 -54.02
N GLY K 34 -10.43 -41.53 -53.52
CA GLY K 34 -8.99 -41.45 -53.83
C GLY K 34 -8.15 -42.08 -52.76
N TYR K 35 -6.87 -41.71 -52.69
CA TYR K 35 -5.92 -42.19 -51.66
C TYR K 35 -5.04 -41.01 -51.22
N TYR K 36 -4.57 -41.08 -49.98
CA TYR K 36 -3.66 -40.09 -49.33
C TYR K 36 -2.37 -40.83 -48.98
N VAL K 37 -1.20 -40.20 -49.18
CA VAL K 37 0.12 -40.75 -48.73
C VAL K 37 0.73 -39.74 -47.74
N ASN K 38 0.72 -40.08 -46.44
CA ASN K 38 1.31 -39.22 -45.38
C ASN K 38 2.82 -39.17 -45.58
N ASN K 39 3.45 -38.07 -45.19
CA ASN K 39 4.93 -37.93 -45.22
C ASN K 39 5.34 -36.88 -44.17
N ALA K 40 4.47 -36.65 -43.19
CA ALA K 40 4.68 -35.67 -42.12
C ALA K 40 5.78 -36.18 -41.22
N PRO K 41 6.84 -35.37 -40.99
CA PRO K 41 7.84 -35.72 -39.99
C PRO K 41 7.18 -35.73 -38.60
N GLY K 42 7.48 -36.77 -37.83
CA GLY K 42 7.03 -36.94 -36.43
C GLY K 42 5.62 -37.49 -36.36
N THR K 43 5.23 -38.33 -37.32
CA THR K 43 3.88 -38.95 -37.39
C THR K 43 4.00 -40.35 -38.01
N GLY K 44 3.09 -41.26 -37.64
CA GLY K 44 3.00 -42.63 -38.20
C GLY K 44 2.19 -42.66 -39.51
N CYS K 45 2.00 -43.86 -40.06
CA CYS K 45 1.13 -44.14 -41.22
C CYS K 45 1.68 -43.38 -42.43
N ARG K 46 3.00 -43.38 -42.53
CA ARG K 46 3.78 -42.70 -43.59
C ARG K 46 3.92 -43.61 -44.82
N GLY K 47 4.31 -43.01 -45.95
CA GLY K 47 4.81 -43.68 -47.16
C GLY K 47 3.84 -44.67 -47.79
N LEU K 48 2.63 -44.84 -47.25
CA LEU K 48 1.63 -45.83 -47.72
C LEU K 48 0.37 -45.11 -48.22
N PRO K 49 -0.40 -45.70 -49.16
CA PRO K 49 -1.77 -45.25 -49.44
C PRO K 49 -2.77 -45.53 -48.31
N TYR K 50 -3.76 -44.64 -48.21
CA TYR K 50 -4.88 -44.67 -47.21
C TYR K 50 -6.13 -44.11 -47.89
N ASP K 51 -7.22 -44.89 -47.94
CA ASP K 51 -8.47 -44.47 -48.63
C ASP K 51 -8.77 -43.03 -48.23
N LEU K 52 -9.61 -42.33 -48.99
CA LEU K 52 -10.15 -41.02 -48.56
C LEU K 52 -11.47 -40.78 -49.28
N SER K 53 -12.53 -40.53 -48.49
CA SER K 53 -13.87 -40.05 -48.92
C SER K 53 -13.95 -38.52 -48.77
N GLY K 54 -15.05 -37.94 -49.23
CA GLY K 54 -15.30 -36.49 -49.22
C GLY K 54 -16.30 -36.05 -50.28
N HIS K 55 -16.28 -34.77 -50.60
CA HIS K 55 -17.20 -34.16 -51.58
C HIS K 55 -16.57 -32.83 -52.00
N ALA K 56 -16.81 -32.41 -53.25
CA ALA K 56 -16.37 -31.10 -53.77
C ALA K 56 -17.56 -30.47 -54.48
N HIS K 57 -17.55 -29.15 -54.58
CA HIS K 57 -18.59 -28.37 -55.28
C HIS K 57 -18.06 -26.94 -55.39
N GLY K 58 -18.04 -26.40 -56.61
CA GLY K 58 -17.52 -25.06 -56.94
C GLY K 58 -16.06 -24.95 -56.57
N SER K 59 -15.71 -24.03 -55.68
CA SER K 59 -14.31 -23.76 -55.25
C SER K 59 -14.03 -24.29 -53.83
N THR K 60 -14.89 -25.15 -53.29
CA THR K 60 -14.76 -25.72 -51.93
C THR K 60 -14.84 -27.24 -51.98
N ILE K 61 -13.97 -27.87 -51.19
CA ILE K 61 -13.83 -29.33 -51.05
C ILE K 61 -13.63 -29.63 -49.57
N ALA K 62 -14.06 -30.82 -49.16
CA ALA K 62 -13.95 -31.38 -47.79
C ALA K 62 -13.77 -32.89 -47.90
N PHE K 63 -12.73 -33.43 -47.27
CA PHE K 63 -12.36 -34.86 -47.41
C PHE K 63 -11.67 -35.35 -46.13
N SER K 64 -11.89 -36.64 -45.87
CA SER K 64 -11.51 -37.31 -44.61
C SER K 64 -10.60 -38.48 -44.96
N VAL K 65 -9.65 -38.76 -44.06
CA VAL K 65 -8.80 -39.98 -44.06
C VAL K 65 -8.95 -40.67 -42.71
N VAL K 66 -9.47 -41.89 -42.68
CA VAL K 66 -9.25 -42.80 -41.52
C VAL K 66 -7.90 -43.48 -41.75
N TRP K 67 -7.07 -43.53 -40.71
CA TRP K 67 -5.64 -43.97 -40.78
C TRP K 67 -5.53 -45.44 -40.42
N SER K 68 -6.23 -46.32 -41.15
CA SER K 68 -6.04 -47.80 -41.06
C SER K 68 -6.37 -48.48 -42.40
N ASN K 69 -5.33 -48.79 -43.19
CA ASN K 69 -5.42 -49.51 -44.49
C ASN K 69 -5.48 -51.03 -44.26
N GLY K 70 -4.89 -51.52 -43.16
CA GLY K 70 -4.69 -52.95 -42.90
C GLY K 70 -3.21 -53.25 -42.69
N ILE K 71 -2.34 -52.37 -43.19
CA ILE K 71 -0.85 -52.48 -43.10
C ILE K 71 -0.39 -51.80 -41.80
N ALA K 72 -0.82 -50.56 -41.57
CA ALA K 72 -0.50 -49.74 -40.38
C ALA K 72 -1.76 -49.01 -39.89
N ASP K 73 -1.98 -49.02 -38.57
CA ASP K 73 -3.16 -48.42 -37.88
C ASP K 73 -2.69 -47.44 -36.79
N CYS K 74 -2.86 -46.13 -37.04
CA CYS K 74 -2.45 -45.02 -36.14
C CYS K 74 -3.57 -44.71 -35.14
N ARG K 75 -4.74 -45.33 -35.31
CA ARG K 75 -5.85 -45.23 -34.32
C ARG K 75 -6.33 -43.78 -34.30
N SER K 76 -6.40 -43.15 -35.48
CA SER K 76 -6.66 -41.69 -35.66
C SER K 76 -7.39 -41.45 -36.99
N ALA K 77 -8.04 -40.28 -37.13
CA ALA K 77 -8.68 -39.81 -38.37
C ALA K 77 -8.48 -38.29 -38.52
N THR K 78 -8.15 -37.84 -39.73
CA THR K 78 -8.03 -36.41 -40.10
C THR K 78 -9.20 -36.04 -41.03
N SER K 79 -9.71 -34.83 -40.92
CA SER K 79 -10.62 -34.21 -41.92
C SER K 79 -10.03 -32.87 -42.36
N TRP K 80 -9.95 -32.67 -43.68
CA TRP K 80 -9.62 -31.36 -44.30
C TRP K 80 -10.91 -30.75 -44.80
N ALA K 81 -10.95 -29.42 -44.83
CA ALA K 81 -11.85 -28.63 -45.68
C ALA K 81 -11.04 -27.43 -46.16
N GLY K 82 -11.28 -27.00 -47.40
CA GLY K 82 -10.42 -26.00 -48.05
C GLY K 82 -11.01 -25.46 -49.33
N TYR K 83 -10.55 -24.27 -49.71
CA TYR K 83 -10.97 -23.55 -50.93
C TYR K 83 -9.86 -23.63 -52.00
N ALA K 84 -10.24 -23.84 -53.27
CA ALA K 84 -9.31 -23.78 -54.43
C ALA K 84 -8.90 -22.32 -54.65
N ARG K 85 -7.85 -22.11 -55.43
CA ARG K 85 -7.15 -20.82 -55.50
C ARG K 85 -6.26 -20.82 -56.74
N LYS K 86 -6.42 -19.87 -57.65
CA LYS K 86 -5.59 -19.83 -58.87
C LYS K 86 -4.32 -19.08 -58.51
N THR K 87 -3.19 -19.67 -58.84
CA THR K 87 -1.81 -19.24 -58.54
C THR K 87 -1.22 -18.62 -59.80
N PHE K 88 -0.87 -17.33 -59.74
CA PHE K 88 -0.34 -16.52 -60.88
C PHE K 88 0.36 -17.43 -61.89
N GLY K 89 -0.18 -17.55 -63.11
CA GLY K 89 0.40 -18.36 -64.21
C GLY K 89 -0.35 -19.67 -64.49
N GLY K 90 -1.51 -19.92 -63.87
CA GLY K 90 -2.46 -20.98 -64.28
C GLY K 90 -2.51 -22.19 -63.35
N GLY K 91 -1.53 -22.34 -62.45
CA GLY K 91 -1.51 -23.39 -61.41
C GLY K 91 -2.67 -23.21 -60.47
N VAL K 92 -3.10 -24.27 -59.76
CA VAL K 92 -4.28 -24.22 -58.85
C VAL K 92 -3.92 -24.91 -57.53
N GLN K 93 -4.33 -24.29 -56.40
CA GLN K 93 -4.04 -24.70 -55.00
C GLN K 93 -5.33 -24.85 -54.21
N ILE K 94 -5.38 -25.82 -53.29
CA ILE K 94 -6.44 -25.99 -52.25
C ILE K 94 -5.86 -25.66 -50.87
N VAL K 95 -6.22 -24.52 -50.29
CA VAL K 95 -5.78 -24.12 -48.93
C VAL K 95 -6.74 -24.76 -47.93
N THR K 96 -6.26 -25.62 -47.04
CA THR K 96 -7.12 -26.42 -46.10
C THR K 96 -6.84 -26.11 -44.63
N GLN K 97 -7.77 -26.51 -43.77
CA GLN K 97 -7.61 -26.63 -42.31
C GLN K 97 -7.89 -28.09 -41.94
N TRP K 98 -7.05 -28.72 -41.12
CA TRP K 98 -7.23 -30.16 -40.79
C TRP K 98 -7.39 -30.36 -39.30
N SER K 99 -8.28 -31.29 -38.96
CA SER K 99 -8.51 -31.83 -37.61
C SER K 99 -7.95 -33.25 -37.59
N LEU K 100 -6.93 -33.49 -36.77
CA LEU K 100 -6.49 -34.86 -36.43
C LEU K 100 -7.14 -35.18 -35.09
N ALA K 101 -7.76 -36.37 -34.97
CA ALA K 101 -8.50 -36.81 -33.76
C ALA K 101 -8.04 -38.22 -33.39
N PHE K 102 -7.37 -38.39 -32.26
CA PHE K 102 -6.79 -39.68 -31.82
C PHE K 102 -7.15 -39.93 -30.35
N VAL K 103 -7.15 -41.21 -29.94
CA VAL K 103 -7.12 -41.63 -28.52
C VAL K 103 -5.67 -41.95 -28.16
N GLY K 104 -5.29 -41.64 -26.92
CA GLY K 104 -4.07 -42.15 -26.27
C GLY K 104 -4.44 -43.00 -25.07
N LYS K 105 -3.47 -43.24 -24.19
CA LYS K 105 -3.72 -43.56 -22.76
C LYS K 105 -4.47 -42.35 -22.18
N ALA K 106 -4.02 -41.13 -22.52
CA ALA K 106 -4.33 -39.84 -21.87
C ALA K 106 -5.81 -39.40 -22.09
N GLY K 107 -6.64 -40.24 -22.72
CA GLY K 107 -7.96 -39.83 -23.24
C GLY K 107 -7.83 -39.26 -24.65
N GLY K 108 -8.95 -39.20 -25.37
CA GLY K 108 -9.04 -38.64 -26.74
C GLY K 108 -8.57 -37.20 -26.80
N LYS K 109 -7.82 -36.85 -27.86
CA LYS K 109 -7.28 -35.49 -28.12
C LYS K 109 -7.62 -35.10 -29.55
N ILE K 110 -7.41 -33.84 -29.92
CA ILE K 110 -7.65 -33.33 -31.28
C ILE K 110 -6.61 -32.25 -31.56
N GLU K 111 -5.85 -32.39 -32.65
CA GLU K 111 -4.91 -31.34 -33.15
C GLU K 111 -5.56 -30.67 -34.36
N THR K 112 -5.04 -29.51 -34.79
CA THR K 112 -5.48 -28.80 -36.01
C THR K 112 -4.28 -28.20 -36.76
N GLY K 113 -4.46 -27.89 -38.02
CA GLY K 113 -3.32 -27.37 -38.81
C GLY K 113 -3.75 -26.95 -40.18
N GLN K 114 -2.88 -26.16 -40.80
CA GLN K 114 -3.00 -25.69 -42.20
C GLN K 114 -2.24 -26.69 -43.07
N ASN K 115 -2.81 -27.00 -44.22
CA ASN K 115 -2.09 -27.57 -45.39
C ASN K 115 -2.39 -26.65 -46.56
N VAL K 116 -1.42 -26.44 -47.46
CA VAL K 116 -1.67 -25.94 -48.85
C VAL K 116 -1.18 -27.01 -49.83
N PHE K 117 -2.13 -27.73 -50.43
CA PHE K 117 -1.89 -28.71 -51.52
C PHE K 117 -1.81 -27.95 -52.84
N THR K 118 -1.01 -28.45 -53.78
CA THR K 118 -0.81 -27.88 -55.13
C THR K 118 -0.95 -28.99 -56.18
N TYR K 119 -1.57 -28.68 -57.32
CA TYR K 119 -1.84 -29.64 -58.42
C TYR K 119 -0.54 -29.95 -59.16
N GLN K 120 -0.38 -31.23 -59.57
CA GLN K 120 0.81 -31.76 -60.28
C GLN K 120 0.38 -32.60 -61.49
N ALA K 121 0.85 -32.28 -62.71
CA ALA K 121 0.51 -33.03 -63.95
C ALA K 121 1.60 -34.07 -64.29
N ALA K 122 1.18 -35.20 -64.89
CA ALA K 122 1.90 -36.50 -64.97
C ALA K 122 3.35 -36.30 -65.45
N THR L 2 -19.11 -47.55 -26.95
CA THR L 2 -17.65 -47.93 -26.94
C THR L 2 -16.96 -47.24 -28.13
N ASP L 3 -16.83 -47.98 -29.24
CA ASP L 3 -16.20 -47.56 -30.52
C ASP L 3 -17.30 -47.57 -31.57
N PHE L 4 -17.00 -47.15 -32.80
CA PHE L 4 -18.00 -47.09 -33.91
C PHE L 4 -18.05 -48.41 -34.68
N ASP L 5 -16.96 -49.16 -34.72
CA ASP L 5 -16.92 -50.50 -35.36
C ASP L 5 -18.15 -51.27 -34.89
N SER L 6 -18.64 -50.95 -33.69
CA SER L 6 -19.89 -51.46 -33.06
C SER L 6 -21.07 -50.56 -33.42
N LEU L 7 -21.27 -50.28 -34.71
CA LEU L 7 -22.48 -49.60 -35.26
C LEU L 7 -22.84 -50.18 -36.65
N SER L 8 -22.32 -51.37 -36.99
CA SER L 8 -22.51 -52.04 -38.31
C SER L 8 -24.00 -52.04 -38.68
N GLY L 9 -24.35 -51.53 -39.87
CA GLY L 9 -25.73 -51.47 -40.40
C GLY L 9 -26.75 -51.10 -39.35
N THR L 10 -26.45 -50.11 -38.49
CA THR L 10 -27.38 -49.48 -37.53
C THR L 10 -27.39 -47.97 -37.78
N SER L 11 -28.57 -47.42 -38.08
CA SER L 11 -28.75 -46.00 -38.41
C SER L 11 -28.92 -45.19 -37.11
N THR L 12 -27.85 -44.51 -36.67
CA THR L 12 -27.79 -43.70 -35.41
C THR L 12 -28.23 -42.25 -35.69
N THR L 13 -28.62 -41.51 -34.65
CA THR L 13 -28.99 -40.07 -34.74
C THR L 13 -28.26 -39.30 -33.64
N TRP L 14 -27.67 -38.16 -34.00
CA TRP L 14 -26.79 -37.37 -33.10
C TRP L 14 -27.16 -35.91 -33.26
N VAL L 15 -27.22 -35.18 -32.15
CA VAL L 15 -27.56 -33.72 -32.11
C VAL L 15 -26.44 -33.00 -31.36
N ASN L 16 -26.10 -31.77 -31.79
CA ASN L 16 -25.06 -30.96 -31.13
C ASN L 16 -25.70 -29.73 -30.43
N GLU L 17 -24.87 -28.89 -29.81
CA GLU L 17 -25.26 -27.76 -28.93
C GLU L 17 -25.97 -26.70 -29.75
N LEU L 18 -25.72 -26.65 -31.06
CA LEU L 18 -26.36 -25.65 -31.96
C LEU L 18 -27.72 -26.19 -32.45
N GLY L 19 -28.16 -27.34 -31.98
CA GLY L 19 -29.41 -27.98 -32.41
C GLY L 19 -29.28 -28.81 -33.68
N SER L 20 -28.20 -28.68 -34.46
CA SER L 20 -27.98 -29.45 -35.72
C SER L 20 -28.05 -30.95 -35.44
N VAL L 21 -28.71 -31.69 -36.32
CA VAL L 21 -28.83 -33.17 -36.24
C VAL L 21 -28.17 -33.76 -37.47
N MET L 22 -27.63 -34.97 -37.30
CA MET L 22 -27.04 -35.82 -38.35
C MET L 22 -27.50 -37.25 -38.04
N THR L 23 -28.10 -37.88 -39.03
CA THR L 23 -28.48 -39.30 -39.02
C THR L 23 -27.43 -39.99 -39.88
N ILE L 24 -26.69 -40.97 -39.33
CA ILE L 24 -25.54 -41.62 -40.01
C ILE L 24 -25.69 -43.14 -39.95
N ASP L 25 -25.37 -43.79 -41.07
CA ASP L 25 -25.32 -45.27 -41.25
C ASP L 25 -23.86 -45.69 -41.39
N VAL L 26 -23.43 -46.59 -40.53
CA VAL L 26 -22.04 -47.15 -40.48
C VAL L 26 -22.11 -48.59 -40.98
N ASP L 27 -21.56 -48.85 -42.17
CA ASP L 27 -21.47 -50.21 -42.76
C ASP L 27 -20.28 -50.93 -42.14
N ARG L 28 -20.26 -52.26 -42.29
CA ARG L 28 -19.33 -53.22 -41.64
C ARG L 28 -17.87 -52.79 -41.83
N LYS L 29 -17.58 -52.03 -42.89
CA LYS L 29 -16.21 -51.58 -43.25
C LYS L 29 -15.78 -50.36 -42.42
N GLY L 30 -16.72 -49.73 -41.71
CA GLY L 30 -16.48 -48.49 -40.94
C GLY L 30 -16.81 -47.23 -41.72
N GLY L 31 -17.13 -47.37 -43.01
CA GLY L 31 -17.64 -46.28 -43.87
C GLY L 31 -18.95 -45.72 -43.33
N VAL L 32 -19.11 -44.41 -43.44
CA VAL L 32 -20.22 -43.60 -42.86
C VAL L 32 -20.89 -42.82 -43.99
N THR L 33 -22.19 -43.05 -44.21
CA THR L 33 -23.05 -42.19 -45.08
C THR L 33 -24.20 -41.72 -44.21
N GLY L 34 -25.00 -40.77 -44.71
CA GLY L 34 -26.17 -40.20 -44.01
C GLY L 34 -26.33 -38.72 -44.31
N TYR L 35 -27.28 -38.05 -43.63
CA TYR L 35 -27.69 -36.65 -43.89
C TYR L 35 -27.46 -35.82 -42.62
N TYR L 36 -27.32 -34.50 -42.74
CA TYR L 36 -26.91 -33.55 -41.66
C TYR L 36 -27.69 -32.24 -41.81
N VAL L 37 -28.63 -32.02 -40.91
CA VAL L 37 -29.52 -30.83 -40.89
C VAL L 37 -28.83 -29.73 -40.10
N ASN L 38 -28.50 -28.60 -40.74
CA ASN L 38 -27.83 -27.46 -40.05
C ASN L 38 -28.87 -26.83 -39.12
N ASN L 39 -28.46 -26.00 -38.16
CA ASN L 39 -29.40 -25.19 -37.35
C ASN L 39 -28.66 -24.05 -36.66
N ALA L 40 -27.41 -23.80 -37.05
CA ALA L 40 -26.51 -22.82 -36.39
C ALA L 40 -27.01 -21.42 -36.69
N PRO L 41 -27.36 -20.62 -35.67
CA PRO L 41 -27.72 -19.22 -35.90
C PRO L 41 -26.54 -18.49 -36.56
N GLY L 42 -26.83 -17.54 -37.45
CA GLY L 42 -25.84 -16.76 -38.24
C GLY L 42 -25.26 -17.57 -39.39
N THR L 43 -26.02 -18.56 -39.87
CA THR L 43 -25.61 -19.48 -40.98
C THR L 43 -26.82 -19.72 -41.89
N GLY L 44 -26.59 -20.32 -43.04
CA GLY L 44 -27.65 -20.69 -43.99
C GLY L 44 -27.63 -22.18 -44.25
N CYS L 45 -28.46 -22.65 -45.16
CA CYS L 45 -28.53 -24.07 -45.55
C CYS L 45 -29.15 -24.78 -44.35
N ARG L 46 -30.04 -24.07 -43.68
CA ARG L 46 -30.62 -24.51 -42.39
C ARG L 46 -31.89 -25.29 -42.70
N GLY L 47 -32.28 -26.16 -41.77
CA GLY L 47 -33.56 -26.90 -41.74
C GLY L 47 -33.85 -27.57 -43.08
N LEU L 48 -32.83 -28.18 -43.68
CA LEU L 48 -32.89 -29.05 -44.90
C LEU L 48 -31.79 -30.11 -44.82
N PRO L 49 -32.05 -31.41 -45.08
CA PRO L 49 -31.00 -32.42 -45.09
C PRO L 49 -29.91 -32.07 -46.11
N TYR L 50 -28.72 -32.63 -45.93
CA TYR L 50 -27.54 -32.48 -46.82
C TYR L 50 -26.72 -33.76 -46.72
N ASP L 51 -26.45 -34.41 -47.86
CA ASP L 51 -25.56 -35.60 -47.96
C ASP L 51 -24.33 -35.37 -47.08
N LEU L 52 -24.02 -36.34 -46.21
CA LEU L 52 -22.70 -36.41 -45.55
C LEU L 52 -22.15 -37.82 -45.72
N SER L 53 -20.84 -37.90 -45.96
CA SER L 53 -20.06 -39.15 -46.05
C SER L 53 -18.79 -38.97 -45.21
N GLY L 54 -18.41 -40.03 -44.49
CA GLY L 54 -17.12 -40.10 -43.76
C GLY L 54 -16.71 -41.54 -43.57
N HIS L 55 -15.59 -41.79 -42.89
CA HIS L 55 -15.17 -43.15 -42.43
C HIS L 55 -14.95 -43.07 -40.91
N ALA L 56 -15.07 -44.22 -40.24
CA ALA L 56 -15.10 -44.33 -38.77
C ALA L 56 -14.45 -45.65 -38.36
N HIS L 57 -13.37 -45.59 -37.58
CA HIS L 57 -12.58 -46.77 -37.14
C HIS L 57 -12.29 -46.70 -35.63
N GLY L 58 -12.62 -47.75 -34.90
CA GLY L 58 -12.53 -47.76 -33.43
C GLY L 58 -13.29 -46.59 -32.84
N SER L 59 -12.60 -45.66 -32.18
CA SER L 59 -13.23 -44.59 -31.39
C SER L 59 -12.99 -43.23 -32.06
N THR L 60 -12.59 -43.23 -33.33
CA THR L 60 -12.47 -41.97 -34.12
C THR L 60 -13.49 -41.98 -35.27
N ILE L 61 -13.82 -40.78 -35.73
CA ILE L 61 -14.71 -40.55 -36.91
C ILE L 61 -14.30 -39.23 -37.54
N ALA L 62 -14.34 -39.17 -38.87
CA ALA L 62 -14.19 -37.92 -39.62
C ALA L 62 -15.21 -37.94 -40.75
N PHE L 63 -16.00 -36.88 -40.89
CA PHE L 63 -17.05 -36.76 -41.92
C PHE L 63 -17.02 -35.34 -42.48
N SER L 64 -17.64 -35.17 -43.65
CA SER L 64 -17.67 -33.92 -44.44
C SER L 64 -19.10 -33.72 -44.88
N VAL L 65 -19.45 -32.45 -45.11
CA VAL L 65 -20.74 -31.97 -45.69
C VAL L 65 -20.39 -30.85 -46.66
N VAL L 66 -20.86 -30.97 -47.90
CA VAL L 66 -20.74 -29.93 -48.95
C VAL L 66 -22.13 -29.29 -49.11
N TRP L 67 -22.25 -28.02 -48.68
CA TRP L 67 -23.53 -27.34 -48.40
C TRP L 67 -24.25 -26.98 -49.71
N SER L 68 -24.54 -28.01 -50.52
CA SER L 68 -25.38 -27.92 -51.73
C SER L 68 -26.19 -29.20 -51.88
N ASN L 69 -27.52 -29.07 -52.00
CA ASN L 69 -28.51 -30.18 -52.06
C ASN L 69 -29.45 -30.04 -53.26
N GLY L 70 -29.59 -28.82 -53.83
CA GLY L 70 -30.56 -28.48 -54.89
C GLY L 70 -31.61 -27.50 -54.40
N ILE L 71 -31.80 -27.39 -53.09
CA ILE L 71 -32.85 -26.55 -52.44
C ILE L 71 -32.23 -25.22 -51.95
N ALA L 72 -30.98 -25.26 -51.48
CA ALA L 72 -30.12 -24.07 -51.27
C ALA L 72 -28.64 -24.50 -51.28
N ASP L 73 -27.74 -23.53 -51.47
CA ASP L 73 -26.28 -23.75 -51.73
C ASP L 73 -25.49 -22.56 -51.18
N CYS L 74 -24.90 -22.70 -49.98
CA CYS L 74 -24.15 -21.62 -49.28
C CYS L 74 -22.76 -21.49 -49.93
N ARG L 75 -22.41 -22.39 -50.84
CA ARG L 75 -21.16 -22.37 -51.66
C ARG L 75 -20.00 -22.54 -50.67
N SER L 76 -20.14 -23.52 -49.77
CA SER L 76 -19.22 -23.76 -48.64
C SER L 76 -19.18 -25.25 -48.30
N ALA L 77 -18.09 -25.70 -47.68
CA ALA L 77 -17.91 -27.09 -47.20
C ALA L 77 -17.35 -27.07 -45.79
N THR L 78 -17.92 -27.93 -44.92
CA THR L 78 -17.47 -28.21 -43.53
C THR L 78 -16.98 -29.64 -43.44
N SER L 79 -15.85 -29.87 -42.76
CA SER L 79 -15.35 -31.22 -42.39
C SER L 79 -15.17 -31.32 -40.86
N TRP L 80 -15.68 -32.41 -40.27
CA TRP L 80 -15.57 -32.78 -38.84
C TRP L 80 -14.60 -33.94 -38.67
N ALA L 81 -13.90 -33.99 -37.54
CA ALA L 81 -13.01 -35.10 -37.10
C ALA L 81 -13.12 -35.20 -35.58
N GLY L 82 -13.46 -36.36 -35.05
CA GLY L 82 -13.80 -36.47 -33.63
C GLY L 82 -13.44 -37.81 -33.06
N TYR L 83 -13.57 -37.94 -31.74
CA TYR L 83 -13.53 -39.22 -30.97
C TYR L 83 -14.86 -39.41 -30.26
N ALA L 84 -15.26 -40.66 -30.01
CA ALA L 84 -16.42 -40.99 -29.14
C ALA L 84 -15.96 -40.85 -27.68
N ARG L 85 -16.92 -40.93 -26.77
CA ARG L 85 -16.75 -40.57 -25.34
C ARG L 85 -18.01 -41.06 -24.58
N LYS L 86 -17.82 -41.83 -23.51
CA LYS L 86 -18.95 -42.30 -22.67
C LYS L 86 -19.27 -41.16 -21.68
N THR L 87 -20.51 -41.07 -21.24
CA THR L 87 -21.00 -40.06 -20.26
C THR L 87 -21.66 -40.76 -19.07
N PHE L 88 -21.59 -40.17 -17.90
CA PHE L 88 -22.21 -40.73 -16.68
C PHE L 88 -23.62 -41.18 -17.04
N GLY L 89 -23.98 -42.43 -16.68
CA GLY L 89 -25.26 -43.07 -17.03
C GLY L 89 -25.21 -43.92 -18.29
N GLY L 90 -24.12 -43.86 -19.07
CA GLY L 90 -23.84 -44.80 -20.18
C GLY L 90 -24.15 -44.19 -21.53
N GLY L 91 -24.61 -42.94 -21.56
CA GLY L 91 -24.70 -42.13 -22.78
C GLY L 91 -23.36 -42.08 -23.50
N VAL L 92 -23.38 -41.74 -24.79
CA VAL L 92 -22.16 -41.61 -25.60
C VAL L 92 -22.27 -40.37 -26.50
N GLN L 93 -21.19 -39.57 -26.53
CA GLN L 93 -21.07 -38.36 -27.35
C GLN L 93 -19.88 -38.48 -28.29
N ILE L 94 -19.84 -37.62 -29.31
CA ILE L 94 -18.71 -37.47 -30.29
C ILE L 94 -18.17 -36.06 -30.17
N VAL L 95 -16.99 -35.89 -29.60
CA VAL L 95 -16.32 -34.56 -29.48
C VAL L 95 -15.61 -34.34 -30.79
N THR L 96 -15.74 -33.16 -31.41
CA THR L 96 -15.28 -32.91 -32.80
C THR L 96 -14.78 -31.48 -32.95
N GLN L 97 -13.72 -31.32 -33.72
CA GLN L 97 -13.25 -30.06 -34.35
C GLN L 97 -13.83 -30.00 -35.77
N TRP L 98 -14.26 -28.83 -36.21
CA TRP L 98 -14.86 -28.68 -37.57
C TRP L 98 -14.20 -27.49 -38.25
N SER L 99 -13.95 -27.65 -39.56
CA SER L 99 -13.45 -26.61 -40.48
C SER L 99 -14.54 -26.31 -41.52
N LEU L 100 -14.85 -25.04 -41.75
CA LEU L 100 -15.77 -24.56 -42.81
C LEU L 100 -14.95 -23.73 -43.79
N ALA L 101 -15.05 -24.04 -45.08
CA ALA L 101 -14.42 -23.29 -46.20
C ALA L 101 -15.51 -22.72 -47.09
N PHE L 102 -15.41 -21.43 -47.41
CA PHE L 102 -16.36 -20.70 -48.30
C PHE L 102 -15.56 -19.68 -49.12
N VAL L 103 -16.11 -19.27 -50.27
CA VAL L 103 -15.52 -18.24 -51.18
C VAL L 103 -16.42 -16.99 -51.11
N GLY L 104 -15.92 -15.90 -50.52
CA GLY L 104 -16.68 -14.66 -50.30
C GLY L 104 -16.57 -13.70 -51.47
N LYS L 105 -16.46 -12.41 -51.16
CA LYS L 105 -16.10 -11.34 -52.14
C LYS L 105 -14.59 -11.09 -52.02
N ALA L 106 -14.05 -11.11 -50.80
CA ALA L 106 -12.60 -10.96 -50.50
C ALA L 106 -11.88 -12.33 -50.58
N GLY L 107 -12.33 -13.21 -51.47
CA GLY L 107 -11.67 -14.49 -51.76
C GLY L 107 -12.18 -15.61 -50.87
N GLY L 108 -11.25 -16.41 -50.33
CA GLY L 108 -11.50 -17.69 -49.66
C GLY L 108 -11.23 -17.56 -48.17
N LYS L 109 -12.24 -17.80 -47.34
CA LYS L 109 -12.15 -17.81 -45.86
C LYS L 109 -12.22 -19.26 -45.38
N ILE L 110 -11.65 -19.53 -44.22
CA ILE L 110 -11.90 -20.78 -43.45
C ILE L 110 -12.23 -20.39 -42.01
N GLU L 111 -13.18 -21.12 -41.41
CA GLU L 111 -13.66 -20.94 -40.02
C GLU L 111 -13.56 -22.28 -39.32
N THR L 112 -13.30 -22.29 -38.02
CA THR L 112 -13.14 -23.50 -37.21
C THR L 112 -13.94 -23.37 -35.93
N GLY L 113 -14.53 -24.46 -35.46
CA GLY L 113 -15.14 -24.55 -34.13
C GLY L 113 -14.97 -25.93 -33.53
N GLN L 114 -15.57 -26.15 -32.35
CA GLN L 114 -15.79 -27.50 -31.77
C GLN L 114 -17.29 -27.79 -31.87
N ASN L 115 -17.67 -29.06 -32.01
CA ASN L 115 -19.09 -29.50 -31.95
C ASN L 115 -19.13 -30.73 -31.05
N VAL L 116 -20.10 -30.83 -30.13
CA VAL L 116 -20.29 -32.07 -29.32
C VAL L 116 -21.65 -32.70 -29.60
N PHE L 117 -21.67 -33.75 -30.42
CA PHE L 117 -22.89 -34.49 -30.86
C PHE L 117 -23.29 -35.48 -29.77
N THR L 118 -24.58 -35.67 -29.52
CA THR L 118 -25.08 -36.60 -28.46
C THR L 118 -25.97 -37.65 -29.14
N TYR L 119 -25.75 -38.92 -28.84
CA TYR L 119 -26.57 -40.02 -29.38
C TYR L 119 -27.99 -39.85 -28.83
N GLN L 120 -29.03 -40.06 -29.64
CA GLN L 120 -30.47 -40.15 -29.28
C GLN L 120 -31.07 -41.46 -29.82
N ALA L 121 -31.68 -42.27 -28.95
CA ALA L 121 -32.16 -43.66 -29.22
C ALA L 121 -32.89 -43.75 -30.57
N ALA L 122 -34.20 -43.43 -30.57
CA ALA L 122 -35.14 -43.53 -31.71
C ALA L 122 -36.01 -42.26 -31.78
N THR M 2 50.52 -13.33 -39.60
CA THR M 2 51.49 -14.16 -38.83
C THR M 2 52.43 -13.27 -38.00
N ASP M 3 52.83 -12.08 -38.50
CA ASP M 3 53.88 -11.20 -37.88
C ASP M 3 53.37 -9.75 -37.74
N PHE M 4 53.37 -9.23 -36.50
CA PHE M 4 53.07 -7.81 -36.17
C PHE M 4 54.32 -6.95 -36.34
N ASP M 5 55.46 -7.58 -36.69
CA ASP M 5 56.76 -6.89 -36.91
C ASP M 5 56.63 -5.96 -38.12
N SER M 6 55.85 -6.37 -39.15
CA SER M 6 55.66 -5.66 -40.44
C SER M 6 54.54 -4.61 -40.31
N LEU M 7 54.56 -3.82 -39.24
CA LEU M 7 53.58 -2.72 -38.98
C LEU M 7 54.29 -1.48 -38.43
N SER M 8 55.63 -1.48 -38.37
CA SER M 8 56.46 -0.43 -37.72
C SER M 8 56.39 0.90 -38.51
N GLY M 9 56.01 1.99 -37.84
CA GLY M 9 56.00 3.35 -38.39
C GLY M 9 54.70 3.67 -39.13
N THR M 10 53.90 2.66 -39.50
CA THR M 10 52.62 2.81 -40.25
C THR M 10 51.47 3.07 -39.26
N SER M 11 50.34 3.56 -39.79
CA SER M 11 49.06 3.77 -39.06
C SER M 11 47.99 2.88 -39.70
N THR M 12 47.55 1.83 -38.99
CA THR M 12 46.58 0.82 -39.49
C THR M 12 45.30 0.87 -38.68
N THR M 13 44.16 0.80 -39.37
CA THR M 13 42.79 0.81 -38.79
C THR M 13 42.28 -0.64 -38.78
N TRP M 14 41.55 -1.00 -37.71
CA TRP M 14 40.91 -2.33 -37.57
C TRP M 14 39.49 -2.14 -37.05
N VAL M 15 38.60 -3.09 -37.39
CA VAL M 15 37.16 -3.08 -36.98
C VAL M 15 36.67 -4.52 -36.78
N ASN M 16 35.89 -4.75 -35.72
CA ASN M 16 35.48 -6.09 -35.23
C ASN M 16 34.02 -6.35 -35.63
N GLU M 17 33.44 -7.46 -35.15
CA GLU M 17 32.09 -7.96 -35.55
C GLU M 17 30.97 -7.15 -34.85
N LEU M 18 31.31 -6.17 -34.02
CA LEU M 18 30.30 -5.29 -33.36
C LEU M 18 30.12 -4.02 -34.22
N GLY M 19 31.18 -3.60 -34.92
CA GLY M 19 31.22 -2.32 -35.65
C GLY M 19 32.18 -1.34 -34.98
N SER M 20 32.69 -1.67 -33.79
CA SER M 20 33.72 -0.86 -33.11
C SER M 20 34.96 -0.81 -34.00
N VAL M 21 35.65 0.34 -34.03
CA VAL M 21 36.86 0.56 -34.88
C VAL M 21 37.98 1.10 -33.98
N MET M 22 39.23 0.71 -34.28
CA MET M 22 40.46 1.27 -33.65
C MET M 22 41.51 1.58 -34.72
N THR M 23 42.14 2.75 -34.61
CA THR M 23 43.38 3.12 -35.34
C THR M 23 44.56 2.98 -34.37
N ILE M 24 45.61 2.23 -34.75
CA ILE M 24 46.80 1.91 -33.89
C ILE M 24 48.11 2.16 -34.65
N ASP M 25 49.05 2.83 -33.98
CA ASP M 25 50.40 3.18 -34.50
C ASP M 25 51.44 2.34 -33.75
N VAL M 26 51.97 1.31 -34.42
CA VAL M 26 53.07 0.43 -33.93
C VAL M 26 54.39 1.19 -34.11
N ASP M 27 55.13 1.40 -33.02
CA ASP M 27 56.31 2.28 -32.91
C ASP M 27 57.58 1.42 -32.78
N ARG M 28 57.90 0.65 -33.83
CA ARG M 28 59.27 0.16 -34.13
C ARG M 28 59.72 -0.90 -33.11
N LYS M 29 59.90 -0.47 -31.84
CA LYS M 29 60.22 -1.35 -30.68
C LYS M 29 59.02 -2.25 -30.38
N GLY M 30 57.88 -2.01 -31.06
CA GLY M 30 56.67 -2.87 -31.03
C GLY M 30 55.59 -2.30 -30.13
N GLY M 31 55.59 -0.98 -29.90
CA GLY M 31 54.86 -0.33 -28.80
C GLY M 31 53.66 0.45 -29.31
N VAL M 32 52.45 -0.02 -28.99
CA VAL M 32 51.17 0.35 -29.68
C VAL M 32 50.53 1.58 -29.02
N THR M 33 50.10 2.55 -29.84
CA THR M 33 49.29 3.74 -29.48
C THR M 33 48.25 4.01 -30.57
N GLY M 34 47.27 4.86 -30.28
CA GLY M 34 46.15 5.17 -31.19
C GLY M 34 44.91 5.56 -30.40
N TYR M 35 43.74 5.43 -31.02
CA TYR M 35 42.41 5.68 -30.39
C TYR M 35 41.50 4.48 -30.68
N TYR M 36 40.44 4.33 -29.88
CA TYR M 36 39.44 3.22 -30.02
C TYR M 36 38.03 3.82 -29.91
N VAL M 37 37.15 3.38 -30.82
CA VAL M 37 35.74 3.86 -30.92
C VAL M 37 34.80 2.67 -30.72
N ASN M 38 34.11 2.65 -29.58
CA ASN M 38 33.12 1.61 -29.23
C ASN M 38 31.86 1.78 -30.08
N ASN M 39 31.19 0.66 -30.37
CA ASN M 39 29.92 0.59 -31.15
C ASN M 39 29.18 -0.71 -30.79
N ALA M 40 29.21 -1.09 -29.51
CA ALA M 40 28.61 -2.34 -29.01
C ALA M 40 27.18 -2.04 -28.62
N PRO M 41 26.21 -2.91 -29.00
CA PRO M 41 24.82 -2.70 -28.60
C PRO M 41 24.69 -2.81 -27.08
N GLY M 42 23.88 -1.96 -26.46
CA GLY M 42 23.70 -1.88 -24.99
C GLY M 42 25.02 -1.80 -24.24
N THR M 43 25.87 -0.84 -24.59
CA THR M 43 27.06 -0.39 -23.80
C THR M 43 26.95 1.14 -23.66
N GLY M 44 27.99 1.78 -23.11
CA GLY M 44 28.13 3.26 -23.07
C GLY M 44 29.27 3.75 -23.95
N CYS M 45 29.66 5.02 -23.82
CA CYS M 45 30.85 5.64 -24.46
C CYS M 45 30.95 5.22 -25.94
N ARG M 46 29.80 5.21 -26.63
CA ARG M 46 29.65 4.94 -28.09
C ARG M 46 29.85 6.23 -28.87
N GLY M 47 30.45 6.13 -30.05
CA GLY M 47 30.50 7.22 -31.04
C GLY M 47 31.49 8.32 -30.66
N LEU M 48 32.59 7.94 -29.98
CA LEU M 48 33.72 8.84 -29.62
C LEU M 48 35.02 8.05 -29.65
N PRO M 49 36.16 8.69 -29.96
CA PRO M 49 37.47 8.08 -29.72
C PRO M 49 37.88 8.08 -28.24
N TYR M 50 38.67 7.06 -27.84
CA TYR M 50 39.28 6.89 -26.50
C TYR M 50 40.73 6.40 -26.65
N ASP M 51 41.64 7.01 -25.90
CA ASP M 51 43.10 6.72 -25.92
C ASP M 51 43.28 5.22 -25.65
N LEU M 52 44.15 4.56 -26.42
CA LEU M 52 44.43 3.10 -26.28
C LEU M 52 45.95 2.86 -26.43
N SER M 53 46.52 2.15 -25.44
CA SER M 53 47.97 1.82 -25.31
C SER M 53 48.16 0.30 -25.22
N GLY M 54 49.27 -0.20 -25.74
CA GLY M 54 49.60 -1.63 -25.67
C GLY M 54 51.04 -1.90 -26.09
N HIS M 55 51.25 -3.00 -26.81
CA HIS M 55 52.57 -3.49 -27.28
C HIS M 55 52.27 -4.69 -28.16
N ALA M 56 53.03 -4.88 -29.24
CA ALA M 56 52.95 -6.04 -30.16
C ALA M 56 54.35 -6.64 -30.36
N HIS M 57 54.41 -7.97 -30.53
CA HIS M 57 55.61 -8.74 -30.95
C HIS M 57 55.15 -10.00 -31.67
N GLY M 58 56.10 -10.85 -32.09
CA GLY M 58 55.84 -12.13 -32.80
C GLY M 58 54.51 -12.06 -33.53
N SER M 59 53.61 -12.98 -33.16
CA SER M 59 52.24 -13.13 -33.73
C SER M 59 51.18 -12.52 -32.80
N THR M 60 51.59 -11.96 -31.66
CA THR M 60 50.70 -11.67 -30.51
C THR M 60 50.78 -10.19 -30.15
N ILE M 61 49.64 -9.65 -29.74
CA ILE M 61 49.49 -8.23 -29.30
C ILE M 61 48.71 -8.24 -27.99
N ALA M 62 48.78 -7.12 -27.30
CA ALA M 62 47.99 -6.84 -26.09
C ALA M 62 47.89 -5.33 -25.98
N PHE M 63 46.66 -4.80 -25.95
CA PHE M 63 46.37 -3.37 -25.75
C PHE M 63 45.18 -3.19 -24.78
N SER M 64 45.14 -2.02 -24.11
CA SER M 64 44.12 -1.60 -23.11
C SER M 64 43.39 -0.33 -23.58
N VAL M 65 42.18 -0.08 -23.08
CA VAL M 65 41.38 1.16 -23.33
C VAL M 65 40.60 1.53 -22.06
N VAL M 66 41.08 2.49 -21.27
CA VAL M 66 40.29 3.15 -20.18
C VAL M 66 39.18 3.99 -20.83
N TRP M 67 37.93 3.81 -20.38
CA TRP M 67 36.73 4.51 -20.90
C TRP M 67 36.50 5.86 -20.18
N SER M 68 37.52 6.74 -20.19
CA SER M 68 37.37 8.20 -19.95
C SER M 68 38.21 8.97 -20.98
N ASN M 69 37.64 10.02 -21.57
CA ASN M 69 38.33 10.94 -22.52
C ASN M 69 38.14 12.39 -22.05
N GLY M 70 37.06 12.69 -21.31
CA GLY M 70 36.69 14.05 -20.86
C GLY M 70 35.32 14.46 -21.35
N ILE M 71 34.85 13.85 -22.43
CA ILE M 71 33.50 14.12 -23.00
C ILE M 71 32.51 13.18 -22.29
N ALA M 72 32.78 11.87 -22.30
CA ALA M 72 31.93 10.82 -21.67
C ALA M 72 32.79 9.92 -20.79
N ASP M 73 32.25 9.49 -19.65
CA ASP M 73 32.93 8.55 -18.71
C ASP M 73 31.94 7.44 -18.33
N CYS M 74 32.34 6.19 -18.62
CA CYS M 74 31.56 4.94 -18.34
C CYS M 74 32.21 4.17 -17.17
N ARG M 75 33.09 4.86 -16.42
CA ARG M 75 33.58 4.44 -15.09
C ARG M 75 34.17 3.02 -15.19
N SER M 76 34.90 2.72 -16.29
CA SER M 76 35.33 1.33 -16.61
C SER M 76 36.54 1.29 -17.54
N ALA M 77 37.17 0.10 -17.63
CA ALA M 77 38.42 -0.17 -18.39
C ALA M 77 38.38 -1.59 -18.97
N THR M 78 39.04 -1.77 -20.10
CA THR M 78 39.05 -3.03 -20.90
C THR M 78 40.43 -3.22 -21.51
N SER M 79 40.86 -4.46 -21.60
CA SER M 79 42.08 -4.87 -22.31
C SER M 79 41.79 -6.13 -23.13
N TRP M 80 42.42 -6.16 -24.32
CA TRP M 80 42.41 -7.30 -25.26
C TRP M 80 43.83 -7.82 -25.30
N ALA M 81 43.99 -9.15 -25.28
CA ALA M 81 45.17 -9.85 -25.80
C ALA M 81 44.71 -10.76 -26.91
N GLY M 82 45.43 -10.77 -28.03
CA GLY M 82 45.06 -11.58 -29.19
C GLY M 82 46.30 -11.96 -29.96
N TYR M 83 46.14 -12.97 -30.84
CA TYR M 83 47.14 -13.37 -31.86
C TYR M 83 46.63 -12.90 -33.22
N ALA M 84 47.53 -12.80 -34.20
CA ALA M 84 47.22 -12.47 -35.61
C ALA M 84 46.97 -13.78 -36.38
N ARG M 85 46.30 -13.68 -37.52
CA ARG M 85 45.88 -14.84 -38.33
C ARG M 85 45.63 -14.35 -39.75
N LYS M 86 46.27 -14.97 -40.75
CA LYS M 86 46.17 -14.56 -42.17
C LYS M 86 44.83 -15.07 -42.73
N THR M 87 44.16 -14.22 -43.53
CA THR M 87 42.96 -14.52 -44.35
C THR M 87 43.44 -14.74 -45.79
N PHE M 88 42.62 -15.38 -46.63
CA PHE M 88 42.92 -15.55 -48.07
C PHE M 88 43.16 -14.16 -48.68
N GLY M 89 44.16 -14.05 -49.55
CA GLY M 89 44.52 -12.79 -50.24
C GLY M 89 45.76 -12.15 -49.64
N GLY M 90 46.23 -12.64 -48.48
CA GLY M 90 47.42 -12.14 -47.77
C GLY M 90 47.05 -11.34 -46.51
N GLY M 91 45.79 -10.91 -46.42
CA GLY M 91 45.24 -10.04 -45.35
C GLY M 91 45.33 -10.69 -43.97
N VAL M 92 45.09 -9.91 -42.91
CA VAL M 92 45.25 -10.35 -41.49
C VAL M 92 44.13 -9.77 -40.63
N GLN M 93 43.53 -10.64 -39.80
CA GLN M 93 42.66 -10.30 -38.65
C GLN M 93 43.48 -10.41 -37.35
N ILE M 94 42.98 -9.81 -36.26
CA ILE M 94 43.41 -10.13 -34.85
C ILE M 94 42.25 -10.82 -34.14
N VAL M 95 42.54 -11.98 -33.55
CA VAL M 95 41.60 -12.78 -32.71
C VAL M 95 41.99 -12.50 -31.26
N THR M 96 41.10 -11.87 -30.49
CA THR M 96 41.38 -11.38 -29.12
C THR M 96 40.36 -11.93 -28.12
N GLN M 97 40.84 -12.13 -26.90
CA GLN M 97 40.01 -12.23 -25.68
C GLN M 97 40.10 -10.86 -24.99
N TRP M 98 38.96 -10.38 -24.45
CA TRP M 98 38.83 -9.05 -23.81
C TRP M 98 38.26 -9.23 -22.40
N SER M 99 38.72 -8.36 -21.51
CA SER M 99 38.28 -8.27 -20.10
C SER M 99 37.88 -6.82 -19.88
N LEU M 100 36.69 -6.60 -19.35
CA LEU M 100 36.17 -5.26 -18.99
C LEU M 100 35.82 -5.30 -17.52
N ALA M 101 36.31 -4.33 -16.75
CA ALA M 101 35.99 -4.20 -15.31
C ALA M 101 35.39 -2.81 -15.05
N PHE M 102 34.22 -2.75 -14.41
CA PHE M 102 33.53 -1.49 -14.06
C PHE M 102 33.20 -1.51 -12.56
N VAL M 103 32.81 -0.35 -12.01
CA VAL M 103 32.35 -0.20 -10.59
C VAL M 103 30.90 0.26 -10.65
N GLY M 104 29.98 -0.63 -11.03
CA GLY M 104 28.56 -0.30 -11.25
C GLY M 104 27.84 0.02 -9.95
N LYS M 105 26.65 -0.56 -9.76
CA LYS M 105 25.81 -0.43 -8.54
C LYS M 105 26.44 -1.30 -7.44
N ALA M 106 26.46 -2.62 -7.64
CA ALA M 106 26.74 -3.66 -6.62
C ALA M 106 28.24 -3.78 -6.34
N GLY M 107 29.04 -2.73 -6.62
CA GLY M 107 30.52 -2.77 -6.56
C GLY M 107 31.14 -3.09 -7.90
N GLY M 108 32.34 -3.69 -7.92
CA GLY M 108 33.10 -4.01 -9.14
C GLY M 108 32.70 -5.34 -9.75
N LYS M 109 32.33 -5.35 -11.04
CA LYS M 109 32.10 -6.61 -11.81
C LYS M 109 33.13 -6.66 -12.94
N ILE M 110 33.22 -7.82 -13.59
CA ILE M 110 34.15 -8.10 -14.72
C ILE M 110 33.49 -9.09 -15.68
N GLU M 111 33.22 -8.63 -16.90
CA GLU M 111 32.70 -9.42 -18.04
C GLU M 111 33.90 -9.82 -18.92
N THR M 112 33.76 -10.83 -19.77
CA THR M 112 34.73 -11.17 -20.85
C THR M 112 34.00 -11.46 -22.16
N GLY M 113 34.77 -11.61 -23.25
CA GLY M 113 34.27 -12.02 -24.57
C GLY M 113 35.39 -12.13 -25.59
N GLN M 114 35.04 -12.41 -26.85
CA GLN M 114 35.96 -12.57 -28.01
C GLN M 114 35.72 -11.42 -28.99
N ASN M 115 36.78 -10.79 -29.47
CA ASN M 115 36.73 -9.82 -30.59
C ASN M 115 37.71 -10.26 -31.67
N VAL M 116 37.20 -10.50 -32.89
CA VAL M 116 38.00 -10.69 -34.14
C VAL M 116 38.07 -9.34 -34.87
N PHE M 117 39.13 -8.56 -34.64
CA PHE M 117 39.40 -7.31 -35.40
C PHE M 117 39.93 -7.67 -36.78
N THR M 118 39.46 -6.94 -37.81
CA THR M 118 39.80 -7.12 -39.26
C THR M 118 40.41 -5.80 -39.77
N TYR M 119 41.49 -5.88 -40.54
CA TYR M 119 42.30 -4.74 -41.07
C TYR M 119 41.54 -4.01 -42.19
N GLN M 120 41.50 -2.67 -42.13
CA GLN M 120 40.93 -1.78 -43.18
C GLN M 120 42.00 -0.88 -43.79
N ALA M 121 42.36 -1.13 -45.06
CA ALA M 121 43.08 -0.16 -45.92
C ALA M 121 42.13 1.01 -46.22
N ALA M 122 41.78 1.76 -45.17
CA ALA M 122 40.78 2.85 -45.19
C ALA M 122 41.39 4.10 -45.87
N THR N 2 41.67 9.18 -4.66
CA THR N 2 41.81 8.31 -3.45
C THR N 2 42.00 6.84 -3.89
N ASP N 3 41.42 6.43 -5.03
CA ASP N 3 41.60 5.09 -5.66
C ASP N 3 42.88 5.08 -6.52
N PHE N 4 42.78 5.46 -7.80
CA PHE N 4 43.87 5.41 -8.81
C PHE N 4 44.35 6.80 -9.22
N ASP N 5 43.44 7.78 -9.29
CA ASP N 5 43.82 9.16 -9.70
C ASP N 5 44.75 9.75 -8.63
N SER N 6 44.69 9.24 -7.39
CA SER N 6 45.65 9.51 -6.28
C SER N 6 46.79 8.49 -6.30
N LEU N 7 47.35 8.22 -7.48
CA LEU N 7 48.65 7.51 -7.68
C LEU N 7 49.50 8.33 -8.65
N SER N 8 49.20 9.63 -8.80
CA SER N 8 49.97 10.60 -9.62
C SER N 8 51.46 10.50 -9.25
N GLY N 9 52.30 10.01 -10.18
CA GLY N 9 53.78 10.06 -10.14
C GLY N 9 54.43 9.17 -9.09
N THR N 10 53.70 8.25 -8.46
CA THR N 10 54.17 7.40 -7.34
C THR N 10 54.43 5.97 -7.81
N SER N 11 55.63 5.45 -7.51
CA SER N 11 56.07 4.04 -7.74
C SER N 11 55.55 3.14 -6.62
N THR N 12 54.41 2.49 -6.87
CA THR N 12 53.73 1.55 -5.95
C THR N 12 54.02 0.12 -6.38
N THR N 13 54.26 -0.78 -5.43
CA THR N 13 54.55 -2.22 -5.66
C THR N 13 53.33 -3.09 -5.30
N TRP N 14 52.96 -4.02 -6.18
CA TRP N 14 51.82 -4.96 -6.03
C TRP N 14 52.29 -6.41 -6.23
N VAL N 15 51.68 -7.37 -5.54
CA VAL N 15 51.91 -8.82 -5.78
C VAL N 15 50.58 -9.59 -5.79
N ASN N 16 50.41 -10.49 -6.75
CA ASN N 16 49.26 -11.44 -6.84
C ASN N 16 49.53 -12.72 -6.03
N GLU N 17 48.50 -13.56 -5.88
CA GLU N 17 48.53 -14.80 -5.05
C GLU N 17 49.59 -15.79 -5.58
N LEU N 18 50.00 -15.70 -6.85
CA LEU N 18 51.06 -16.57 -7.43
C LEU N 18 52.47 -16.04 -7.06
N GLY N 19 52.56 -14.90 -6.38
CA GLY N 19 53.87 -14.32 -6.02
C GLY N 19 54.51 -13.54 -7.16
N SER N 20 53.87 -13.48 -8.33
CA SER N 20 54.26 -12.54 -9.41
C SER N 20 54.14 -11.11 -8.88
N VAL N 21 55.14 -10.27 -9.11
CA VAL N 21 55.18 -8.88 -8.58
C VAL N 21 55.19 -7.91 -9.76
N MET N 22 54.48 -6.78 -9.60
CA MET N 22 54.61 -5.58 -10.48
C MET N 22 54.89 -4.32 -9.62
N THR N 23 55.81 -3.50 -10.12
CA THR N 23 55.96 -2.08 -9.76
C THR N 23 55.32 -1.29 -10.92
N ILE N 24 54.45 -0.32 -10.63
CA ILE N 24 53.71 0.48 -11.65
C ILE N 24 53.82 1.96 -11.30
N ASP N 25 54.06 2.81 -12.30
CA ASP N 25 54.15 4.28 -12.16
C ASP N 25 52.98 4.90 -12.93
N VAL N 26 52.15 5.67 -12.21
CA VAL N 26 50.89 6.28 -12.74
C VAL N 26 51.08 7.80 -12.84
N ASP N 27 51.11 8.32 -14.08
CA ASP N 27 51.34 9.76 -14.41
C ASP N 27 50.07 10.55 -14.02
N ARG N 28 50.13 11.89 -14.10
CA ARG N 28 49.02 12.80 -13.69
C ARG N 28 47.90 12.78 -14.75
N LYS N 29 48.19 12.26 -15.94
CA LYS N 29 47.20 12.05 -17.04
C LYS N 29 46.40 10.74 -16.83
N GLY N 30 46.96 9.76 -16.10
CA GLY N 30 46.33 8.43 -15.86
C GLY N 30 47.14 7.28 -16.43
N GLY N 31 48.26 7.56 -17.10
CA GLY N 31 49.05 6.59 -17.90
C GLY N 31 49.91 5.68 -17.03
N VAL N 32 49.93 4.38 -17.33
CA VAL N 32 50.56 3.34 -16.47
C VAL N 32 51.76 2.72 -17.21
N THR N 33 52.96 2.93 -16.68
CA THR N 33 54.23 2.32 -17.14
C THR N 33 54.91 1.70 -15.92
N GLY N 34 55.57 0.54 -16.09
CA GLY N 34 56.29 -0.18 -15.03
C GLY N 34 56.84 -1.53 -15.49
N TYR N 35 57.42 -2.30 -14.58
CA TYR N 35 57.94 -3.66 -14.85
C TYR N 35 57.10 -4.69 -14.06
N TYR N 36 56.94 -5.89 -14.66
CA TYR N 36 56.16 -7.04 -14.16
C TYR N 36 57.05 -8.29 -14.12
N VAL N 37 57.11 -8.99 -12.98
CA VAL N 37 57.99 -10.18 -12.76
C VAL N 37 57.12 -11.43 -12.52
N ASN N 38 56.95 -12.25 -13.55
CA ASN N 38 56.13 -13.48 -13.45
C ASN N 38 56.79 -14.40 -12.44
N ASN N 39 56.01 -15.22 -11.75
CA ASN N 39 56.53 -16.34 -10.92
C ASN N 39 55.60 -17.56 -10.94
N ALA N 40 54.59 -17.58 -11.80
CA ALA N 40 53.54 -18.62 -11.81
C ALA N 40 54.16 -19.97 -12.12
N PRO N 41 53.89 -21.04 -11.32
CA PRO N 41 54.31 -22.40 -11.69
C PRO N 41 53.68 -22.82 -13.03
N GLY N 42 54.41 -23.61 -13.83
CA GLY N 42 53.93 -24.13 -15.13
C GLY N 42 53.87 -23.06 -16.22
N THR N 43 54.75 -22.05 -16.16
CA THR N 43 54.79 -20.92 -17.13
C THR N 43 56.22 -20.43 -17.30
N GLY N 44 56.57 -19.97 -18.51
CA GLY N 44 57.90 -19.45 -18.85
C GLY N 44 58.15 -18.06 -18.29
N CYS N 45 59.25 -17.44 -18.70
CA CYS N 45 59.57 -16.00 -18.54
C CYS N 45 59.51 -15.61 -17.06
N ARG N 46 60.14 -16.41 -16.20
CA ARG N 46 60.12 -16.28 -14.71
C ARG N 46 61.36 -15.54 -14.20
N GLY N 47 61.24 -14.83 -13.06
CA GLY N 47 62.37 -14.21 -12.35
C GLY N 47 62.77 -12.84 -12.87
N LEU N 48 62.40 -12.50 -14.12
CA LEU N 48 63.01 -11.40 -14.93
C LEU N 48 61.99 -10.28 -15.14
N PRO N 49 62.42 -8.99 -15.07
CA PRO N 49 61.51 -7.86 -15.29
C PRO N 49 61.09 -7.73 -16.77
N TYR N 50 59.80 -7.56 -17.02
CA TYR N 50 59.20 -7.26 -18.35
C TYR N 50 58.51 -5.89 -18.30
N ASP N 51 58.45 -5.22 -19.45
CA ASP N 51 57.82 -3.89 -19.62
C ASP N 51 56.30 -4.11 -19.53
N LEU N 52 55.57 -3.11 -19.00
CA LEU N 52 54.08 -3.11 -18.98
C LEU N 52 53.57 -1.67 -19.11
N SER N 53 52.61 -1.47 -20.02
CA SER N 53 51.91 -0.18 -20.25
C SER N 53 50.39 -0.39 -20.19
N GLY N 54 49.68 0.63 -19.72
CA GLY N 54 48.22 0.70 -19.69
C GLY N 54 47.77 2.08 -19.22
N HIS N 55 46.51 2.20 -18.81
CA HIS N 55 45.89 3.46 -18.30
C HIS N 55 45.12 3.11 -17.02
N ALA N 56 44.93 4.07 -16.13
CA ALA N 56 44.21 3.93 -14.84
C ALA N 56 43.27 5.11 -14.65
N HIS N 57 42.10 4.90 -14.06
CA HIS N 57 41.09 5.98 -13.87
C HIS N 57 40.09 5.56 -12.78
N GLY N 58 39.60 6.54 -12.01
CA GLY N 58 38.78 6.29 -10.82
C GLY N 58 39.18 5.00 -10.13
N SER N 59 38.36 3.97 -10.25
CA SER N 59 38.54 2.69 -9.52
C SER N 59 38.93 1.55 -10.48
N THR N 60 39.34 1.83 -11.72
CA THR N 60 39.59 0.79 -12.76
C THR N 60 40.95 1.01 -13.44
N ILE N 61 41.68 -0.08 -13.64
CA ILE N 61 42.99 -0.11 -14.36
C ILE N 61 42.97 -1.22 -15.41
N ALA N 62 43.80 -1.06 -16.43
CA ALA N 62 44.04 -2.06 -17.49
C ALA N 62 45.49 -1.89 -17.91
N PHE N 63 46.20 -2.99 -18.09
CA PHE N 63 47.63 -2.98 -18.49
C PHE N 63 47.89 -4.27 -19.25
N SER N 64 49.02 -4.31 -19.97
CA SER N 64 49.36 -5.39 -20.91
C SER N 64 50.87 -5.61 -20.89
N VAL N 65 51.29 -6.88 -20.82
CA VAL N 65 52.71 -7.31 -20.90
C VAL N 65 52.83 -8.20 -22.14
N VAL N 66 53.80 -7.90 -23.00
CA VAL N 66 54.32 -8.84 -24.03
C VAL N 66 55.49 -9.57 -23.36
N TRP N 67 55.54 -10.89 -23.46
CA TRP N 67 56.64 -11.72 -22.88
C TRP N 67 57.79 -11.74 -23.89
N SER N 68 58.52 -10.61 -23.94
CA SER N 68 59.79 -10.38 -24.68
C SER N 68 60.47 -9.12 -24.15
N ASN N 69 61.61 -9.27 -23.45
CA ASN N 69 62.40 -8.18 -22.82
C ASN N 69 63.80 -8.09 -23.46
N GLY N 70 64.20 -9.12 -24.20
CA GLY N 70 65.54 -9.27 -24.82
C GLY N 70 66.31 -10.44 -24.22
N ILE N 71 65.96 -10.83 -22.99
CA ILE N 71 66.65 -11.91 -22.21
C ILE N 71 65.97 -13.25 -22.54
N ALA N 72 64.65 -13.34 -22.39
CA ALA N 72 63.83 -14.49 -22.86
C ALA N 72 62.64 -13.98 -23.67
N ASP N 73 61.94 -14.89 -24.36
CA ASP N 73 60.77 -14.58 -25.24
C ASP N 73 59.87 -15.82 -25.23
N CYS N 74 58.64 -15.66 -24.75
CA CYS N 74 57.67 -16.78 -24.54
C CYS N 74 56.65 -16.79 -25.69
N ARG N 75 56.90 -16.01 -26.75
CA ARG N 75 56.12 -16.01 -28.02
C ARG N 75 54.65 -15.63 -27.74
N SER N 76 54.40 -14.77 -26.73
CA SER N 76 53.06 -14.60 -26.11
C SER N 76 52.93 -13.18 -25.55
N ALA N 77 51.76 -12.86 -24.97
CA ALA N 77 51.45 -11.56 -24.34
C ALA N 77 50.22 -11.67 -23.45
N THR N 78 50.23 -10.97 -22.31
CA THR N 78 49.13 -10.94 -21.32
C THR N 78 48.52 -9.54 -21.24
N SER N 79 47.23 -9.51 -20.89
CA SER N 79 46.42 -8.29 -20.70
C SER N 79 45.43 -8.47 -19.52
N TRP N 80 45.66 -7.72 -18.45
CA TRP N 80 44.78 -7.61 -17.27
C TRP N 80 43.91 -6.36 -17.42
N ALA N 81 42.67 -6.43 -16.95
CA ALA N 81 41.79 -5.29 -16.59
C ALA N 81 41.22 -5.59 -15.22
N GLY N 82 40.83 -4.57 -14.48
CA GLY N 82 40.34 -4.82 -13.11
C GLY N 82 40.11 -3.55 -12.36
N TYR N 83 39.40 -3.69 -11.25
CA TYR N 83 39.00 -2.57 -10.39
C TYR N 83 39.80 -2.64 -9.08
N ALA N 84 39.96 -1.47 -8.45
CA ALA N 84 40.49 -1.29 -7.07
C ALA N 84 39.41 -1.67 -6.07
N ARG N 85 39.84 -1.99 -4.85
CA ARG N 85 39.01 -2.43 -3.71
C ARG N 85 39.85 -2.19 -2.45
N LYS N 86 39.31 -1.56 -1.42
CA LYS N 86 40.03 -1.37 -0.13
C LYS N 86 39.76 -2.61 0.74
N THR N 87 40.69 -2.90 1.66
CA THR N 87 40.78 -4.17 2.42
C THR N 87 40.78 -3.85 3.92
N PHE N 88 39.81 -4.41 4.66
CA PHE N 88 39.43 -3.96 6.02
C PHE N 88 40.69 -3.70 6.83
N GLY N 89 41.18 -2.44 6.89
CA GLY N 89 42.36 -2.05 7.69
C GLY N 89 43.13 -0.88 7.11
N GLY N 90 42.75 -0.36 5.94
CA GLY N 90 43.44 0.72 5.21
C GLY N 90 44.37 0.23 4.10
N GLY N 91 44.35 -1.06 3.77
CA GLY N 91 45.05 -1.62 2.60
C GLY N 91 44.25 -1.47 1.31
N VAL N 92 44.88 -1.74 0.16
CA VAL N 92 44.20 -1.76 -1.18
C VAL N 92 44.66 -3.00 -1.96
N GLN N 93 43.75 -3.55 -2.77
CA GLN N 93 43.98 -4.65 -3.74
C GLN N 93 43.44 -4.25 -5.11
N ILE N 94 43.84 -4.98 -6.15
CA ILE N 94 43.35 -4.81 -7.55
C ILE N 94 42.90 -6.18 -8.06
N VAL N 95 41.59 -6.37 -8.31
CA VAL N 95 41.03 -7.70 -8.74
C VAL N 95 40.94 -7.75 -10.27
N THR N 96 41.63 -8.69 -10.89
CA THR N 96 41.85 -8.72 -12.36
C THR N 96 41.45 -10.07 -12.93
N GLN N 97 40.79 -10.02 -14.08
CA GLN N 97 40.69 -11.11 -15.08
C GLN N 97 41.78 -10.81 -16.12
N TRP N 98 42.65 -11.78 -16.41
CA TRP N 98 43.72 -11.63 -17.44
C TRP N 98 43.43 -12.52 -18.65
N SER N 99 43.88 -12.10 -19.83
CA SER N 99 43.91 -12.89 -21.08
C SER N 99 45.38 -13.10 -21.46
N LEU N 100 45.69 -14.24 -22.06
CA LEU N 100 47.06 -14.60 -22.48
C LEU N 100 46.95 -15.27 -23.84
N ALA N 101 47.44 -14.59 -24.87
CA ALA N 101 47.55 -15.11 -26.27
C ALA N 101 49.00 -15.51 -26.53
N PHE N 102 49.18 -16.72 -27.08
CA PHE N 102 50.49 -17.28 -27.52
C PHE N 102 50.23 -17.95 -28.88
N VAL N 103 51.31 -18.39 -29.54
CA VAL N 103 51.23 -19.10 -30.85
C VAL N 103 52.00 -20.42 -30.76
N GLY N 104 51.30 -21.53 -30.56
CA GLY N 104 51.88 -22.88 -30.41
C GLY N 104 52.23 -23.50 -31.75
N LYS N 105 52.73 -24.74 -31.77
CA LYS N 105 52.91 -25.55 -33.00
C LYS N 105 51.61 -26.33 -33.30
N ALA N 106 50.52 -26.03 -32.57
CA ALA N 106 49.13 -26.44 -32.86
C ALA N 106 48.28 -25.21 -33.21
N GLY N 107 48.91 -24.09 -33.56
CA GLY N 107 48.26 -22.83 -33.96
C GLY N 107 48.16 -21.81 -32.82
N GLY N 108 47.20 -20.89 -32.93
CA GLY N 108 46.94 -19.84 -31.92
C GLY N 108 45.89 -20.30 -30.92
N LYS N 109 46.19 -20.16 -29.62
CA LYS N 109 45.26 -20.34 -28.48
C LYS N 109 45.26 -19.05 -27.64
N ILE N 110 44.21 -18.86 -26.83
CA ILE N 110 44.11 -17.79 -25.80
C ILE N 110 43.62 -18.42 -24.50
N GLU N 111 44.30 -18.14 -23.39
CA GLU N 111 43.95 -18.63 -22.04
C GLU N 111 43.55 -17.43 -21.16
N THR N 112 42.85 -17.71 -20.06
CA THR N 112 42.28 -16.69 -19.14
C THR N 112 42.40 -17.13 -17.68
N GLY N 113 42.31 -16.18 -16.74
CA GLY N 113 42.32 -16.44 -15.29
C GLY N 113 42.19 -15.16 -14.49
N GLN N 114 41.99 -15.28 -13.17
CA GLN N 114 41.89 -14.14 -12.23
C GLN N 114 43.21 -14.03 -11.47
N ASN N 115 43.69 -12.80 -11.26
CA ASN N 115 44.80 -12.48 -10.34
C ASN N 115 44.25 -11.44 -9.35
N VAL N 116 44.69 -11.47 -8.09
CA VAL N 116 44.40 -10.38 -7.12
C VAL N 116 45.74 -9.85 -6.67
N PHE N 117 46.10 -8.65 -7.15
CA PHE N 117 47.34 -7.94 -6.77
C PHE N 117 47.04 -7.25 -5.44
N THR N 118 48.02 -7.26 -4.55
CA THR N 118 47.91 -6.73 -3.18
C THR N 118 49.02 -5.69 -2.98
N TYR N 119 48.67 -4.46 -2.61
CA TYR N 119 49.60 -3.32 -2.42
C TYR N 119 50.41 -3.54 -1.14
N GLN N 120 51.75 -3.48 -1.30
CA GLN N 120 52.82 -3.48 -0.26
C GLN N 120 53.51 -2.10 -0.21
N ALA N 121 53.44 -1.41 0.93
CA ALA N 121 54.02 -0.05 1.13
C ALA N 121 55.53 -0.07 0.82
N ALA N 122 55.96 0.79 -0.12
CA ALA N 122 57.39 1.13 -0.39
C ALA N 122 57.97 1.88 0.82
N THR O 2 -21.76 -2.68 62.28
CA THR O 2 -20.96 -3.82 62.85
C THR O 2 -21.59 -5.17 62.47
N ASP O 3 -20.92 -6.26 62.87
CA ASP O 3 -21.23 -7.69 62.51
C ASP O 3 -22.74 -7.93 62.58
N PHE O 4 -23.36 -8.24 61.44
CA PHE O 4 -24.81 -8.56 61.28
C PHE O 4 -24.97 -10.07 61.02
N ASP O 5 -24.02 -10.91 61.44
CA ASP O 5 -24.25 -12.37 61.63
C ASP O 5 -25.38 -12.53 62.64
N SER O 6 -25.48 -11.58 63.58
CA SER O 6 -26.49 -11.49 64.67
C SER O 6 -27.76 -10.76 64.20
N LEU O 7 -28.28 -11.12 63.02
CA LEU O 7 -29.72 -10.95 62.65
C LEU O 7 -30.15 -12.14 61.77
N SER O 8 -29.66 -13.34 62.10
CA SER O 8 -30.03 -14.63 61.45
C SER O 8 -31.34 -15.17 62.06
N GLY O 9 -32.46 -15.01 61.32
CA GLY O 9 -33.81 -15.43 61.75
C GLY O 9 -34.75 -14.25 62.02
N THR O 10 -34.47 -13.07 61.44
CA THR O 10 -35.27 -11.82 61.60
C THR O 10 -35.86 -11.42 60.24
N SER O 11 -36.51 -10.25 60.20
CA SER O 11 -36.84 -9.46 58.98
C SER O 11 -36.49 -8.01 59.26
N THR O 12 -35.32 -7.55 58.79
CA THR O 12 -34.79 -6.17 58.97
C THR O 12 -35.20 -5.31 57.76
N THR O 13 -35.61 -4.06 58.01
CA THR O 13 -36.04 -3.07 57.00
C THR O 13 -35.07 -1.90 56.96
N TRP O 14 -34.75 -1.45 55.75
CA TRP O 14 -33.74 -0.41 55.45
C TRP O 14 -34.27 0.51 54.35
N VAL O 15 -33.88 1.78 54.42
CA VAL O 15 -34.21 2.83 53.43
C VAL O 15 -32.95 3.66 53.20
N ASN O 16 -32.73 4.12 51.97
CA ASN O 16 -31.46 4.75 51.51
C ASN O 16 -31.72 6.24 51.27
N GLU O 17 -30.70 6.97 50.82
CA GLU O 17 -30.70 8.46 50.74
C GLU O 17 -31.61 8.95 49.60
N LEU O 18 -32.16 8.04 48.79
CA LEU O 18 -33.10 8.36 47.67
C LEU O 18 -34.54 8.09 48.12
N GLY O 19 -34.73 7.25 49.14
CA GLY O 19 -36.04 6.96 49.75
C GLY O 19 -36.46 5.52 49.51
N SER O 20 -35.73 4.81 48.63
CA SER O 20 -36.02 3.39 48.31
C SER O 20 -35.90 2.57 49.59
N VAL O 21 -36.69 1.50 49.68
CA VAL O 21 -36.84 0.67 50.91
C VAL O 21 -36.59 -0.79 50.51
N MET O 22 -35.76 -1.51 51.26
CA MET O 22 -35.69 -2.98 51.18
C MET O 22 -35.88 -3.59 52.57
N THR O 23 -36.79 -4.56 52.65
CA THR O 23 -36.93 -5.53 53.77
C THR O 23 -36.06 -6.73 53.42
N ILE O 24 -35.17 -7.13 54.33
CA ILE O 24 -34.26 -8.29 54.10
C ILE O 24 -34.44 -9.31 55.22
N ASP O 25 -34.66 -10.57 54.81
CA ASP O 25 -34.87 -11.75 55.68
C ASP O 25 -33.64 -12.64 55.55
N VAL O 26 -32.75 -12.62 56.55
CA VAL O 26 -31.52 -13.48 56.62
C VAL O 26 -31.90 -14.82 57.30
N ASP O 27 -31.69 -15.95 56.61
CA ASP O 27 -31.80 -17.32 57.20
C ASP O 27 -30.52 -17.62 57.99
N ARG O 28 -30.47 -18.77 58.67
CA ARG O 28 -29.34 -19.16 59.55
C ARG O 28 -28.03 -18.97 58.77
N LYS O 29 -27.93 -19.66 57.63
CA LYS O 29 -26.71 -19.83 56.80
C LYS O 29 -26.07 -18.48 56.40
N GLY O 30 -26.81 -17.37 56.44
CA GLY O 30 -26.30 -16.04 56.02
C GLY O 30 -26.87 -15.60 54.68
N GLY O 31 -27.59 -16.48 53.97
CA GLY O 31 -28.28 -16.13 52.71
C GLY O 31 -29.37 -15.10 52.95
N VAL O 32 -29.57 -14.18 52.01
CA VAL O 32 -30.47 -12.99 52.15
C VAL O 32 -31.56 -13.02 51.07
N THR O 33 -32.84 -13.12 51.47
CA THR O 33 -34.02 -12.79 50.61
C THR O 33 -34.78 -11.60 51.21
N GLY O 34 -35.87 -11.22 50.58
CA GLY O 34 -36.61 -9.98 50.91
C GLY O 34 -37.25 -9.41 49.67
N TYR O 35 -37.73 -8.18 49.75
CA TYR O 35 -38.28 -7.44 48.59
C TYR O 35 -37.70 -6.02 48.63
N TYR O 36 -37.58 -5.38 47.46
CA TYR O 36 -37.02 -4.02 47.26
C TYR O 36 -38.13 -3.17 46.62
N VAL O 37 -38.19 -1.89 47.02
CA VAL O 37 -39.08 -0.86 46.42
C VAL O 37 -38.19 0.32 46.02
N ASN O 38 -38.00 0.51 44.72
CA ASN O 38 -37.21 1.66 44.18
C ASN O 38 -38.04 2.93 44.36
N ASN O 39 -37.36 4.04 44.59
CA ASN O 39 -37.96 5.37 44.82
C ASN O 39 -37.00 6.46 44.30
N ALA O 40 -36.05 6.06 43.46
CA ALA O 40 -35.00 6.96 42.94
C ALA O 40 -35.60 7.87 41.87
N PRO O 41 -35.42 9.22 41.96
CA PRO O 41 -35.80 10.14 40.90
C PRO O 41 -35.15 9.81 39.54
N GLY O 42 -35.95 9.84 38.46
CA GLY O 42 -35.49 9.59 37.07
C GLY O 42 -35.07 8.14 36.88
N THR O 43 -35.99 7.22 37.19
CA THR O 43 -35.87 5.73 37.07
C THR O 43 -37.26 5.11 37.02
N GLY O 44 -37.37 3.91 36.45
CA GLY O 44 -38.65 3.17 36.31
C GLY O 44 -38.85 2.22 37.47
N CYS O 45 -39.84 1.34 37.36
CA CYS O 45 -40.13 0.24 38.34
C CYS O 45 -40.23 0.81 39.76
N ARG O 46 -40.93 1.95 39.88
CA ARG O 46 -41.03 2.74 41.13
C ARG O 46 -42.20 2.22 41.99
N GLY O 47 -42.12 2.51 43.30
CA GLY O 47 -43.15 2.25 44.31
C GLY O 47 -43.89 0.96 44.05
N LEU O 48 -43.16 -0.15 43.92
CA LEU O 48 -43.70 -1.53 43.82
C LEU O 48 -42.70 -2.47 44.45
N PRO O 49 -43.15 -3.61 45.03
CA PRO O 49 -42.24 -4.62 45.58
C PRO O 49 -41.60 -5.53 44.50
N TYR O 50 -40.27 -5.66 44.53
CA TYR O 50 -39.45 -6.50 43.61
C TYR O 50 -38.66 -7.52 44.45
N ASP O 51 -38.64 -8.79 44.04
CA ASP O 51 -37.82 -9.86 44.69
C ASP O 51 -36.36 -9.42 44.77
N LEU O 52 -35.65 -9.82 45.84
CA LEU O 52 -34.22 -9.48 46.04
C LEU O 52 -33.51 -10.58 46.84
N SER O 53 -32.56 -11.28 46.22
CA SER O 53 -31.73 -12.33 46.83
C SER O 53 -30.31 -11.79 47.03
N GLY O 54 -29.47 -12.58 47.70
CA GLY O 54 -28.08 -12.23 48.05
C GLY O 54 -27.48 -13.18 49.07
N HIS O 55 -26.59 -12.65 49.91
CA HIS O 55 -25.93 -13.39 51.02
C HIS O 55 -25.25 -12.36 51.92
N ALA O 56 -25.11 -12.68 53.22
CA ALA O 56 -24.46 -11.84 54.24
C ALA O 56 -23.53 -12.72 55.07
N HIS O 57 -22.45 -12.15 55.59
CA HIS O 57 -21.42 -12.88 56.37
C HIS O 57 -20.45 -11.89 57.02
N GLY O 58 -20.38 -11.87 58.35
CA GLY O 58 -19.58 -10.88 59.12
C GLY O 58 -20.15 -9.50 58.89
N SER O 59 -19.31 -8.53 58.54
CA SER O 59 -19.72 -7.12 58.28
C SER O 59 -19.86 -6.85 56.78
N THR O 60 -20.08 -7.85 55.95
CA THR O 60 -20.12 -7.69 54.47
C THR O 60 -21.37 -8.40 53.93
N ILE O 61 -22.19 -7.68 53.14
CA ILE O 61 -23.39 -8.23 52.44
C ILE O 61 -23.25 -7.98 50.94
N ALA O 62 -23.94 -8.81 50.13
CA ALA O 62 -24.04 -8.71 48.65
C ALA O 62 -25.42 -9.23 48.20
N PHE O 63 -26.19 -8.42 47.45
CA PHE O 63 -27.56 -8.72 46.99
C PHE O 63 -27.81 -8.16 45.58
N SER O 64 -28.93 -8.57 44.98
CA SER O 64 -29.28 -8.32 43.55
C SER O 64 -30.78 -8.00 43.41
N VAL O 65 -31.17 -7.20 42.44
CA VAL O 65 -32.59 -6.97 42.08
C VAL O 65 -32.73 -6.99 40.56
N VAL O 66 -33.34 -8.03 40.00
CA VAL O 66 -33.84 -8.06 38.60
C VAL O 66 -35.13 -7.24 38.58
N TRP O 67 -35.27 -6.28 37.68
CA TRP O 67 -36.43 -5.35 37.71
C TRP O 67 -37.56 -5.92 36.85
N SER O 68 -37.95 -7.17 37.13
CA SER O 68 -39.16 -7.86 36.62
C SER O 68 -40.10 -8.21 37.78
N ASN O 69 -41.41 -8.00 37.58
CA ASN O 69 -42.45 -7.87 38.64
C ASN O 69 -43.73 -8.62 38.27
N GLY O 70 -44.16 -8.51 37.01
CA GLY O 70 -45.50 -8.90 36.51
C GLY O 70 -46.34 -7.66 36.25
N ILE O 71 -45.98 -6.54 36.88
CA ILE O 71 -46.68 -5.22 36.84
C ILE O 71 -45.85 -4.25 35.98
N ALA O 72 -44.54 -4.20 36.23
CA ALA O 72 -43.56 -3.34 35.53
C ALA O 72 -42.26 -4.13 35.36
N ASP O 73 -41.58 -3.95 34.22
CA ASP O 73 -40.46 -4.80 33.74
C ASP O 73 -39.43 -3.90 33.02
N CYS O 74 -38.45 -3.38 33.76
CA CYS O 74 -37.53 -2.28 33.34
C CYS O 74 -36.31 -2.81 32.56
N ARG O 75 -36.32 -4.10 32.21
CA ARG O 75 -35.43 -4.67 31.17
C ARG O 75 -33.98 -4.65 31.70
N SER O 76 -33.85 -4.63 33.03
CA SER O 76 -32.61 -4.26 33.77
C SER O 76 -32.44 -5.11 35.04
N ALA O 77 -31.21 -5.15 35.57
CA ALA O 77 -30.83 -5.81 36.84
C ALA O 77 -29.88 -4.88 37.62
N THR O 78 -29.99 -4.91 38.95
CA THR O 78 -29.08 -4.19 39.88
C THR O 78 -28.52 -5.16 40.91
N SER O 79 -27.23 -4.99 41.25
CA SER O 79 -26.59 -5.70 42.37
C SER O 79 -25.85 -4.67 43.21
N TRP O 80 -25.92 -4.86 44.54
CA TRP O 80 -25.20 -4.04 45.54
C TRP O 80 -24.18 -4.92 46.25
N ALA O 81 -23.16 -4.31 46.84
CA ALA O 81 -22.18 -4.97 47.73
C ALA O 81 -21.71 -3.94 48.73
N GLY O 82 -22.14 -4.07 49.98
CA GLY O 82 -21.78 -3.13 51.05
C GLY O 82 -21.12 -3.85 52.19
N TYR O 83 -20.52 -3.05 53.08
CA TYR O 83 -20.17 -3.45 54.47
C TYR O 83 -21.14 -2.74 55.42
N ALA O 84 -21.49 -3.37 56.54
CA ALA O 84 -22.27 -2.78 57.65
C ALA O 84 -21.38 -1.85 58.48
N ARG O 85 -21.95 -0.79 59.07
CA ARG O 85 -21.18 0.32 59.70
C ARG O 85 -21.92 0.88 60.91
N LYS O 86 -21.22 1.01 62.04
CA LYS O 86 -21.75 1.54 63.31
C LYS O 86 -21.81 3.07 63.25
N THR O 87 -22.92 3.62 63.73
CA THR O 87 -23.23 5.08 63.84
C THR O 87 -23.43 5.44 65.31
N PHE O 88 -22.64 6.37 65.86
CA PHE O 88 -22.76 6.80 67.29
C PHE O 88 -24.20 6.63 67.77
N GLY O 89 -24.40 6.00 68.94
CA GLY O 89 -25.72 5.75 69.56
C GLY O 89 -26.00 4.27 69.68
N GLY O 90 -25.69 3.51 68.62
CA GLY O 90 -25.94 2.06 68.49
C GLY O 90 -26.73 1.74 67.23
N GLY O 91 -26.63 2.57 66.18
CA GLY O 91 -27.44 2.47 64.95
C GLY O 91 -26.59 2.08 63.75
N VAL O 92 -27.09 1.13 62.96
CA VAL O 92 -26.31 0.45 61.88
C VAL O 92 -26.76 1.00 60.52
N GLN O 93 -25.79 1.29 59.64
CA GLN O 93 -25.98 1.61 58.20
C GLN O 93 -25.33 0.51 57.35
N ILE O 94 -25.75 0.36 56.08
CA ILE O 94 -25.09 -0.54 55.09
C ILE O 94 -24.56 0.30 53.93
N VAL O 95 -23.28 0.68 53.96
CA VAL O 95 -22.59 1.49 52.92
C VAL O 95 -22.27 0.58 51.73
N THR O 96 -22.96 0.77 50.60
CA THR O 96 -22.90 -0.11 49.41
C THR O 96 -22.39 0.67 48.19
N GLN O 97 -21.95 -0.08 47.17
CA GLN O 97 -21.75 0.37 45.77
C GLN O 97 -22.68 -0.50 44.91
N TRP O 98 -23.41 0.11 43.95
CA TRP O 98 -24.38 -0.61 43.09
C TRP O 98 -23.89 -0.59 41.64
N SER O 99 -24.53 -1.40 40.81
CA SER O 99 -24.30 -1.55 39.36
C SER O 99 -25.65 -1.85 38.70
N LEU O 100 -26.16 -0.93 37.89
CA LEU O 100 -27.41 -1.10 37.12
C LEU O 100 -27.00 -1.55 35.72
N ALA O 101 -27.64 -2.58 35.17
CA ALA O 101 -27.33 -3.11 33.81
C ALA O 101 -28.62 -3.24 33.02
N PHE O 102 -28.75 -2.53 31.88
CA PHE O 102 -29.95 -2.57 30.99
C PHE O 102 -29.53 -2.75 29.53
N VAL O 103 -30.52 -2.78 28.63
CA VAL O 103 -30.38 -2.85 27.13
C VAL O 103 -31.27 -1.76 26.51
N GLY O 104 -30.71 -0.60 26.16
CA GLY O 104 -31.49 0.62 25.86
C GLY O 104 -31.94 0.74 24.40
N LYS O 105 -31.00 0.60 23.47
CA LYS O 105 -31.10 1.19 22.11
C LYS O 105 -29.73 1.11 21.47
N ALA O 106 -28.75 1.80 22.04
CA ALA O 106 -27.30 1.64 21.75
C ALA O 106 -26.78 0.49 22.63
N GLY O 107 -27.15 -0.74 22.24
CA GLY O 107 -26.78 -2.02 22.89
C GLY O 107 -27.01 -2.00 24.40
N GLY O 108 -26.16 -2.72 25.14
CA GLY O 108 -26.12 -2.68 26.61
C GLY O 108 -25.34 -1.48 27.14
N LYS O 109 -25.79 -0.93 28.27
CA LYS O 109 -25.05 0.05 29.11
C LYS O 109 -25.04 -0.46 30.57
N ILE O 110 -24.28 0.20 31.44
CA ILE O 110 -24.10 -0.14 32.88
C ILE O 110 -23.82 1.13 33.69
N GLU O 111 -24.76 1.58 34.52
CA GLU O 111 -24.56 2.71 35.48
C GLU O 111 -24.03 2.15 36.82
N THR O 112 -23.49 3.03 37.67
CA THR O 112 -22.96 2.69 39.02
C THR O 112 -23.27 3.82 40.01
N GLY O 113 -22.95 3.61 41.29
CA GLY O 113 -23.04 4.66 42.33
C GLY O 113 -23.09 4.07 43.72
N GLN O 114 -23.09 4.94 44.75
CA GLN O 114 -23.07 4.59 46.19
C GLN O 114 -24.46 4.76 46.79
N ASN O 115 -25.04 3.68 47.31
CA ASN O 115 -26.23 3.76 48.22
C ASN O 115 -25.75 3.59 49.67
N VAL O 116 -26.41 4.28 50.62
CA VAL O 116 -26.22 4.15 52.09
C VAL O 116 -27.56 3.88 52.76
N PHE O 117 -27.87 2.59 52.96
CA PHE O 117 -29.10 2.14 53.64
C PHE O 117 -28.92 2.40 55.13
N THR O 118 -29.99 2.86 55.79
CA THR O 118 -30.09 3.00 57.27
C THR O 118 -31.26 2.15 57.76
N TYR O 119 -31.16 1.69 59.02
CA TYR O 119 -32.04 0.71 59.70
C TYR O 119 -33.22 1.43 60.38
N GLN O 120 -34.44 1.00 60.06
CA GLN O 120 -35.72 1.50 60.63
C GLN O 120 -36.32 0.47 61.60
N ALA O 121 -36.43 0.80 62.89
CA ALA O 121 -37.24 0.02 63.86
C ALA O 121 -38.72 0.42 63.71
N ALA O 122 -39.64 -0.55 63.62
CA ALA O 122 -41.07 -0.37 63.30
C ALA O 122 -41.79 0.35 64.45
N THR P 2 -33.03 -16.14 22.58
CA THR P 2 -31.65 -16.71 22.43
C THR P 2 -30.73 -16.29 23.59
N ASP P 3 -31.22 -15.56 24.62
CA ASP P 3 -30.44 -15.20 25.83
C ASP P 3 -31.26 -15.39 27.13
N PHE P 4 -30.68 -16.15 28.07
CA PHE P 4 -30.90 -16.16 29.55
C PHE P 4 -32.20 -16.88 29.93
N ASP P 5 -33.33 -16.54 29.32
CA ASP P 5 -34.58 -17.35 29.44
C ASP P 5 -34.24 -18.77 28.94
N SER P 6 -33.61 -18.85 27.76
CA SER P 6 -33.17 -20.07 27.01
C SER P 6 -32.02 -20.85 27.70
N LEU P 7 -31.72 -20.55 28.98
CA LEU P 7 -30.70 -21.26 29.79
C LEU P 7 -31.41 -22.18 30.79
N SER P 8 -32.72 -22.37 30.62
CA SER P 8 -33.61 -23.19 31.50
C SER P 8 -32.98 -24.58 31.73
N GLY P 9 -32.72 -24.91 33.01
CA GLY P 9 -32.29 -26.25 33.49
C GLY P 9 -30.84 -26.58 33.21
N THR P 10 -30.15 -25.75 32.40
CA THR P 10 -28.83 -26.05 31.78
C THR P 10 -27.71 -25.53 32.69
N SER P 11 -26.67 -26.37 32.88
CA SER P 11 -25.39 -26.04 33.56
C SER P 11 -24.41 -25.45 32.54
N THR P 12 -23.97 -24.22 32.78
CA THR P 12 -23.16 -23.44 31.80
C THR P 12 -21.95 -22.86 32.53
N THR P 13 -20.78 -23.01 31.91
CA THR P 13 -19.44 -22.66 32.44
C THR P 13 -18.87 -21.43 31.72
N TRP P 14 -18.41 -20.44 32.48
CA TRP P 14 -18.04 -19.09 31.98
C TRP P 14 -16.65 -18.71 32.53
N VAL P 15 -15.82 -18.03 31.73
CA VAL P 15 -14.43 -17.63 32.13
C VAL P 15 -14.20 -16.16 31.78
N ASN P 16 -13.75 -15.37 32.78
CA ASN P 16 -13.43 -13.92 32.62
C ASN P 16 -11.96 -13.74 32.20
N GLU P 17 -11.46 -12.51 32.25
CA GLU P 17 -10.11 -12.16 31.69
C GLU P 17 -9.02 -12.43 32.73
N LEU P 18 -9.38 -12.59 34.02
CA LEU P 18 -8.45 -12.89 35.13
C LEU P 18 -8.44 -14.40 35.39
N GLY P 19 -9.17 -15.15 34.58
CA GLY P 19 -9.17 -16.62 34.61
C GLY P 19 -10.15 -17.19 35.61
N SER P 20 -10.82 -16.35 36.42
CA SER P 20 -11.95 -16.79 37.29
C SER P 20 -12.92 -17.59 36.44
N VAL P 21 -13.35 -18.74 36.93
CA VAL P 21 -14.32 -19.61 36.22
C VAL P 21 -15.55 -19.76 37.09
N MET P 22 -16.72 -19.46 36.56
CA MET P 22 -18.00 -19.79 37.24
C MET P 22 -18.75 -20.85 36.44
N THR P 23 -19.43 -21.75 37.15
CA THR P 23 -20.46 -22.68 36.63
C THR P 23 -21.78 -22.23 37.23
N ILE P 24 -22.81 -22.07 36.41
CA ILE P 24 -24.13 -21.53 36.86
C ILE P 24 -25.24 -22.41 36.28
N ASP P 25 -26.22 -22.80 37.12
CA ASP P 25 -27.53 -23.36 36.70
C ASP P 25 -28.56 -22.22 36.70
N VAL P 26 -29.47 -22.23 35.74
CA VAL P 26 -30.61 -21.26 35.65
C VAL P 26 -31.90 -22.09 35.58
N ASP P 27 -32.69 -22.07 36.66
CA ASP P 27 -34.04 -22.69 36.68
C ASP P 27 -34.94 -21.91 35.71
N ARG P 28 -36.09 -22.48 35.37
CA ARG P 28 -37.07 -21.94 34.38
C ARG P 28 -37.56 -20.58 34.88
N LYS P 29 -37.66 -20.44 36.20
CA LYS P 29 -38.09 -19.23 36.93
C LYS P 29 -36.97 -18.16 36.95
N GLY P 30 -35.77 -18.47 36.41
CA GLY P 30 -34.72 -17.47 36.11
C GLY P 30 -33.71 -17.25 37.24
N GLY P 31 -33.86 -17.96 38.37
CA GLY P 31 -32.92 -17.90 39.51
C GLY P 31 -31.63 -18.64 39.22
N VAL P 32 -30.51 -18.14 39.75
CA VAL P 32 -29.12 -18.56 39.40
C VAL P 32 -28.39 -19.10 40.65
N THR P 33 -28.08 -20.40 40.67
CA THR P 33 -27.17 -21.05 41.66
C THR P 33 -26.01 -21.71 40.92
N GLY P 34 -24.88 -21.88 41.61
CA GLY P 34 -23.63 -22.44 41.04
C GLY P 34 -22.42 -22.01 41.85
N TYR P 35 -21.25 -22.56 41.51
CA TYR P 35 -19.96 -22.25 42.18
C TYR P 35 -19.13 -21.30 41.30
N TYR P 36 -18.38 -20.41 41.96
CA TYR P 36 -17.44 -19.42 41.37
C TYR P 36 -16.05 -19.73 41.89
N VAL P 37 -15.05 -19.76 41.00
CA VAL P 37 -13.61 -19.93 41.38
C VAL P 37 -12.83 -18.70 40.90
N ASN P 38 -12.32 -17.90 41.85
CA ASN P 38 -11.46 -16.72 41.58
C ASN P 38 -10.06 -17.21 41.21
N ASN P 39 -9.37 -16.53 40.28
CA ASN P 39 -7.96 -16.82 39.89
C ASN P 39 -7.18 -15.50 39.76
N ALA P 40 -7.70 -14.41 40.37
CA ALA P 40 -7.33 -13.00 40.10
C ALA P 40 -6.05 -12.60 40.83
N PRO P 41 -5.00 -12.14 40.11
CA PRO P 41 -3.75 -11.72 40.77
C PRO P 41 -3.99 -10.67 41.87
N GLY P 42 -3.22 -10.75 42.97
CA GLY P 42 -3.26 -9.82 44.11
C GLY P 42 -4.58 -9.87 44.87
N THR P 43 -5.13 -11.08 45.08
CA THR P 43 -6.45 -11.33 45.72
C THR P 43 -6.40 -12.66 46.48
N GLY P 44 -7.38 -12.88 47.37
CA GLY P 44 -7.45 -14.10 48.21
C GLY P 44 -8.30 -15.18 47.57
N CYS P 45 -8.66 -16.20 48.36
CA CYS P 45 -9.81 -17.13 48.11
C CYS P 45 -9.76 -17.68 46.69
N ARG P 46 -8.54 -17.90 46.19
CA ARG P 46 -8.26 -18.41 44.82
C ARG P 46 -8.51 -19.91 44.77
N GLY P 47 -8.69 -20.44 43.57
CA GLY P 47 -8.60 -21.88 43.27
C GLY P 47 -9.65 -22.72 43.96
N LEU P 48 -10.48 -22.13 44.84
CA LEU P 48 -11.44 -22.86 45.70
C LEU P 48 -12.86 -22.44 45.32
N PRO P 49 -13.78 -23.39 45.05
CA PRO P 49 -15.17 -23.04 44.80
C PRO P 49 -15.85 -22.26 45.94
N TYR P 50 -16.82 -21.38 45.59
CA TYR P 50 -17.64 -20.54 46.50
C TYR P 50 -19.08 -20.41 45.96
N ASP P 51 -20.09 -20.56 46.84
CA ASP P 51 -21.54 -20.44 46.49
C ASP P 51 -21.75 -19.12 45.76
N LEU P 52 -22.56 -19.11 44.69
CA LEU P 52 -22.97 -17.85 44.03
C LEU P 52 -24.48 -17.89 43.74
N SER P 53 -25.15 -16.75 43.95
CA SER P 53 -26.62 -16.59 44.00
C SER P 53 -27.03 -15.36 43.19
N GLY P 54 -27.84 -15.55 42.15
CA GLY P 54 -28.34 -14.42 41.33
C GLY P 54 -29.58 -14.73 40.53
N HIS P 55 -30.06 -13.75 39.76
CA HIS P 55 -31.29 -13.85 38.95
C HIS P 55 -31.01 -13.28 37.56
N ALA P 56 -31.50 -13.94 36.52
CA ALA P 56 -31.37 -13.52 35.11
C ALA P 56 -32.78 -13.29 34.54
N HIS P 57 -32.94 -12.25 33.73
CA HIS P 57 -34.18 -11.95 32.96
C HIS P 57 -33.82 -11.37 31.61
N GLY P 58 -34.21 -12.07 30.54
CA GLY P 58 -34.11 -11.56 29.16
C GLY P 58 -32.68 -11.56 28.70
N SER P 59 -31.97 -10.44 28.88
CA SER P 59 -30.56 -10.25 28.48
C SER P 59 -29.73 -9.65 29.63
N THR P 60 -30.26 -9.61 30.85
CA THR P 60 -29.53 -9.07 32.04
C THR P 60 -29.46 -10.13 33.13
N ILE P 61 -28.37 -10.11 33.90
CA ILE P 61 -28.08 -11.04 35.03
C ILE P 61 -27.34 -10.23 36.09
N ALA P 62 -27.70 -10.40 37.36
CA ALA P 62 -26.91 -9.99 38.52
C ALA P 62 -26.82 -11.20 39.44
N PHE P 63 -25.68 -11.35 40.12
CA PHE P 63 -25.33 -12.49 40.98
C PHE P 63 -24.32 -12.02 42.01
N SER P 64 -24.25 -12.74 43.13
CA SER P 64 -23.45 -12.35 44.32
C SER P 64 -22.54 -13.49 44.69
N VAL P 65 -21.46 -13.19 45.38
CA VAL P 65 -20.56 -14.19 46.01
C VAL P 65 -20.07 -13.57 47.32
N VAL P 66 -20.36 -14.24 48.45
CA VAL P 66 -19.71 -13.98 49.76
C VAL P 66 -18.47 -14.86 49.80
N TRP P 67 -17.28 -14.27 49.98
CA TRP P 67 -15.96 -14.98 50.01
C TRP P 67 -15.76 -15.63 51.38
N SER P 68 -16.53 -16.69 51.63
CA SER P 68 -16.54 -17.53 52.85
C SER P 68 -17.28 -18.82 52.50
N ASN P 69 -16.53 -19.91 52.33
CA ASN P 69 -17.06 -21.27 52.01
C ASN P 69 -16.79 -22.19 53.21
N GLY P 70 -15.73 -21.90 53.98
CA GLY P 70 -15.25 -22.68 55.15
C GLY P 70 -13.74 -22.83 55.15
N ILE P 71 -13.19 -23.24 54.01
CA ILE P 71 -11.77 -23.66 53.81
C ILE P 71 -10.89 -22.41 53.70
N ALA P 72 -11.51 -21.25 53.44
CA ALA P 72 -10.87 -19.92 53.46
C ALA P 72 -11.95 -18.84 53.47
N ASP P 73 -11.75 -17.83 54.31
CA ASP P 73 -12.56 -16.58 54.34
C ASP P 73 -11.61 -15.44 53.96
N CYS P 74 -12.05 -14.54 53.08
CA CYS P 74 -11.37 -13.24 52.77
C CYS P 74 -12.17 -12.10 53.42
N ARG P 75 -13.18 -12.45 54.22
CA ARG P 75 -14.01 -11.54 55.06
C ARG P 75 -14.54 -10.39 54.19
N SER P 76 -15.10 -10.74 53.02
CA SER P 76 -15.52 -9.82 51.94
C SER P 76 -16.67 -10.44 51.14
N ALA P 77 -17.36 -9.61 50.35
CA ALA P 77 -18.41 -10.07 49.40
C ALA P 77 -18.40 -9.17 48.17
N THR P 78 -18.66 -9.78 47.02
CA THR P 78 -18.59 -9.16 45.68
C THR P 78 -19.93 -9.36 44.99
N SER P 79 -20.40 -8.35 44.25
CA SER P 79 -21.64 -8.44 43.44
C SER P 79 -21.39 -7.87 42.04
N TRP P 80 -21.77 -8.65 41.03
CA TRP P 80 -21.78 -8.33 39.59
C TRP P 80 -23.21 -8.05 39.13
N ALA P 81 -23.41 -7.01 38.34
CA ALA P 81 -24.54 -6.91 37.38
C ALA P 81 -23.93 -6.88 35.97
N GLY P 82 -24.57 -7.56 35.02
CA GLY P 82 -24.07 -7.68 33.63
C GLY P 82 -25.17 -7.85 32.61
N TYR P 83 -24.78 -7.86 31.34
CA TYR P 83 -25.69 -8.13 30.20
C TYR P 83 -24.99 -9.08 29.24
N ALA P 84 -25.81 -9.99 28.70
CA ALA P 84 -25.49 -10.92 27.61
C ALA P 84 -25.22 -10.11 26.34
N ARG P 85 -24.43 -10.70 25.45
CA ARG P 85 -23.90 -10.07 24.22
C ARG P 85 -23.39 -11.22 23.37
N LYS P 86 -23.99 -11.42 22.21
CA LYS P 86 -23.50 -12.46 21.27
C LYS P 86 -22.17 -11.93 20.75
N THR P 87 -21.24 -12.83 20.43
CA THR P 87 -19.94 -12.49 19.82
C THR P 87 -19.99 -12.87 18.34
N PHE P 88 -19.29 -12.13 17.47
CA PHE P 88 -19.12 -12.45 16.03
C PHE P 88 -18.70 -13.91 15.98
N GLY P 89 -19.44 -14.74 15.23
CA GLY P 89 -19.14 -16.17 15.01
C GLY P 89 -20.06 -17.10 15.78
N GLY P 90 -20.94 -16.57 16.66
CA GLY P 90 -22.01 -17.34 17.33
C GLY P 90 -21.88 -17.36 18.84
N GLY P 91 -20.66 -17.38 19.39
CA GLY P 91 -20.36 -17.31 20.83
C GLY P 91 -21.13 -16.21 21.61
N VAL P 92 -21.20 -16.33 22.93
CA VAL P 92 -21.98 -15.39 23.79
C VAL P 92 -21.12 -14.99 24.99
N GLN P 93 -21.34 -13.77 25.49
CA GLN P 93 -20.55 -13.15 26.60
C GLN P 93 -21.48 -12.40 27.56
N ILE P 94 -21.00 -12.25 28.79
CA ILE P 94 -21.65 -11.47 29.88
C ILE P 94 -20.66 -10.35 30.23
N VAL P 95 -21.01 -9.11 29.85
CA VAL P 95 -20.29 -7.84 30.17
C VAL P 95 -20.82 -7.35 31.53
N THR P 96 -20.07 -7.55 32.61
CA THR P 96 -20.52 -7.22 33.98
C THR P 96 -19.78 -6.02 34.54
N GLN P 97 -20.26 -5.57 35.70
CA GLN P 97 -19.62 -4.51 36.52
C GLN P 97 -19.73 -4.98 37.98
N TRP P 98 -18.61 -5.27 38.64
CA TRP P 98 -18.61 -5.80 40.03
C TRP P 98 -18.28 -4.68 41.04
N SER P 99 -18.83 -4.79 42.25
CA SER P 99 -18.34 -4.12 43.48
C SER P 99 -17.88 -5.17 44.50
N LEU P 100 -16.91 -4.81 45.34
CA LEU P 100 -16.31 -5.75 46.30
C LEU P 100 -16.10 -5.02 47.62
N ALA P 101 -16.72 -5.51 48.69
CA ALA P 101 -16.78 -4.83 50.00
C ALA P 101 -16.10 -5.72 51.03
N PHE P 102 -15.09 -5.16 51.72
CA PHE P 102 -14.24 -5.86 52.71
C PHE P 102 -14.03 -4.92 53.91
N VAL P 103 -13.69 -5.52 55.05
CA VAL P 103 -13.46 -4.82 56.36
C VAL P 103 -12.00 -5.07 56.76
N GLY P 104 -11.05 -4.47 56.03
CA GLY P 104 -9.63 -4.41 56.41
C GLY P 104 -9.45 -3.66 57.72
N LYS P 105 -8.22 -3.61 58.25
CA LYS P 105 -7.93 -2.88 59.52
C LYS P 105 -8.53 -1.48 59.46
N ALA P 106 -8.15 -0.66 58.46
CA ALA P 106 -8.39 0.80 58.36
C ALA P 106 -9.83 1.12 57.90
N GLY P 107 -10.83 0.46 58.49
CA GLY P 107 -12.25 0.68 58.18
C GLY P 107 -12.67 -0.04 56.89
N GLY P 108 -13.97 -0.03 56.62
CA GLY P 108 -14.63 -0.78 55.53
C GLY P 108 -14.56 -0.02 54.21
N LYS P 109 -13.93 -0.62 53.19
CA LYS P 109 -13.74 -0.01 51.86
C LYS P 109 -14.40 -0.92 50.81
N ILE P 110 -14.73 -0.35 49.65
CA ILE P 110 -15.26 -1.06 48.46
C ILE P 110 -14.33 -0.81 47.27
N GLU P 111 -14.28 -1.77 46.33
CA GLU P 111 -13.57 -1.67 45.03
C GLU P 111 -14.57 -2.08 43.94
N THR P 112 -14.42 -1.51 42.73
CA THR P 112 -15.21 -1.82 41.52
C THR P 112 -14.26 -2.10 40.36
N GLY P 113 -14.71 -2.92 39.41
CA GLY P 113 -14.08 -3.11 38.10
C GLY P 113 -15.07 -3.70 37.10
N GLN P 114 -14.54 -4.18 35.97
CA GLN P 114 -15.30 -4.86 34.89
C GLN P 114 -14.81 -6.31 34.79
N ASN P 115 -15.72 -7.27 34.66
CA ASN P 115 -15.37 -8.65 34.18
C ASN P 115 -16.09 -8.89 32.86
N VAL P 116 -15.53 -9.74 31.99
CA VAL P 116 -16.24 -10.21 30.77
C VAL P 116 -16.10 -11.74 30.72
N PHE P 117 -17.18 -12.40 31.15
CA PHE P 117 -17.36 -13.88 31.19
C PHE P 117 -17.63 -14.32 29.75
N THR P 118 -16.97 -15.38 29.31
CA THR P 118 -17.12 -15.96 27.96
C THR P 118 -17.59 -17.41 28.14
N TYR P 119 -18.70 -17.76 27.49
CA TYR P 119 -19.32 -19.12 27.59
C TYR P 119 -18.33 -20.15 27.03
N GLN P 120 -18.09 -21.26 27.75
CA GLN P 120 -17.16 -22.35 27.33
C GLN P 120 -17.88 -23.71 27.32
N ALA P 121 -18.41 -24.11 26.15
CA ALA P 121 -19.09 -25.41 25.89
C ALA P 121 -18.18 -26.58 26.31
N ALA P 122 -18.77 -27.57 27.00
CA ALA P 122 -18.10 -28.78 27.57
C ALA P 122 -16.92 -28.34 28.44
N THR Q 2 15.34 -34.77 -57.39
CA THR Q 2 16.70 -35.33 -57.13
C THR Q 2 17.76 -34.29 -57.48
N ASP Q 3 18.03 -34.03 -58.78
CA ASP Q 3 19.22 -33.22 -59.24
C ASP Q 3 18.84 -32.11 -60.24
N PHE Q 4 19.36 -30.89 -60.04
CA PHE Q 4 19.03 -29.66 -60.80
C PHE Q 4 19.78 -29.62 -62.14
N ASP Q 5 20.78 -30.49 -62.34
CA ASP Q 5 21.62 -30.55 -63.56
C ASP Q 5 20.72 -30.73 -64.79
N SER Q 6 19.64 -31.51 -64.63
CA SER Q 6 18.69 -31.94 -65.69
C SER Q 6 17.63 -30.87 -65.97
N LEU Q 7 17.93 -29.62 -65.63
CA LEU Q 7 17.04 -28.46 -65.87
C LEU Q 7 17.76 -27.47 -66.78
N SER Q 8 18.77 -27.95 -67.51
CA SER Q 8 19.55 -27.14 -68.48
C SER Q 8 18.58 -26.58 -69.52
N GLY Q 9 18.64 -25.28 -69.76
CA GLY Q 9 17.97 -24.58 -70.87
C GLY Q 9 16.47 -24.80 -70.87
N THR Q 10 15.86 -24.80 -69.68
CA THR Q 10 14.38 -24.90 -69.48
C THR Q 10 13.94 -23.68 -68.65
N SER Q 11 12.67 -23.30 -68.78
CA SER Q 11 11.98 -22.32 -67.90
C SER Q 11 11.01 -23.11 -67.04
N THR Q 12 11.17 -23.01 -65.73
CA THR Q 12 10.40 -23.80 -64.75
C THR Q 12 9.67 -22.83 -63.82
N THR Q 13 8.38 -23.10 -63.60
CA THR Q 13 7.49 -22.31 -62.73
C THR Q 13 7.21 -23.11 -61.45
N TRP Q 14 7.49 -22.51 -60.29
CA TRP Q 14 7.33 -23.13 -58.95
C TRP Q 14 6.46 -22.24 -58.05
N VAL Q 15 5.72 -22.86 -57.14
CA VAL Q 15 4.84 -22.16 -56.15
C VAL Q 15 5.09 -22.74 -54.74
N ASN Q 16 5.09 -21.88 -53.71
CA ASN Q 16 5.28 -22.30 -52.30
C ASN Q 16 3.93 -22.40 -51.58
N GLU Q 17 3.94 -22.50 -50.24
CA GLU Q 17 2.73 -22.70 -49.38
C GLU Q 17 1.96 -21.38 -49.26
N LEU Q 18 2.64 -20.24 -49.39
CA LEU Q 18 2.04 -18.88 -49.31
C LEU Q 18 1.39 -18.51 -50.64
N GLY Q 19 1.60 -19.32 -51.69
CA GLY Q 19 1.09 -19.07 -53.05
C GLY Q 19 1.92 -18.04 -53.81
N SER Q 20 3.14 -17.73 -53.34
CA SER Q 20 4.17 -16.99 -54.12
C SER Q 20 4.66 -17.90 -55.25
N VAL Q 21 4.82 -17.34 -56.45
CA VAL Q 21 5.37 -18.09 -57.61
C VAL Q 21 6.72 -17.49 -57.99
N MET Q 22 7.68 -18.36 -58.35
CA MET Q 22 8.94 -18.03 -59.07
C MET Q 22 8.99 -18.79 -60.40
N THR Q 23 9.50 -18.11 -61.43
CA THR Q 23 9.88 -18.67 -62.76
C THR Q 23 11.41 -18.60 -62.86
N ILE Q 24 12.08 -19.75 -62.94
CA ILE Q 24 13.57 -19.85 -63.02
C ILE Q 24 14.00 -20.39 -64.39
N ASP Q 25 15.18 -19.95 -64.82
CA ASP Q 25 15.95 -20.41 -66.01
C ASP Q 25 17.34 -20.87 -65.54
N VAL Q 26 17.56 -22.19 -65.52
CA VAL Q 26 18.85 -22.86 -65.15
C VAL Q 26 19.68 -23.00 -66.42
N ASP Q 27 20.68 -22.14 -66.63
CA ASP Q 27 21.60 -22.31 -67.78
C ASP Q 27 22.44 -23.57 -67.53
N ARG Q 28 23.08 -24.09 -68.57
CA ARG Q 28 23.82 -25.37 -68.52
C ARG Q 28 24.87 -25.31 -67.39
N LYS Q 29 25.54 -24.16 -67.21
CA LYS Q 29 26.59 -23.94 -66.17
C LYS Q 29 25.98 -24.08 -64.76
N GLY Q 30 24.66 -24.27 -64.66
CA GLY Q 30 23.91 -24.40 -63.39
C GLY Q 30 23.65 -23.04 -62.75
N GLY Q 31 23.84 -21.94 -63.50
CA GLY Q 31 23.48 -20.56 -63.11
C GLY Q 31 21.99 -20.30 -63.29
N VAL Q 32 21.33 -19.79 -62.25
CA VAL Q 32 19.86 -19.54 -62.27
C VAL Q 32 19.61 -18.04 -62.40
N THR Q 33 18.58 -17.71 -63.16
CA THR Q 33 18.00 -16.36 -63.31
C THR Q 33 16.50 -16.57 -63.47
N GLY Q 34 15.71 -15.53 -63.19
CA GLY Q 34 14.24 -15.59 -63.34
C GLY Q 34 13.57 -14.43 -62.63
N TYR Q 35 12.26 -14.54 -62.42
CA TYR Q 35 11.47 -13.54 -61.68
C TYR Q 35 10.72 -14.27 -60.55
N TYR Q 36 10.38 -13.52 -59.50
CA TYR Q 36 9.60 -13.99 -58.32
C TYR Q 36 8.38 -13.08 -58.20
N VAL Q 37 7.25 -13.65 -57.80
CA VAL Q 37 6.00 -12.90 -57.48
C VAL Q 37 5.62 -13.27 -56.03
N ASN Q 38 5.33 -12.25 -55.22
CA ASN Q 38 4.99 -12.41 -53.78
C ASN Q 38 3.46 -12.45 -53.59
N ASN Q 39 2.99 -13.38 -52.75
CA ASN Q 39 1.55 -13.55 -52.36
C ASN Q 39 1.41 -13.71 -50.84
N ALA Q 40 2.49 -13.52 -50.07
CA ALA Q 40 2.56 -13.73 -48.61
C ALA Q 40 1.71 -12.67 -47.90
N PRO Q 41 0.69 -13.07 -47.12
CA PRO Q 41 -0.11 -12.10 -46.38
C PRO Q 41 0.80 -11.16 -45.58
N GLY Q 42 0.32 -9.93 -45.33
CA GLY Q 42 1.00 -8.92 -44.51
C GLY Q 42 2.46 -8.81 -44.88
N THR Q 43 2.76 -8.67 -46.16
CA THR Q 43 4.11 -8.37 -46.71
C THR Q 43 3.94 -7.40 -47.86
N GLY Q 44 5.00 -6.67 -48.22
CA GLY Q 44 4.95 -5.70 -49.33
C GLY Q 44 5.19 -6.38 -50.68
N CYS Q 45 5.41 -5.58 -51.73
CA CYS Q 45 5.98 -6.03 -53.03
C CYS Q 45 5.21 -7.27 -53.53
N ARG Q 46 3.88 -7.24 -53.46
CA ARG Q 46 2.97 -8.39 -53.74
C ARG Q 46 2.38 -8.30 -55.15
N GLY Q 47 1.99 -9.46 -55.71
CA GLY Q 47 1.53 -9.64 -57.11
C GLY Q 47 2.41 -8.92 -58.14
N LEU Q 48 3.61 -8.46 -57.78
CA LEU Q 48 4.57 -7.83 -58.72
C LEU Q 48 5.80 -8.73 -58.93
N PRO Q 49 6.32 -8.78 -60.17
CA PRO Q 49 7.51 -9.56 -60.47
C PRO Q 49 8.77 -8.88 -59.88
N TYR Q 50 9.75 -9.69 -59.50
CA TYR Q 50 11.12 -9.25 -59.07
C TYR Q 50 12.14 -10.24 -59.63
N ASP Q 51 13.32 -9.73 -60.02
CA ASP Q 51 14.47 -10.48 -60.58
C ASP Q 51 15.07 -11.32 -59.45
N LEU Q 52 15.22 -12.62 -59.69
CA LEU Q 52 15.98 -13.53 -58.79
C LEU Q 52 17.21 -14.06 -59.52
N SER Q 53 18.30 -14.21 -58.77
CA SER Q 53 19.63 -14.68 -59.23
C SER Q 53 20.20 -15.63 -58.18
N GLY Q 54 20.71 -16.79 -58.61
CA GLY Q 54 21.39 -17.75 -57.74
C GLY Q 54 22.31 -18.68 -58.50
N HIS Q 55 22.42 -19.92 -58.04
CA HIS Q 55 23.05 -21.05 -58.77
C HIS Q 55 22.31 -22.33 -58.36
N ALA Q 56 22.49 -23.43 -59.08
CA ALA Q 56 22.04 -24.79 -58.67
C ALA Q 56 23.17 -25.77 -58.97
N HIS Q 57 22.99 -27.04 -58.61
CA HIS Q 57 23.97 -28.14 -58.75
C HIS Q 57 23.53 -29.33 -57.89
N GLY Q 58 23.97 -30.55 -58.23
CA GLY Q 58 23.51 -31.78 -57.57
C GLY Q 58 22.05 -31.66 -57.19
N SER Q 59 21.75 -31.64 -55.88
CA SER Q 59 20.36 -31.63 -55.34
C SER Q 59 20.01 -30.27 -54.72
N THR Q 60 20.97 -29.33 -54.58
CA THR Q 60 20.76 -28.08 -53.79
C THR Q 60 20.77 -26.84 -54.70
N ILE Q 61 19.79 -25.97 -54.50
CA ILE Q 61 19.65 -24.65 -55.15
C ILE Q 61 19.74 -23.55 -54.08
N ALA Q 62 20.00 -22.31 -54.50
CA ALA Q 62 20.00 -21.11 -53.62
C ALA Q 62 19.92 -19.87 -54.50
N PHE Q 63 19.12 -18.86 -54.11
CA PHE Q 63 18.74 -17.72 -54.98
C PHE Q 63 18.29 -16.49 -54.17
N SER Q 64 18.81 -15.31 -54.50
CA SER Q 64 18.44 -14.01 -53.89
C SER Q 64 17.23 -13.40 -54.62
N VAL Q 65 16.74 -12.26 -54.12
CA VAL Q 65 15.65 -11.42 -54.70
C VAL Q 65 15.68 -10.10 -53.95
N VAL Q 66 16.30 -9.07 -54.52
CA VAL Q 66 16.27 -7.69 -53.96
C VAL Q 66 14.86 -7.16 -54.25
N TRP Q 67 14.16 -6.64 -53.24
CA TRP Q 67 12.74 -6.20 -53.36
C TRP Q 67 12.70 -4.76 -53.89
N SER Q 68 13.06 -4.56 -55.15
CA SER Q 68 13.03 -3.24 -55.85
C SER Q 68 12.98 -3.46 -57.37
N ASN Q 69 11.97 -2.91 -58.05
CA ASN Q 69 11.85 -2.99 -59.54
C ASN Q 69 11.37 -1.66 -60.14
N GLY Q 70 11.39 -0.55 -59.39
CA GLY Q 70 10.95 0.78 -59.84
C GLY Q 70 9.43 0.97 -59.79
N ILE Q 71 8.66 -0.06 -59.43
CA ILE Q 71 7.19 0.03 -59.20
C ILE Q 71 6.91 0.07 -57.70
N ALA Q 72 7.46 -0.88 -56.92
CA ALA Q 72 7.36 -0.98 -55.43
C ALA Q 72 8.68 -1.45 -54.81
N ASP Q 73 9.35 -0.55 -54.09
CA ASP Q 73 10.62 -0.81 -53.35
C ASP Q 73 10.26 -0.94 -51.87
N CYS Q 74 10.33 -2.16 -51.33
CA CYS Q 74 10.04 -2.48 -49.89
C CYS Q 74 11.32 -2.40 -49.05
N ARG Q 75 12.43 -1.89 -49.62
CA ARG Q 75 13.67 -1.45 -48.90
C ARG Q 75 14.35 -2.69 -48.28
N SER Q 76 14.21 -3.85 -48.91
CA SER Q 76 14.53 -5.18 -48.34
C SER Q 76 15.08 -6.13 -49.41
N ALA Q 77 15.43 -7.37 -49.03
CA ALA Q 77 15.94 -8.45 -49.90
C ALA Q 77 15.86 -9.79 -49.19
N THR Q 78 15.48 -10.84 -49.90
CA THR Q 78 15.42 -12.23 -49.40
C THR Q 78 16.39 -13.11 -50.18
N SER Q 79 17.14 -13.94 -49.47
CA SER Q 79 17.89 -15.10 -50.02
C SER Q 79 17.32 -16.40 -49.42
N TRP Q 80 17.09 -17.40 -50.28
CA TRP Q 80 16.72 -18.79 -49.95
C TRP Q 80 17.94 -19.69 -50.19
N ALA Q 81 17.96 -20.88 -49.56
CA ALA Q 81 18.93 -21.98 -49.75
C ALA Q 81 18.22 -23.28 -49.42
N GLY Q 82 18.12 -24.23 -50.35
CA GLY Q 82 17.25 -25.42 -50.20
C GLY Q 82 17.68 -26.60 -51.05
N TYR Q 83 17.06 -27.76 -50.82
CA TYR Q 83 17.41 -29.04 -51.49
C TYR Q 83 16.15 -29.61 -52.16
N ALA Q 84 16.32 -30.39 -53.23
CA ALA Q 84 15.19 -30.95 -54.01
C ALA Q 84 14.77 -32.29 -53.39
N ARG Q 85 13.61 -32.79 -53.77
CA ARG Q 85 12.95 -33.92 -53.06
C ARG Q 85 11.78 -34.39 -53.92
N LYS Q 86 11.90 -35.57 -54.51
CA LYS Q 86 10.77 -36.22 -55.24
C LYS Q 86 9.68 -36.57 -54.22
N THR Q 87 8.43 -36.46 -54.66
CA THR Q 87 7.18 -36.74 -53.92
C THR Q 87 6.49 -37.96 -54.55
N PHE Q 88 6.05 -38.90 -53.71
CA PHE Q 88 5.39 -40.18 -54.10
C PHE Q 88 4.58 -39.95 -55.37
N GLY Q 89 4.77 -40.78 -56.40
CA GLY Q 89 4.04 -40.69 -57.69
C GLY Q 89 4.68 -39.70 -58.67
N GLY Q 90 5.96 -39.35 -58.47
CA GLY Q 90 6.83 -38.76 -59.51
C GLY Q 90 7.32 -37.36 -59.19
N GLY Q 91 6.44 -36.45 -58.76
CA GLY Q 91 6.63 -34.98 -58.75
C GLY Q 91 7.74 -34.50 -57.80
N VAL Q 92 8.23 -33.29 -57.99
CA VAL Q 92 9.45 -32.74 -57.31
C VAL Q 92 9.11 -31.39 -56.63
N GLN Q 93 9.65 -31.20 -55.43
CA GLN Q 93 9.57 -29.96 -54.60
C GLN Q 93 10.98 -29.49 -54.27
N ILE Q 94 11.08 -28.28 -53.74
CA ILE Q 94 12.32 -27.68 -53.19
C ILE Q 94 11.95 -27.21 -51.79
N VAL Q 95 12.56 -27.81 -50.78
CA VAL Q 95 12.47 -27.41 -49.34
C VAL Q 95 13.57 -26.38 -49.06
N THR Q 96 13.21 -25.12 -48.81
CA THR Q 96 14.17 -24.00 -48.60
C THR Q 96 14.05 -23.38 -47.21
N GLN Q 97 15.00 -22.51 -46.89
CA GLN Q 97 15.10 -21.74 -45.65
C GLN Q 97 15.53 -20.32 -46.07
N TRP Q 98 14.57 -19.39 -46.08
CA TRP Q 98 14.81 -17.98 -46.50
C TRP Q 98 15.25 -17.11 -45.31
N SER Q 99 15.95 -16.01 -45.62
CA SER Q 99 16.33 -14.92 -44.68
C SER Q 99 16.05 -13.59 -45.38
N LEU Q 100 15.57 -12.59 -44.63
CA LEU Q 100 15.05 -11.32 -45.19
C LEU Q 100 15.59 -10.16 -44.36
N ALA Q 101 16.40 -9.31 -44.99
CA ALA Q 101 16.98 -8.11 -44.37
C ALA Q 101 16.17 -6.90 -44.84
N PHE Q 102 15.86 -5.98 -43.93
CA PHE Q 102 15.26 -4.65 -44.25
C PHE Q 102 15.88 -3.59 -43.33
N VAL Q 103 15.51 -2.31 -43.52
CA VAL Q 103 16.06 -1.13 -42.78
C VAL Q 103 14.90 -0.19 -42.41
N GLY Q 104 14.25 -0.44 -41.27
CA GLY Q 104 13.04 0.27 -40.83
C GLY Q 104 13.34 1.55 -40.08
N LYS Q 105 12.40 2.00 -39.24
CA LYS Q 105 12.57 3.15 -38.31
C LYS Q 105 13.62 2.80 -37.25
N ALA Q 106 13.66 1.53 -36.82
CA ALA Q 106 14.45 1.04 -35.67
C ALA Q 106 15.77 0.42 -36.15
N GLY Q 107 16.38 0.98 -37.20
CA GLY Q 107 17.60 0.45 -37.83
C GLY Q 107 17.34 -0.85 -38.59
N GLY Q 108 18.41 -1.65 -38.79
CA GLY Q 108 18.43 -2.89 -39.60
C GLY Q 108 17.90 -4.09 -38.81
N LYS Q 109 17.27 -5.05 -39.49
CA LYS Q 109 16.57 -6.23 -38.89
C LYS Q 109 16.64 -7.40 -39.88
N ILE Q 110 16.37 -8.62 -39.42
CA ILE Q 110 16.46 -9.85 -40.26
C ILE Q 110 15.49 -10.91 -39.73
N GLU Q 111 14.36 -11.11 -40.43
CA GLU Q 111 13.43 -12.28 -40.27
C GLU Q 111 14.03 -13.48 -41.04
N THR Q 112 13.65 -14.70 -40.65
CA THR Q 112 13.91 -15.96 -41.41
C THR Q 112 12.65 -16.84 -41.34
N GLY Q 113 12.52 -17.84 -42.22
CA GLY Q 113 11.37 -18.77 -42.27
C GLY Q 113 11.63 -19.90 -43.24
N GLN Q 114 10.64 -20.77 -43.46
CA GLN Q 114 10.75 -21.95 -44.36
C GLN Q 114 9.75 -21.79 -45.52
N ASN Q 115 10.11 -22.31 -46.69
CA ASN Q 115 9.28 -22.34 -47.91
C ASN Q 115 9.48 -23.70 -48.60
N VAL Q 116 8.39 -24.44 -48.86
CA VAL Q 116 8.40 -25.68 -49.69
C VAL Q 116 7.74 -25.37 -51.05
N PHE Q 117 8.58 -24.93 -52.00
CA PHE Q 117 8.22 -24.69 -53.42
C PHE Q 117 7.93 -26.04 -54.09
N THR Q 118 6.99 -26.06 -55.05
CA THR Q 118 6.50 -27.26 -55.78
C THR Q 118 6.60 -26.99 -57.29
N TYR Q 119 7.12 -27.95 -58.07
CA TYR Q 119 7.13 -27.90 -59.55
C TYR Q 119 5.70 -28.19 -60.03
N GLN Q 120 5.17 -27.28 -60.86
CA GLN Q 120 3.89 -27.43 -61.59
C GLN Q 120 4.21 -27.13 -63.05
N ALA Q 121 3.67 -27.95 -63.96
CA ALA Q 121 4.00 -27.99 -65.42
C ALA Q 121 4.89 -26.78 -65.81
N ALA Q 122 6.14 -27.05 -66.20
CA ALA Q 122 7.06 -26.08 -66.84
C ALA Q 122 7.21 -26.43 -68.33
N THR R 2 26.79 5.08 -46.51
CA THR R 2 25.40 5.30 -47.05
C THR R 2 24.81 3.95 -47.47
N ASP R 3 25.11 3.45 -48.67
CA ASP R 3 24.40 2.29 -49.25
C ASP R 3 25.31 1.54 -50.24
N PHE R 4 24.76 0.48 -50.85
CA PHE R 4 25.44 -0.37 -51.85
C PHE R 4 25.32 0.24 -53.26
N ASP R 5 24.59 1.33 -53.39
CA ASP R 5 24.43 2.07 -54.66
C ASP R 5 25.81 2.64 -55.06
N SER R 6 26.63 3.07 -54.08
CA SER R 6 27.99 3.63 -54.33
C SER R 6 29.05 2.54 -54.18
N LEU R 7 28.90 1.45 -54.94
CA LEU R 7 29.92 0.38 -55.13
C LEU R 7 29.91 -0.07 -56.59
N SER R 8 29.49 0.83 -57.50
CA SER R 8 29.25 0.60 -58.96
C SER R 8 30.57 0.50 -59.73
N GLY R 9 30.81 -0.63 -60.41
CA GLY R 9 31.97 -0.85 -61.30
C GLY R 9 33.31 -0.98 -60.57
N THR R 10 33.27 -1.13 -59.23
CA THR R 10 34.45 -1.36 -58.34
C THR R 10 34.46 -2.84 -57.93
N SER R 11 35.64 -3.45 -57.75
CA SER R 11 35.82 -4.82 -57.20
C SER R 11 36.29 -4.75 -55.73
N THR R 12 35.40 -5.03 -54.77
CA THR R 12 35.60 -4.85 -53.32
C THR R 12 35.80 -6.22 -52.66
N THR R 13 36.64 -6.27 -51.62
CA THR R 13 36.99 -7.50 -50.86
C THR R 13 36.39 -7.40 -49.45
N TRP R 14 35.70 -8.45 -49.00
CA TRP R 14 35.03 -8.52 -47.67
C TRP R 14 35.42 -9.83 -46.96
N VAL R 15 35.66 -9.74 -45.64
CA VAL R 15 36.07 -10.88 -44.77
C VAL R 15 35.25 -10.88 -43.48
N ASN R 16 34.67 -12.03 -43.14
CA ASN R 16 33.80 -12.21 -41.94
C ASN R 16 34.63 -12.71 -40.73
N GLU R 17 33.96 -12.96 -39.60
CA GLU R 17 34.64 -13.25 -38.31
C GLU R 17 35.30 -14.64 -38.36
N LEU R 18 34.78 -15.55 -39.19
CA LEU R 18 35.30 -16.93 -39.34
C LEU R 18 36.58 -16.95 -40.21
N GLY R 19 36.96 -15.79 -40.78
CA GLY R 19 38.16 -15.64 -41.62
C GLY R 19 37.87 -15.78 -43.11
N SER R 20 36.74 -16.41 -43.48
CA SER R 20 36.25 -16.52 -44.88
C SER R 20 36.24 -15.16 -45.58
N VAL R 21 36.69 -15.12 -46.83
CA VAL R 21 36.85 -13.89 -47.67
C VAL R 21 35.88 -13.95 -48.86
N MET R 22 35.40 -12.78 -49.32
CA MET R 22 34.64 -12.66 -50.60
C MET R 22 35.02 -11.36 -51.31
N THR R 23 35.43 -11.50 -52.58
CA THR R 23 35.70 -10.40 -53.56
C THR R 23 34.49 -10.31 -54.49
N ILE R 24 33.91 -9.11 -54.63
CA ILE R 24 32.59 -8.91 -55.29
C ILE R 24 32.68 -7.71 -56.25
N ASP R 25 32.02 -7.83 -57.41
CA ASP R 25 31.78 -6.73 -58.38
C ASP R 25 30.31 -6.36 -58.30
N VAL R 26 30.02 -5.09 -58.02
CA VAL R 26 28.66 -4.50 -58.01
C VAL R 26 28.58 -3.53 -59.19
N ASP R 27 27.84 -3.89 -60.25
CA ASP R 27 27.69 -3.02 -61.45
C ASP R 27 26.66 -1.91 -61.15
N ARG R 28 26.48 -0.99 -62.10
CA ARG R 28 25.59 0.20 -62.00
C ARG R 28 24.15 -0.24 -61.69
N LYS R 29 23.71 -1.37 -62.27
CA LYS R 29 22.33 -1.92 -62.16
C LYS R 29 22.03 -2.39 -60.73
N GLY R 30 23.03 -2.95 -60.04
CA GLY R 30 22.90 -3.52 -58.69
C GLY R 30 23.20 -5.01 -58.63
N GLY R 31 23.51 -5.65 -59.78
CA GLY R 31 23.98 -7.05 -59.85
C GLY R 31 25.32 -7.23 -59.15
N VAL R 32 25.53 -8.40 -58.50
CA VAL R 32 26.73 -8.72 -57.67
C VAL R 32 27.32 -10.08 -58.09
N THR R 33 28.53 -10.09 -58.67
CA THR R 33 29.27 -11.32 -59.06
C THR R 33 30.70 -11.29 -58.51
N GLY R 34 31.22 -12.47 -58.16
CA GLY R 34 32.61 -12.67 -57.74
C GLY R 34 32.82 -14.02 -57.07
N TYR R 35 34.00 -14.21 -56.47
CA TYR R 35 34.42 -15.47 -55.81
C TYR R 35 34.22 -15.32 -54.30
N TYR R 36 33.87 -16.43 -53.64
CA TYR R 36 33.84 -16.60 -52.17
C TYR R 36 34.90 -17.65 -51.81
N VAL R 37 35.72 -17.41 -50.78
CA VAL R 37 36.67 -18.41 -50.19
C VAL R 37 36.22 -18.75 -48.77
N ASN R 38 35.89 -20.02 -48.52
CA ASN R 38 35.48 -20.52 -47.17
C ASN R 38 36.71 -20.86 -46.32
N ASN R 39 36.76 -20.35 -45.09
CA ASN R 39 37.79 -20.62 -44.07
C ASN R 39 37.10 -21.00 -42.75
N ALA R 40 35.93 -21.64 -42.80
CA ALA R 40 35.07 -21.89 -41.63
C ALA R 40 35.42 -23.25 -41.05
N PRO R 41 35.74 -23.34 -39.73
CA PRO R 41 36.08 -24.62 -39.12
C PRO R 41 34.88 -25.59 -39.16
N GLY R 42 35.17 -26.89 -39.28
CA GLY R 42 34.19 -28.00 -39.30
C GLY R 42 33.33 -28.00 -40.56
N THR R 43 33.90 -27.52 -41.68
CA THR R 43 33.21 -27.26 -42.97
C THR R 43 34.13 -27.65 -44.15
N GLY R 44 33.55 -28.18 -45.22
CA GLY R 44 34.30 -28.53 -46.43
C GLY R 44 34.55 -27.31 -47.30
N CYS R 45 35.21 -27.51 -48.45
CA CYS R 45 35.29 -26.54 -49.59
C CYS R 45 35.98 -25.25 -49.12
N ARG R 46 37.16 -25.38 -48.52
CA ARG R 46 37.94 -24.28 -47.87
C ARG R 46 39.26 -23.99 -48.60
N GLY R 47 39.72 -22.74 -48.57
CA GLY R 47 41.01 -22.33 -49.16
C GLY R 47 40.89 -21.93 -50.63
N LEU R 48 39.86 -22.44 -51.31
CA LEU R 48 39.58 -22.27 -52.77
C LEU R 48 38.48 -21.24 -53.02
N PRO R 49 38.61 -20.37 -54.07
CA PRO R 49 37.49 -19.55 -54.54
C PRO R 49 36.30 -20.37 -55.07
N TYR R 50 35.09 -19.79 -54.94
CA TYR R 50 33.78 -20.34 -55.40
C TYR R 50 32.97 -19.19 -55.99
N ASP R 51 32.20 -19.44 -57.07
CA ASP R 51 31.39 -18.43 -57.80
C ASP R 51 30.23 -17.97 -56.91
N LEU R 52 30.15 -16.67 -56.58
CA LEU R 52 29.00 -16.07 -55.84
C LEU R 52 28.30 -15.05 -56.75
N SER R 53 26.97 -15.09 -56.76
CA SER R 53 26.06 -14.21 -57.56
C SER R 53 24.85 -13.79 -56.73
N GLY R 54 24.44 -12.52 -56.88
CA GLY R 54 23.23 -11.97 -56.24
C GLY R 54 23.05 -10.49 -56.55
N HIS R 55 22.15 -9.82 -55.82
CA HIS R 55 21.78 -8.41 -56.10
C HIS R 55 21.96 -7.55 -54.84
N ALA R 56 22.25 -6.25 -55.01
CA ALA R 56 22.21 -5.21 -53.96
C ALA R 56 21.39 -4.00 -54.44
N HIS R 57 20.50 -3.48 -53.57
CA HIS R 57 19.80 -2.16 -53.69
C HIS R 57 19.87 -1.42 -52.35
N GLY R 58 19.82 -0.08 -52.38
CA GLY R 58 20.06 0.77 -51.20
C GLY R 58 20.98 0.10 -50.20
N SER R 59 20.51 -0.13 -48.97
CA SER R 59 21.32 -0.63 -47.83
C SER R 59 20.93 -2.06 -47.44
N THR R 60 20.39 -2.85 -48.38
CA THR R 60 20.28 -4.32 -48.24
C THR R 60 20.99 -4.99 -49.43
N ILE R 61 21.24 -6.29 -49.29
CA ILE R 61 22.00 -7.15 -50.25
C ILE R 61 21.66 -8.60 -49.91
N ALA R 62 21.63 -9.44 -50.94
CA ALA R 62 21.54 -10.92 -50.81
C ALA R 62 22.45 -11.51 -51.88
N PHE R 63 23.08 -12.65 -51.58
CA PHE R 63 23.96 -13.37 -52.53
C PHE R 63 23.96 -14.86 -52.22
N SER R 64 24.10 -15.68 -53.27
CA SER R 64 24.05 -17.17 -53.25
C SER R 64 25.40 -17.72 -53.67
N VAL R 65 25.82 -18.84 -53.06
CA VAL R 65 26.99 -19.66 -53.47
C VAL R 65 26.60 -21.14 -53.52
N VAL R 66 26.87 -21.79 -54.66
CA VAL R 66 26.83 -23.27 -54.81
C VAL R 66 28.25 -23.76 -54.52
N TRP R 67 28.39 -24.75 -53.65
CA TRP R 67 29.69 -25.35 -53.25
C TRP R 67 30.12 -26.43 -54.24
N SER R 68 30.39 -26.01 -55.48
CA SER R 68 31.21 -26.74 -56.49
C SER R 68 31.93 -25.72 -57.39
N ASN R 69 33.20 -25.98 -57.72
CA ASN R 69 33.99 -25.23 -58.74
C ASN R 69 34.72 -26.22 -59.65
N GLY R 70 34.33 -27.51 -59.61
CA GLY R 70 34.97 -28.66 -60.30
C GLY R 70 35.90 -29.42 -59.37
N ILE R 71 36.84 -28.69 -58.75
CA ILE R 71 37.93 -29.17 -57.85
C ILE R 71 37.35 -29.93 -56.64
N ALA R 72 36.41 -29.30 -55.92
CA ALA R 72 35.83 -29.79 -54.65
C ALA R 72 34.33 -29.43 -54.63
N ASP R 73 33.48 -30.42 -54.38
CA ASP R 73 32.00 -30.34 -54.48
C ASP R 73 31.40 -30.97 -53.21
N CYS R 74 31.14 -30.14 -52.19
CA CYS R 74 30.66 -30.57 -50.85
C CYS R 74 29.19 -30.97 -50.95
N ARG R 75 28.59 -30.76 -52.13
CA ARG R 75 27.19 -31.14 -52.49
C ARG R 75 26.24 -30.29 -51.64
N SER R 76 26.43 -28.97 -51.69
CA SER R 76 25.70 -27.99 -50.84
C SER R 76 25.74 -26.59 -51.45
N ALA R 77 25.01 -25.67 -50.83
CA ALA R 77 24.64 -24.33 -51.34
C ALA R 77 24.25 -23.42 -50.18
N THR R 78 24.90 -22.27 -50.03
CA THR R 78 24.58 -21.25 -49.02
C THR R 78 23.75 -20.15 -49.68
N SER R 79 23.07 -19.34 -48.88
CA SER R 79 22.66 -17.97 -49.27
C SER R 79 22.78 -17.05 -48.05
N TRP R 80 23.28 -15.85 -48.27
CA TRP R 80 23.31 -14.75 -47.28
C TRP R 80 22.26 -13.72 -47.72
N ALA R 81 21.58 -13.12 -46.74
CA ALA R 81 20.78 -11.90 -46.90
C ALA R 81 21.22 -10.97 -45.77
N GLY R 82 21.54 -9.73 -46.08
CA GLY R 82 22.16 -8.82 -45.10
C GLY R 82 21.75 -7.38 -45.34
N TYR R 83 22.08 -6.51 -44.39
CA TYR R 83 21.91 -5.05 -44.48
C TYR R 83 23.25 -4.39 -44.16
N ALA R 84 23.49 -3.18 -44.65
CA ALA R 84 24.72 -2.42 -44.37
C ALA R 84 24.59 -1.78 -42.99
N ARG R 85 25.72 -1.36 -42.42
CA ARG R 85 25.79 -0.75 -41.07
C ARG R 85 27.09 0.04 -40.97
N LYS R 86 27.01 1.38 -41.04
CA LYS R 86 28.21 2.26 -41.05
C LYS R 86 29.03 1.95 -39.81
N THR R 87 30.33 2.28 -39.81
CA THR R 87 31.27 1.99 -38.70
C THR R 87 31.94 3.31 -38.27
N PHE R 88 31.25 4.09 -37.42
CA PHE R 88 31.59 5.51 -37.14
C PHE R 88 33.10 5.71 -37.34
N GLY R 89 33.44 6.59 -38.27
CA GLY R 89 34.79 6.72 -38.85
C GLY R 89 34.68 7.01 -40.34
N GLY R 90 33.88 6.20 -41.06
CA GLY R 90 33.65 6.33 -42.52
C GLY R 90 33.47 4.99 -43.23
N GLY R 91 33.92 3.88 -42.62
CA GLY R 91 33.85 2.51 -43.18
C GLY R 91 32.42 1.98 -43.26
N VAL R 92 32.26 0.66 -43.46
CA VAL R 92 30.93 -0.01 -43.60
C VAL R 92 31.05 -1.52 -43.43
N GLN R 93 29.96 -2.13 -42.98
CA GLN R 93 29.87 -3.58 -42.68
C GLN R 93 28.51 -4.11 -43.11
N ILE R 94 28.51 -5.34 -43.59
CA ILE R 94 27.32 -6.10 -44.04
C ILE R 94 27.00 -7.14 -42.96
N VAL R 95 25.94 -6.92 -42.17
CA VAL R 95 25.45 -7.86 -41.12
C VAL R 95 24.48 -8.84 -41.79
N THR R 96 24.96 -10.05 -42.09
CA THR R 96 24.26 -11.08 -42.89
C THR R 96 23.65 -12.18 -42.02
N GLN R 97 22.89 -13.05 -42.67
CA GLN R 97 22.18 -14.19 -42.04
C GLN R 97 22.11 -15.27 -43.10
N TRP R 98 22.85 -16.36 -42.91
CA TRP R 98 23.08 -17.37 -43.98
C TRP R 98 22.27 -18.63 -43.73
N SER R 99 22.21 -19.48 -44.73
CA SER R 99 21.38 -20.71 -44.78
C SER R 99 22.00 -21.68 -45.78
N LEU R 100 22.31 -22.89 -45.33
CA LEU R 100 23.23 -23.82 -46.04
C LEU R 100 22.55 -25.18 -46.16
N ALA R 101 21.79 -25.40 -47.22
CA ALA R 101 21.13 -26.68 -47.52
C ALA R 101 22.20 -27.65 -48.03
N PHE R 102 22.24 -28.87 -47.48
CA PHE R 102 23.06 -29.97 -48.03
C PHE R 102 22.24 -31.27 -48.00
N VAL R 103 22.72 -32.26 -48.73
CA VAL R 103 22.20 -33.66 -48.67
C VAL R 103 23.29 -34.52 -48.00
N GLY R 104 22.92 -35.23 -46.93
CA GLY R 104 23.70 -36.33 -46.33
C GLY R 104 23.05 -37.67 -46.68
N LYS R 105 23.43 -38.74 -45.99
CA LYS R 105 22.77 -40.07 -46.16
C LYS R 105 21.35 -40.00 -45.61
N ALA R 106 21.12 -39.19 -44.56
CA ALA R 106 19.85 -39.11 -43.78
C ALA R 106 18.76 -38.35 -44.56
N GLY R 107 19.06 -37.89 -45.79
CA GLY R 107 18.19 -37.07 -46.65
C GLY R 107 18.74 -35.67 -46.81
N GLY R 108 17.89 -34.66 -46.93
CA GLY R 108 18.29 -33.24 -46.97
C GLY R 108 18.15 -32.61 -45.60
N LYS R 109 19.07 -31.70 -45.26
CA LYS R 109 19.10 -30.95 -43.97
C LYS R 109 19.61 -29.52 -44.26
N ILE R 110 19.38 -28.56 -43.34
CA ILE R 110 19.68 -27.12 -43.58
C ILE R 110 20.14 -26.45 -42.28
N GLU R 111 21.40 -26.01 -42.23
CA GLU R 111 21.98 -25.19 -41.13
C GLU R 111 21.64 -23.72 -41.43
N THR R 112 21.73 -22.85 -40.42
CA THR R 112 21.65 -21.37 -40.56
C THR R 112 22.67 -20.73 -39.62
N GLY R 113 22.77 -19.39 -39.61
CA GLY R 113 23.71 -18.67 -38.73
C GLY R 113 23.85 -17.21 -39.13
N GLN R 114 24.88 -16.53 -38.62
CA GLN R 114 25.16 -15.10 -38.87
C GLN R 114 26.60 -14.92 -39.36
N ASN R 115 26.84 -13.98 -40.28
CA ASN R 115 28.20 -13.50 -40.61
C ASN R 115 28.18 -11.98 -40.67
N VAL R 116 29.31 -11.36 -40.38
CA VAL R 116 29.47 -9.88 -40.39
C VAL R 116 30.74 -9.60 -41.17
N PHE R 117 30.55 -9.25 -42.43
CA PHE R 117 31.63 -8.97 -43.41
C PHE R 117 32.11 -7.54 -43.18
N THR R 118 33.42 -7.36 -43.25
CA THR R 118 34.10 -6.06 -43.01
C THR R 118 34.91 -5.70 -44.24
N TYR R 119 34.73 -4.48 -44.75
CA TYR R 119 35.36 -3.96 -45.99
C TYR R 119 36.88 -3.96 -45.79
N GLN R 120 37.62 -4.58 -46.72
CA GLN R 120 39.09 -4.73 -46.68
C GLN R 120 39.71 -4.20 -47.99
N ALA R 121 39.19 -3.08 -48.49
CA ALA R 121 39.64 -2.34 -49.72
C ALA R 121 39.40 -3.19 -50.97
N ALA R 122 40.27 -3.00 -51.99
CA ALA R 122 40.40 -3.77 -53.26
C ALA R 122 40.33 -2.78 -54.44
N THR S 2 -44.92 12.08 57.50
CA THR S 2 -45.98 13.13 57.34
C THR S 2 -46.04 13.98 58.63
N ASP S 3 -46.35 13.35 59.78
CA ASP S 3 -46.86 14.01 61.01
C ASP S 3 -45.75 14.15 62.06
N PHE S 4 -45.36 15.38 62.43
CA PHE S 4 -44.28 15.69 63.42
C PHE S 4 -44.89 16.02 64.78
N ASP S 5 -46.16 16.41 64.79
CA ASP S 5 -46.90 16.90 65.99
C ASP S 5 -47.02 15.75 67.00
N SER S 6 -47.20 14.52 66.51
CA SER S 6 -47.35 13.27 67.31
C SER S 6 -46.13 13.05 68.22
N LEU S 7 -44.91 13.27 67.72
CA LEU S 7 -43.63 13.01 68.45
C LEU S 7 -43.47 13.94 69.65
N SER S 8 -44.52 14.69 70.02
CA SER S 8 -44.57 15.72 71.10
C SER S 8 -44.45 15.03 72.47
N GLY S 9 -43.33 14.34 72.71
CA GLY S 9 -43.06 13.52 73.90
C GLY S 9 -42.45 12.19 73.55
N THR S 10 -41.23 12.21 72.99
CA THR S 10 -40.34 11.05 72.68
C THR S 10 -38.90 11.54 72.54
N SER S 11 -37.95 10.62 72.35
CA SER S 11 -36.53 10.91 71.98
C SER S 11 -36.09 9.98 70.85
N THR S 12 -36.41 10.36 69.62
CA THR S 12 -36.17 9.62 68.35
C THR S 12 -34.77 9.90 67.84
N THR S 13 -34.12 8.88 67.26
CA THR S 13 -32.74 8.92 66.68
C THR S 13 -32.81 8.99 65.15
N TRP S 14 -32.14 9.98 64.57
CA TRP S 14 -32.05 10.16 63.10
C TRP S 14 -30.59 10.15 62.67
N VAL S 15 -30.31 9.46 61.56
CA VAL S 15 -28.97 9.30 60.96
C VAL S 15 -29.10 9.61 59.47
N ASN S 16 -28.14 10.35 58.89
CA ASN S 16 -28.19 10.86 57.49
C ASN S 16 -27.32 9.99 56.56
N GLU S 17 -27.08 10.48 55.34
CA GLU S 17 -26.33 9.78 54.25
C GLU S 17 -24.80 9.93 54.44
N LEU S 18 -24.34 10.77 55.38
CA LEU S 18 -22.91 10.87 55.76
C LEU S 18 -22.66 10.02 57.03
N GLY S 19 -23.64 9.22 57.47
CA GLY S 19 -23.58 8.36 58.69
C GLY S 19 -23.38 9.15 59.98
N SER S 20 -23.71 10.45 59.98
CA SER S 20 -23.85 11.34 61.16
C SER S 20 -25.14 11.00 61.89
N VAL S 21 -25.17 11.16 63.22
CA VAL S 21 -26.36 10.81 64.05
C VAL S 21 -26.84 12.06 64.80
N MET S 22 -28.15 12.10 65.00
CA MET S 22 -28.93 13.19 65.65
C MET S 22 -30.02 12.55 66.50
N THR S 23 -29.75 12.34 67.81
CA THR S 23 -30.79 11.97 68.82
C THR S 23 -31.46 13.28 69.22
N ILE S 24 -32.79 13.32 69.24
CA ILE S 24 -33.54 14.56 69.61
C ILE S 24 -34.87 14.20 70.26
N ASP S 25 -35.26 15.07 71.20
CA ASP S 25 -36.51 15.04 72.01
C ASP S 25 -37.37 16.25 71.61
N VAL S 26 -38.68 16.03 71.52
CA VAL S 26 -39.69 17.06 71.15
C VAL S 26 -40.71 17.16 72.31
N ASP S 27 -40.78 18.32 72.96
CA ASP S 27 -41.77 18.56 74.06
C ASP S 27 -43.17 18.73 73.43
N ARG S 28 -44.18 18.99 74.28
CA ARG S 28 -45.61 19.15 73.87
C ARG S 28 -45.77 20.41 73.01
N LYS S 29 -44.95 21.45 73.25
CA LYS S 29 -45.00 22.77 72.56
C LYS S 29 -44.17 22.73 71.27
N GLY S 30 -43.36 21.70 71.05
CA GLY S 30 -42.61 21.45 69.80
C GLY S 30 -41.13 21.87 69.88
N GLY S 31 -40.62 22.15 71.09
CA GLY S 31 -39.21 22.49 71.36
C GLY S 31 -38.31 21.28 71.18
N VAL S 32 -37.24 21.44 70.38
CA VAL S 32 -36.35 20.33 69.91
C VAL S 32 -34.98 20.49 70.58
N THR S 33 -34.68 19.61 71.53
CA THR S 33 -33.37 19.57 72.22
C THR S 33 -32.75 18.21 71.88
N GLY S 34 -31.43 18.15 71.82
CA GLY S 34 -30.69 16.89 71.61
C GLY S 34 -29.18 17.04 71.41
N TYR S 35 -28.56 15.91 71.05
CA TYR S 35 -27.14 15.75 70.71
C TYR S 35 -27.03 15.48 69.20
N TYR S 36 -25.96 16.01 68.58
CA TYR S 36 -25.62 15.80 67.15
C TYR S 36 -24.20 15.25 67.04
N VAL S 37 -24.05 14.12 66.34
CA VAL S 37 -22.73 13.45 66.13
C VAL S 37 -22.40 13.55 64.65
N ASN S 38 -21.25 14.15 64.35
CA ASN S 38 -20.83 14.52 62.98
C ASN S 38 -19.76 13.56 62.49
N ASN S 39 -20.17 12.51 61.77
CA ASN S 39 -19.28 11.49 61.17
C ASN S 39 -19.06 11.82 59.68
N ALA S 40 -18.93 13.10 59.33
CA ALA S 40 -18.89 13.58 57.93
C ALA S 40 -17.44 13.63 57.46
N PRO S 41 -17.08 12.93 56.34
CA PRO S 41 -15.68 12.77 55.94
C PRO S 41 -15.04 14.10 55.53
N GLY S 42 -13.75 14.26 55.89
CA GLY S 42 -12.95 15.48 55.69
C GLY S 42 -13.66 16.73 56.18
N THR S 43 -14.26 16.66 57.36
CA THR S 43 -14.98 17.77 58.06
C THR S 43 -14.75 17.65 59.57
N GLY S 44 -14.18 18.67 60.22
CA GLY S 44 -13.70 18.60 61.62
C GLY S 44 -14.78 18.19 62.63
N CYS S 45 -14.41 18.10 63.92
CA CYS S 45 -15.32 17.92 65.10
C CYS S 45 -16.10 16.61 65.00
N ARG S 46 -15.41 15.48 64.82
CA ARG S 46 -16.05 14.21 64.44
C ARG S 46 -16.16 13.28 65.65
N GLY S 47 -17.09 12.31 65.58
CA GLY S 47 -17.26 11.23 66.57
C GLY S 47 -17.83 11.73 67.88
N LEU S 48 -17.70 13.04 68.16
CA LEU S 48 -18.12 13.70 69.43
C LEU S 48 -19.55 14.20 69.29
N PRO S 49 -20.32 14.24 70.41
CA PRO S 49 -21.69 14.74 70.42
C PRO S 49 -21.71 16.23 70.79
N TYR S 50 -22.55 17.00 70.09
CA TYR S 50 -22.66 18.47 70.22
C TYR S 50 -24.09 18.86 70.58
N ASP S 51 -24.18 19.92 71.40
CA ASP S 51 -25.42 20.63 71.79
C ASP S 51 -26.19 21.04 70.53
N LEU S 52 -27.45 20.61 70.40
CA LEU S 52 -28.34 20.97 69.26
C LEU S 52 -29.68 21.45 69.82
N SER S 53 -30.14 22.60 69.36
CA SER S 53 -31.43 23.22 69.73
C SER S 53 -32.25 23.50 68.46
N GLY S 54 -33.56 23.26 68.49
CA GLY S 54 -34.45 23.59 67.35
C GLY S 54 -35.92 23.55 67.73
N HIS S 55 -36.80 23.92 66.80
CA HIS S 55 -38.28 23.84 66.93
C HIS S 55 -38.85 22.99 65.79
N ALA S 56 -39.93 22.23 66.03
CA ALA S 56 -40.55 21.28 65.07
C ALA S 56 -42.08 21.29 65.22
N HIS S 57 -42.81 21.18 64.11
CA HIS S 57 -44.27 21.38 64.02
C HIS S 57 -44.77 21.01 62.61
N GLY S 58 -45.83 20.19 62.54
CA GLY S 58 -46.51 19.83 61.28
C GLY S 58 -45.66 18.92 60.42
N SER S 59 -44.83 19.49 59.55
CA SER S 59 -43.89 18.74 58.70
C SER S 59 -42.54 19.47 58.61
N THR S 60 -42.51 20.77 58.84
CA THR S 60 -41.24 21.52 58.96
C THR S 60 -40.57 21.22 60.31
N ILE S 61 -39.28 21.57 60.40
CA ILE S 61 -38.37 21.29 61.54
C ILE S 61 -37.02 21.90 61.22
N ALA S 62 -36.68 23.04 61.83
CA ALA S 62 -35.35 23.67 61.76
C ALA S 62 -34.56 23.17 62.96
N PHE S 63 -33.26 23.45 63.04
CA PHE S 63 -32.43 23.17 64.25
C PHE S 63 -30.96 23.53 63.99
N SER S 64 -30.42 24.51 64.72
CA SER S 64 -28.98 24.88 64.69
C SER S 64 -28.13 23.88 65.50
N VAL S 65 -26.81 24.10 65.49
CA VAL S 65 -25.76 23.30 66.18
C VAL S 65 -24.43 24.03 66.05
N VAL S 66 -23.99 24.80 67.05
CA VAL S 66 -22.59 25.34 67.07
C VAL S 66 -21.61 24.19 67.37
N TRP S 67 -20.38 24.29 66.85
CA TRP S 67 -19.34 23.22 66.91
C TRP S 67 -18.29 23.59 67.95
N SER S 68 -18.73 23.66 69.21
CA SER S 68 -17.89 23.99 70.38
C SER S 68 -18.55 23.42 71.63
N ASN S 69 -18.20 22.19 72.00
CA ASN S 69 -18.79 21.49 73.17
C ASN S 69 -17.76 21.43 74.30
N GLY S 70 -16.66 22.18 74.21
CA GLY S 70 -15.60 22.27 75.24
C GLY S 70 -14.39 21.36 74.97
N ILE S 71 -14.61 20.23 74.31
CA ILE S 71 -13.60 19.16 74.06
C ILE S 71 -12.98 19.33 72.67
N ALA S 72 -13.65 20.07 71.79
CA ALA S 72 -13.22 20.27 70.39
C ALA S 72 -14.01 21.45 69.81
N ASP S 73 -13.31 22.44 69.25
CA ASP S 73 -13.94 23.66 68.67
C ASP S 73 -13.44 23.86 67.22
N CYS S 74 -14.38 23.91 66.26
CA CYS S 74 -14.12 24.04 64.79
C CYS S 74 -14.42 25.47 64.32
N ARG S 75 -14.51 26.43 65.25
CA ARG S 75 -14.78 27.88 65.00
C ARG S 75 -15.85 28.04 63.90
N SER S 76 -17.02 27.39 64.07
CA SER S 76 -18.06 27.20 63.02
C SER S 76 -19.42 26.87 63.65
N ALA S 77 -20.49 27.50 63.17
CA ALA S 77 -21.90 27.21 63.54
C ALA S 77 -22.68 26.75 62.30
N THR S 78 -23.58 25.79 62.49
CA THR S 78 -24.37 25.13 61.41
C THR S 78 -25.85 25.22 61.77
N SER S 79 -26.69 25.42 60.76
CA SER S 79 -28.18 25.41 60.86
C SER S 79 -28.77 24.42 59.86
N TRP S 80 -29.99 23.97 60.13
CA TRP S 80 -30.78 23.06 59.26
C TRP S 80 -32.22 23.58 59.16
N ALA S 81 -32.98 22.96 58.26
CA ALA S 81 -34.39 23.24 57.95
C ALA S 81 -34.80 22.20 56.92
N GLY S 82 -35.97 21.59 57.08
CA GLY S 82 -36.35 20.47 56.20
C GLY S 82 -37.77 20.05 56.47
N TYR S 83 -38.31 19.21 55.60
CA TYR S 83 -39.67 18.64 55.66
C TYR S 83 -39.56 17.14 55.91
N ALA S 84 -40.63 16.54 56.46
CA ALA S 84 -40.80 15.08 56.67
C ALA S 84 -41.08 14.41 55.33
N ARG S 85 -41.09 13.07 55.30
CA ARG S 85 -41.34 12.31 54.04
C ARG S 85 -41.52 10.83 54.38
N LYS S 86 -42.77 10.35 54.39
CA LYS S 86 -43.04 8.93 54.73
C LYS S 86 -42.40 8.08 53.63
N THR S 87 -41.86 6.93 54.04
CA THR S 87 -41.22 5.88 53.20
C THR S 87 -42.26 4.79 52.89
N PHE S 88 -41.96 3.87 51.96
CA PHE S 88 -42.79 2.67 51.69
C PHE S 88 -42.99 1.90 53.00
N GLY S 89 -44.19 1.34 53.18
CA GLY S 89 -44.69 0.68 54.42
C GLY S 89 -45.31 1.69 55.38
N GLY S 90 -44.55 2.10 56.41
CA GLY S 90 -44.93 3.06 57.45
C GLY S 90 -43.73 3.70 58.12
N GLY S 91 -42.73 4.13 57.33
CA GLY S 91 -41.46 4.70 57.84
C GLY S 91 -41.51 6.21 57.95
N VAL S 92 -40.37 6.89 57.72
CA VAL S 92 -40.24 8.38 57.70
C VAL S 92 -38.81 8.74 57.27
N GLN S 93 -38.60 10.02 56.94
CA GLN S 93 -37.30 10.63 56.53
C GLN S 93 -37.46 12.16 56.55
N ILE S 94 -36.37 12.90 56.79
CA ILE S 94 -36.37 14.39 56.78
C ILE S 94 -35.40 14.88 55.71
N VAL S 95 -35.93 15.38 54.59
CA VAL S 95 -35.14 16.01 53.49
C VAL S 95 -34.79 17.43 53.93
N THR S 96 -33.51 17.73 54.16
CA THR S 96 -33.06 19.00 54.81
C THR S 96 -31.99 19.72 53.98
N GLN S 97 -31.91 21.03 54.15
CA GLN S 97 -30.82 21.91 53.64
C GLN S 97 -30.11 22.43 54.89
N TRP S 98 -28.81 22.71 54.79
CA TRP S 98 -27.94 23.07 55.95
C TRP S 98 -27.00 24.21 55.58
N SER S 99 -27.06 25.31 56.32
CA SER S 99 -26.14 26.47 56.25
C SER S 99 -25.03 26.22 57.27
N LEU S 100 -23.77 26.55 56.94
CA LEU S 100 -22.60 26.33 57.85
C LEU S 100 -21.71 27.58 57.82
N ALA S 101 -21.89 28.48 58.80
CA ALA S 101 -21.04 29.69 58.98
C ALA S 101 -19.71 29.27 59.62
N PHE S 102 -18.63 29.94 59.21
CA PHE S 102 -17.24 29.59 59.55
C PHE S 102 -16.37 30.84 59.34
N VAL S 103 -15.67 31.26 60.40
CA VAL S 103 -14.67 32.38 60.40
C VAL S 103 -13.30 31.69 60.48
N GLY S 104 -12.48 31.85 59.43
CA GLY S 104 -11.15 31.22 59.28
C GLY S 104 -10.11 32.27 58.94
N LYS S 105 -8.83 31.87 58.87
CA LYS S 105 -7.67 32.79 58.69
C LYS S 105 -8.01 33.79 57.58
N ALA S 106 -8.63 33.35 56.48
CA ALA S 106 -9.16 34.20 55.38
C ALA S 106 -9.93 35.40 55.97
N GLY S 107 -11.13 35.18 56.51
CA GLY S 107 -12.02 36.23 57.08
C GLY S 107 -13.36 35.67 57.54
N GLY S 108 -14.42 35.85 56.73
CA GLY S 108 -15.73 35.19 56.88
C GLY S 108 -16.14 34.46 55.61
N LYS S 109 -16.65 33.22 55.73
CA LYS S 109 -17.10 32.34 54.59
C LYS S 109 -18.40 31.63 54.99
N ILE S 110 -18.95 30.80 54.10
CA ILE S 110 -20.20 30.01 54.30
C ILE S 110 -20.34 28.94 53.20
N GLU S 111 -20.73 27.71 53.56
CA GLU S 111 -21.05 26.60 52.63
C GLU S 111 -22.55 26.29 52.73
N THR S 112 -23.03 25.37 51.90
CA THR S 112 -24.46 24.94 51.80
C THR S 112 -24.49 23.47 51.39
N GLY S 113 -25.61 22.78 51.58
CA GLY S 113 -25.70 21.36 51.16
C GLY S 113 -27.01 20.73 51.55
N GLN S 114 -27.31 19.54 50.98
CA GLN S 114 -28.50 18.72 51.31
C GLN S 114 -28.14 17.79 52.47
N ASN S 115 -29.15 17.21 53.12
CA ASN S 115 -29.01 16.16 54.15
C ASN S 115 -30.34 15.40 54.20
N VAL S 116 -30.28 14.07 54.25
CA VAL S 116 -31.48 13.18 54.27
C VAL S 116 -31.34 12.20 55.44
N PHE S 117 -31.84 12.63 56.60
CA PHE S 117 -31.83 11.93 57.90
C PHE S 117 -32.93 10.87 57.91
N THR S 118 -32.66 9.70 58.49
CA THR S 118 -33.55 8.51 58.45
C THR S 118 -33.83 8.02 59.88
N TYR S 119 -35.05 7.54 60.09
CA TYR S 119 -35.60 7.06 61.38
C TYR S 119 -34.82 5.83 61.88
N GLN S 120 -34.65 5.72 63.21
CA GLN S 120 -34.22 4.50 63.96
C GLN S 120 -35.08 4.35 65.22
N ALA S 121 -36.41 4.41 65.07
CA ALA S 121 -37.44 4.59 66.14
C ALA S 121 -36.85 4.57 67.56
N ALA S 122 -36.84 5.74 68.22
CA ALA S 122 -36.62 5.94 69.68
C ALA S 122 -36.75 4.63 70.46
N THR T 2 -15.67 41.59 71.66
CA THR T 2 -17.17 41.63 71.80
C THR T 2 -17.81 40.79 70.68
N ASP T 3 -17.18 39.66 70.32
CA ASP T 3 -17.60 38.77 69.20
C ASP T 3 -18.67 37.78 69.70
N PHE T 4 -19.89 38.28 69.90
CA PHE T 4 -21.07 37.54 70.41
C PHE T 4 -20.86 37.09 71.86
N ASP T 5 -19.67 37.34 72.43
CA ASP T 5 -19.32 37.06 73.85
C ASP T 5 -19.56 38.33 74.68
N SER T 6 -20.18 39.35 74.10
CA SER T 6 -20.54 40.63 74.77
C SER T 6 -22.06 40.74 74.96
N LEU T 7 -22.81 39.72 74.52
CA LEU T 7 -24.29 39.66 74.59
C LEU T 7 -24.74 38.83 75.80
N SER T 8 -23.79 38.19 76.53
CA SER T 8 -24.07 37.34 77.73
C SER T 8 -24.96 38.09 78.73
N GLY T 9 -26.17 37.56 78.99
CA GLY T 9 -27.13 38.08 79.98
C GLY T 9 -27.54 39.52 79.71
N THR T 10 -27.50 39.93 78.44
CA THR T 10 -28.11 41.20 77.94
C THR T 10 -29.14 40.83 76.86
N SER T 11 -29.97 41.80 76.45
CA SER T 11 -30.91 41.68 75.31
C SER T 11 -30.56 42.69 74.22
N THR T 12 -30.44 42.23 72.98
CA THR T 12 -30.08 43.04 71.79
C THR T 12 -31.11 42.73 70.69
N THR T 13 -31.63 43.77 70.02
CA THR T 13 -32.66 43.69 68.95
C THR T 13 -32.04 44.08 67.59
N TRP T 14 -32.16 43.17 66.60
CA TRP T 14 -31.51 43.23 65.26
C TRP T 14 -32.56 43.31 64.16
N VAL T 15 -32.26 44.06 63.09
CA VAL T 15 -33.14 44.25 61.89
C VAL T 15 -32.35 43.94 60.62
N ASN T 16 -32.92 43.13 59.71
CA ASN T 16 -32.31 42.73 58.41
C ASN T 16 -32.80 43.69 57.32
N GLU T 17 -32.44 43.44 56.06
CA GLU T 17 -32.67 44.37 54.92
C GLU T 17 -34.18 44.49 54.63
N LEU T 18 -34.96 43.43 54.84
CA LEU T 18 -36.42 43.39 54.52
C LEU T 18 -37.24 43.99 55.66
N GLY T 19 -36.59 44.53 56.70
CA GLY T 19 -37.25 45.14 57.87
C GLY T 19 -37.94 44.12 58.78
N SER T 20 -37.56 42.84 58.74
CA SER T 20 -37.80 41.86 59.83
C SER T 20 -36.92 42.24 61.02
N VAL T 21 -37.47 42.28 62.22
CA VAL T 21 -36.67 42.53 63.47
C VAL T 21 -36.79 41.28 64.36
N MET T 22 -35.72 40.96 65.09
CA MET T 22 -35.67 39.88 66.11
C MET T 22 -35.10 40.37 67.45
N THR T 23 -35.58 39.79 68.55
CA THR T 23 -35.10 40.01 69.94
C THR T 23 -34.34 38.78 70.41
N ILE T 24 -33.07 38.95 70.84
CA ILE T 24 -32.19 37.83 71.29
C ILE T 24 -31.60 38.11 72.67
N ASP T 25 -31.93 37.23 73.63
CA ASP T 25 -31.22 37.05 74.92
C ASP T 25 -30.12 36.02 74.68
N VAL T 26 -28.87 36.35 75.02
CA VAL T 26 -27.72 35.39 75.06
C VAL T 26 -27.50 35.03 76.54
N ASP T 27 -27.48 33.73 76.86
CA ASP T 27 -27.35 33.21 78.25
C ASP T 27 -25.87 33.11 78.59
N ARG T 28 -25.60 32.86 79.88
CA ARG T 28 -24.25 32.63 80.49
C ARG T 28 -23.36 31.80 79.55
N LYS T 29 -23.86 30.63 79.10
CA LYS T 29 -23.08 29.57 78.38
C LYS T 29 -23.17 29.75 76.87
N GLY T 30 -23.87 30.78 76.37
CA GLY T 30 -24.02 31.06 74.93
C GLY T 30 -25.11 30.20 74.29
N GLY T 31 -26.38 30.53 74.56
CA GLY T 31 -27.56 29.93 73.91
C GLY T 31 -28.59 31.02 73.62
N VAL T 32 -29.20 31.02 72.43
CA VAL T 32 -30.03 32.16 71.92
C VAL T 32 -31.52 31.84 72.04
N THR T 33 -32.29 32.81 72.56
CA THR T 33 -33.76 32.73 72.81
C THR T 33 -34.38 34.13 72.63
N GLY T 34 -35.51 34.21 71.92
CA GLY T 34 -36.27 35.45 71.69
C GLY T 34 -37.30 35.32 70.57
N TYR T 35 -38.04 36.40 70.29
CA TYR T 35 -39.10 36.47 69.27
C TYR T 35 -38.55 37.06 67.96
N TYR T 36 -39.02 36.51 66.83
CA TYR T 36 -38.67 36.94 65.45
C TYR T 36 -39.92 37.51 64.79
N VAL T 37 -39.90 38.81 64.45
CA VAL T 37 -40.99 39.48 63.68
C VAL T 37 -40.55 39.47 62.22
N ASN T 38 -41.41 38.94 61.34
CA ASN T 38 -41.20 38.86 59.87
C ASN T 38 -42.12 39.86 59.16
N ASN T 39 -41.52 40.84 58.44
CA ASN T 39 -42.26 41.87 57.67
C ASN T 39 -41.87 41.84 56.19
N ALA T 40 -41.19 40.76 55.75
CA ALA T 40 -40.65 40.56 54.38
C ALA T 40 -41.78 40.37 53.37
N PRO T 41 -41.88 41.23 52.31
CA PRO T 41 -43.06 41.26 51.47
C PRO T 41 -43.07 40.02 50.57
N GLY T 42 -44.25 39.55 50.17
CA GLY T 42 -44.44 38.40 49.26
C GLY T 42 -44.08 37.10 49.95
N THR T 43 -44.42 36.98 51.23
CA THR T 43 -44.12 35.82 52.12
C THR T 43 -45.37 35.46 52.92
N GLY T 44 -45.23 34.72 54.03
CA GLY T 44 -46.30 34.48 55.02
C GLY T 44 -45.96 35.08 56.37
N CYS T 45 -46.92 35.12 57.31
CA CYS T 45 -46.74 35.48 58.74
C CYS T 45 -46.15 36.89 58.86
N ARG T 46 -47.00 37.93 58.71
CA ARG T 46 -46.54 39.33 58.55
C ARG T 46 -46.51 40.04 59.90
N GLY T 47 -45.36 40.67 60.21
CA GLY T 47 -45.13 41.58 61.36
C GLY T 47 -45.78 41.08 62.64
N LEU T 48 -45.25 40.00 63.21
CA LEU T 48 -45.92 39.25 64.32
C LEU T 48 -44.88 38.44 65.10
N PRO T 49 -44.87 38.53 66.46
CA PRO T 49 -43.97 37.72 67.30
C PRO T 49 -43.95 36.20 67.07
N TYR T 50 -42.79 35.63 66.73
CA TYR T 50 -42.58 34.17 66.52
C TYR T 50 -41.34 33.71 67.31
N ASP T 51 -41.51 32.70 68.16
CA ASP T 51 -40.44 32.22 69.09
C ASP T 51 -39.25 31.74 68.25
N LEU T 52 -38.02 31.93 68.77
CA LEU T 52 -36.76 31.41 68.16
C LEU T 52 -35.83 30.87 69.26
N SER T 53 -35.29 29.66 69.03
CA SER T 53 -34.22 29.01 69.82
C SER T 53 -32.97 28.88 68.95
N GLY T 54 -31.79 29.10 69.55
CA GLY T 54 -30.50 29.06 68.85
C GLY T 54 -29.34 28.71 69.77
N HIS T 55 -28.14 29.13 69.36
CA HIS T 55 -26.83 28.84 70.00
C HIS T 55 -25.76 29.72 69.34
N ALA T 56 -25.13 30.62 70.10
CA ALA T 56 -23.96 31.44 69.68
C ALA T 56 -22.68 30.78 70.18
N HIS T 57 -21.54 31.42 69.90
CA HIS T 57 -20.19 31.07 70.44
C HIS T 57 -19.10 31.71 69.56
N GLY T 58 -18.30 32.60 70.13
CA GLY T 58 -17.33 33.41 69.36
C GLY T 58 -18.03 34.02 68.17
N SER T 59 -17.34 34.07 67.03
CA SER T 59 -17.74 34.79 65.78
C SER T 59 -18.98 34.15 65.09
N THR T 60 -19.05 32.82 64.95
CA THR T 60 -20.17 32.14 64.25
C THR T 60 -21.39 32.04 65.18
N ILE T 61 -22.59 31.81 64.63
CA ILE T 61 -23.89 31.77 65.38
C ILE T 61 -25.00 31.29 64.44
N ALA T 62 -25.96 30.54 64.98
CA ALA T 62 -26.96 29.76 64.21
C ALA T 62 -28.27 29.64 65.00
N PHE T 63 -29.34 30.30 64.56
CA PHE T 63 -30.67 30.21 65.20
C PHE T 63 -31.66 29.61 64.21
N SER T 64 -32.93 29.51 64.62
CA SER T 64 -34.07 28.97 63.81
C SER T 64 -35.37 29.54 64.35
N VAL T 65 -36.44 29.42 63.56
CA VAL T 65 -37.78 30.02 63.81
C VAL T 65 -38.78 29.12 63.09
N VAL T 66 -39.72 28.51 63.81
CA VAL T 66 -40.87 27.81 63.20
C VAL T 66 -42.05 28.78 63.15
N TRP T 67 -42.83 28.70 62.08
CA TRP T 67 -43.89 29.67 61.71
C TRP T 67 -45.25 29.14 62.18
N SER T 68 -45.48 29.29 63.48
CA SER T 68 -46.71 28.94 64.23
C SER T 68 -46.62 29.62 65.60
N ASN T 69 -47.75 30.06 66.17
CA ASN T 69 -47.82 30.60 67.55
C ASN T 69 -49.28 30.64 68.04
N GLY T 70 -50.19 30.00 67.30
CA GLY T 70 -51.65 29.99 67.56
C GLY T 70 -52.40 31.07 66.80
N ILE T 71 -51.68 31.99 66.13
CA ILE T 71 -52.25 33.23 65.50
C ILE T 71 -52.24 33.10 63.97
N ALA T 72 -51.23 32.45 63.38
CA ALA T 72 -51.16 32.20 61.91
C ALA T 72 -50.17 31.07 61.61
N ASP T 73 -50.63 29.82 61.74
CA ASP T 73 -49.93 28.61 61.23
C ASP T 73 -49.61 28.88 59.75
N CYS T 74 -48.35 29.20 59.42
CA CYS T 74 -47.82 29.38 58.04
C CYS T 74 -47.43 28.03 57.42
N ARG T 75 -47.31 26.96 58.23
CA ARG T 75 -46.87 25.59 57.83
C ARG T 75 -45.47 25.69 57.21
N SER T 76 -44.44 26.01 58.00
CA SER T 76 -43.07 26.35 57.48
C SER T 76 -42.07 26.52 58.65
N ALA T 77 -40.77 26.47 58.34
CA ALA T 77 -39.65 26.57 59.32
C ALA T 77 -38.36 27.05 58.63
N THR T 78 -37.76 28.11 59.19
CA THR T 78 -36.52 28.75 58.70
C THR T 78 -35.41 28.54 59.74
N SER T 79 -34.14 28.71 59.33
CA SER T 79 -32.97 28.60 60.22
C SER T 79 -31.72 29.26 59.63
N TRP T 80 -31.30 30.36 60.24
CA TRP T 80 -30.18 31.21 59.79
C TRP T 80 -28.90 30.60 60.35
N ALA T 81 -27.75 31.09 59.89
CA ALA T 81 -26.41 30.73 60.36
C ALA T 81 -25.42 31.73 59.77
N GLY T 82 -24.68 32.44 60.63
CA GLY T 82 -23.82 33.56 60.17
C GLY T 82 -22.63 33.81 61.07
N TYR T 83 -21.51 34.24 60.46
CA TYR T 83 -20.34 34.85 61.14
C TYR T 83 -20.71 36.29 61.55
N ALA T 84 -19.75 37.05 62.10
CA ALA T 84 -19.93 38.47 62.48
C ALA T 84 -18.66 39.27 62.16
N ARG T 85 -18.82 40.53 61.77
CA ARG T 85 -17.71 41.44 61.37
C ARG T 85 -17.97 42.85 61.92
N LYS T 86 -16.99 43.38 62.67
CA LYS T 86 -17.07 44.73 63.27
C LYS T 86 -17.10 45.72 62.09
N THR T 87 -18.28 46.28 61.81
CA THR T 87 -18.51 47.38 60.85
C THR T 87 -17.73 48.60 61.33
N PHE T 88 -17.07 49.35 60.43
CA PHE T 88 -16.33 50.58 60.80
C PHE T 88 -17.22 51.40 61.75
N GLY T 89 -16.61 51.96 62.80
CA GLY T 89 -17.28 52.89 63.73
C GLY T 89 -17.54 52.24 65.08
N GLY T 90 -17.70 50.91 65.12
CA GLY T 90 -18.01 50.15 66.35
C GLY T 90 -19.48 49.73 66.43
N GLY T 91 -20.15 49.58 65.30
CA GLY T 91 -21.36 48.75 65.18
C GLY T 91 -20.96 47.28 65.20
N VAL T 92 -21.71 46.41 64.52
CA VAL T 92 -21.41 44.97 64.31
C VAL T 92 -22.69 44.30 63.79
N GLN T 93 -22.56 43.38 62.83
CA GLN T 93 -23.71 42.77 62.11
C GLN T 93 -23.57 41.26 62.03
N ILE T 94 -24.67 40.61 61.66
CA ILE T 94 -24.77 39.14 61.42
C ILE T 94 -24.99 38.91 59.91
N VAL T 95 -23.96 38.45 59.21
CA VAL T 95 -24.01 38.03 57.77
C VAL T 95 -24.49 36.58 57.72
N THR T 96 -25.80 36.36 57.70
CA THR T 96 -26.42 35.02 57.85
C THR T 96 -26.89 34.50 56.49
N GLN T 97 -27.17 33.21 56.39
CA GLN T 97 -27.64 32.50 55.17
C GLN T 97 -28.74 31.54 55.58
N TRP T 98 -30.00 31.94 55.46
CA TRP T 98 -31.15 31.14 55.92
C TRP T 98 -31.53 30.07 54.89
N SER T 99 -32.46 29.21 55.30
CA SER T 99 -32.96 28.06 54.53
C SER T 99 -34.36 27.72 55.06
N LEU T 100 -35.40 28.05 54.29
CA LEU T 100 -36.83 27.86 54.67
C LEU T 100 -37.35 26.55 54.07
N ALA T 101 -37.89 25.66 54.91
CA ALA T 101 -38.66 24.45 54.50
C ALA T 101 -40.15 24.76 54.69
N PHE T 102 -41.01 24.10 53.90
CA PHE T 102 -42.49 24.16 54.00
C PHE T 102 -43.12 23.10 53.07
N VAL T 103 -44.37 22.71 53.38
CA VAL T 103 -45.18 21.80 52.54
C VAL T 103 -46.03 22.67 51.59
N GLY T 104 -45.70 22.67 50.31
CA GLY T 104 -46.52 23.23 49.22
C GLY T 104 -47.57 22.23 48.76
N LYS T 105 -48.35 22.61 47.75
CA LYS T 105 -49.43 21.74 47.18
C LYS T 105 -48.78 20.42 46.72
N ALA T 106 -47.96 20.46 45.65
CA ALA T 106 -47.34 19.30 44.98
C ALA T 106 -46.07 18.90 45.75
N GLY T 107 -46.26 18.38 46.96
CA GLY T 107 -45.15 17.97 47.86
C GLY T 107 -44.43 19.17 48.44
N GLY T 108 -43.39 18.91 49.25
CA GLY T 108 -42.66 19.91 50.07
C GLY T 108 -41.44 20.44 49.36
N LYS T 109 -40.98 21.65 49.69
CA LYS T 109 -39.82 22.28 49.02
C LYS T 109 -39.01 23.11 50.02
N ILE T 110 -38.01 23.83 49.51
CA ILE T 110 -37.01 24.59 50.30
C ILE T 110 -36.52 25.76 49.44
N GLU T 111 -36.50 26.98 50.01
CA GLU T 111 -35.87 28.18 49.41
C GLU T 111 -34.65 28.51 50.28
N THR T 112 -33.76 29.39 49.82
CA THR T 112 -32.40 29.54 50.39
C THR T 112 -31.83 30.92 50.06
N GLY T 113 -32.12 31.92 50.88
CA GLY T 113 -31.66 33.30 50.64
C GLY T 113 -30.47 33.68 51.52
N GLN T 114 -30.19 34.97 51.61
CA GLN T 114 -29.21 35.58 52.56
C GLN T 114 -29.98 36.61 53.41
N ASN T 115 -29.39 37.07 54.51
CA ASN T 115 -29.92 38.15 55.39
C ASN T 115 -28.77 38.78 56.15
N VAL T 116 -28.79 40.09 56.32
CA VAL T 116 -27.75 40.79 57.13
C VAL T 116 -28.45 41.70 58.14
N PHE T 117 -28.53 41.22 59.39
CA PHE T 117 -29.15 41.91 60.55
C PHE T 117 -28.12 42.89 61.13
N THR T 118 -28.57 44.13 61.40
CA THR T 118 -27.76 45.23 61.98
C THR T 118 -28.30 45.55 63.39
N TYR T 119 -27.42 45.95 64.32
CA TYR T 119 -27.73 46.21 65.75
C TYR T 119 -28.50 47.53 65.88
N GLN T 120 -29.80 47.46 66.18
CA GLN T 120 -30.66 48.62 66.58
C GLN T 120 -30.36 48.90 68.06
N ALA T 121 -30.80 50.06 68.59
CA ALA T 121 -30.52 50.52 69.97
C ALA T 121 -31.82 51.01 70.65
N ALA T 122 -31.69 51.75 71.75
CA ALA T 122 -32.79 52.47 72.44
C ALA T 122 -32.19 53.46 73.46
#